data_1EKW
# 
_entry.id   1EKW 
# 
_audit_conform.dict_name       mmcif_pdbx.dic 
_audit_conform.dict_version    5.391 
_audit_conform.dict_location   http://mmcif.pdb.org/dictionaries/ascii/mmcif_pdbx.dic 
# 
loop_
_database_2.database_id 
_database_2.database_code 
_database_2.pdbx_database_accession 
_database_2.pdbx_DOI 
PDB   1EKW         pdb_00001ekw 10.2210/pdb1ekw/pdb 
RCSB  RCSB010688   ?            ?                   
WWPDB D_1000010688 ?            ?                   
# 
loop_
_pdbx_audit_revision_history.ordinal 
_pdbx_audit_revision_history.data_content_type 
_pdbx_audit_revision_history.major_revision 
_pdbx_audit_revision_history.minor_revision 
_pdbx_audit_revision_history.revision_date 
1 'Structure model' 1 0 2000-03-20 
2 'Structure model' 1 1 2008-04-27 
3 'Structure model' 1 2 2011-07-13 
4 'Structure model' 1 3 2011-12-28 
5 'Structure model' 1 4 2024-05-01 
# 
_pdbx_audit_revision_details.ordinal             1 
_pdbx_audit_revision_details.revision_ordinal    1 
_pdbx_audit_revision_details.data_content_type   'Structure model' 
_pdbx_audit_revision_details.provider            repository 
_pdbx_audit_revision_details.type                'Initial release' 
_pdbx_audit_revision_details.description         ? 
_pdbx_audit_revision_details.details             ? 
# 
loop_
_pdbx_audit_revision_group.ordinal 
_pdbx_audit_revision_group.revision_ordinal 
_pdbx_audit_revision_group.data_content_type 
_pdbx_audit_revision_group.group 
1 2 'Structure model' 'Version format compliance' 
2 3 'Structure model' 'Version format compliance' 
3 4 'Structure model' 'Atomic model'              
4 5 'Structure model' 'Data collection'           
5 5 'Structure model' 'Database references'       
# 
loop_
_pdbx_audit_revision_category.ordinal 
_pdbx_audit_revision_category.revision_ordinal 
_pdbx_audit_revision_category.data_content_type 
_pdbx_audit_revision_category.category 
1 5 'Structure model' chem_comp_atom 
2 5 'Structure model' chem_comp_bond 
3 5 'Structure model' database_2     
# 
loop_
_pdbx_audit_revision_item.ordinal 
_pdbx_audit_revision_item.revision_ordinal 
_pdbx_audit_revision_item.data_content_type 
_pdbx_audit_revision_item.item 
1 5 'Structure model' '_database_2.pdbx_DOI'                
2 5 'Structure model' '_database_2.pdbx_database_accession' 
# 
_database_PDB_caveat.id     1 
_database_PDB_caveat.text   
;chirally incorrect C4' of G 31 chain R
;
# 
_pdbx_database_status.status_code                     REL 
_pdbx_database_status.entry_id                        1EKW 
_pdbx_database_status.recvd_initial_deposition_date   2000-03-09 
_pdbx_database_status.deposit_site                    RCSB 
_pdbx_database_status.process_site                    RCSB 
_pdbx_database_status.SG_entry                        . 
_pdbx_database_status.status_code_sf                  ? 
_pdbx_database_status.status_code_mr                  ? 
_pdbx_database_status.status_code_cs                  ? 
_pdbx_database_status.pdb_format_compatible           Y 
_pdbx_database_status.status_code_nmr_data            ? 
_pdbx_database_status.methods_development_category    ? 
# 
loop_
_audit_author.name 
_audit_author.pdbx_ordinal 
'Thiviyanathan, V.' 1 
'Luxon, B.A.'       2 
'Leontis, N.B.'     3 
'Donne, D.'         4 
'Gorenstein, D.G.'  5 
# 
_citation.id                        primary 
_citation.title                     'Hybrid-hybrid matrix structural refinement of a DNA three-way junction from 3D NOESY-NOESY.' 
_citation.journal_abbrev            J.Biomol.NMR 
_citation.journal_volume            14 
_citation.page_first                209 
_citation.page_last                 221 
_citation.year                      1999 
_citation.journal_id_ASTM           JBNME9 
_citation.country                   NE 
_citation.journal_id_ISSN           0925-2738 
_citation.journal_id_CSD            0800 
_citation.book_publisher            ? 
_citation.pdbx_database_id_PubMed   10481274 
_citation.pdbx_database_id_DOI      10.1023/A:1008330011425 
# 
loop_
_citation_author.citation_id 
_citation_author.name 
_citation_author.ordinal 
_citation_author.identifier_ORCID 
primary 'Thiviyanathan, V.' 1 ? 
primary 'Luxon, B.A.'       2 ? 
primary 'Leontis, N.B.'     3 ? 
primary 'Illangasekare, N.' 4 ? 
primary 'Donne, D.G.'       5 ? 
primary 'Gorenstein, D.G.'  6 ? 
# 
loop_
_entity.id 
_entity.type 
_entity.src_method 
_entity.pdbx_description 
_entity.formula_weight 
_entity.pdbx_number_of_molecules 
_entity.pdbx_ec 
_entity.pdbx_mutation 
_entity.pdbx_fragment 
_entity.details 
1 polymer syn 
;DNA (5'-D(*GP*CP*TP*GP*CP*CP*AP*CP*CP*G)-3')
;
3005.969 1 ? ? ? ? 
2 polymer syn 
;DNA (5'-D(*CP*GP*GP*TP*GP*CP*GP*TP*CP*C)-3')
;
3036.979 1 ? ? ? ? 
3 polymer syn 
;DNA (5'-D(*GP*GP*AP*CP*GP*TP*CP*GP*CP*AP*GP*C)-3')
;
3688.405 1 ? ? ? ? 
# 
loop_
_entity_poly.entity_id 
_entity_poly.type 
_entity_poly.nstd_linkage 
_entity_poly.nstd_monomer 
_entity_poly.pdbx_seq_one_letter_code 
_entity_poly.pdbx_seq_one_letter_code_can 
_entity_poly.pdbx_strand_id 
_entity_poly.pdbx_target_identifier 
1 polydeoxyribonucleotide no no '(DG)(DC)(DT)(DG)(DC)(DC)(DA)(DC)(DC)(DG)'         GCTGCCACCG   X ? 
2 polydeoxyribonucleotide no no '(DC)(DG)(DG)(DT)(DG)(DC)(DG)(DT)(DC)(DC)'         CGGTGCGTCC   H ? 
3 polydeoxyribonucleotide no no '(DG)(DG)(DA)(DC)(DG)(DT)(DC)(DG)(DC)(DA)(DG)(DC)' GGACGTCGCAGC R ? 
# 
loop_
_entity_poly_seq.entity_id 
_entity_poly_seq.num 
_entity_poly_seq.mon_id 
_entity_poly_seq.hetero 
1 1  DG n 
1 2  DC n 
1 3  DT n 
1 4  DG n 
1 5  DC n 
1 6  DC n 
1 7  DA n 
1 8  DC n 
1 9  DC n 
1 10 DG n 
2 1  DC n 
2 2  DG n 
2 3  DG n 
2 4  DT n 
2 5  DG n 
2 6  DC n 
2 7  DG n 
2 8  DT n 
2 9  DC n 
2 10 DC n 
3 1  DG n 
3 2  DG n 
3 3  DA n 
3 4  DC n 
3 5  DG n 
3 6  DT n 
3 7  DC n 
3 8  DG n 
3 9  DC n 
3 10 DA n 
3 11 DG n 
3 12 DC n 
# 
loop_
_chem_comp.id 
_chem_comp.type 
_chem_comp.mon_nstd_flag 
_chem_comp.name 
_chem_comp.pdbx_synonyms 
_chem_comp.formula 
_chem_comp.formula_weight 
DA 'DNA linking' y "2'-DEOXYADENOSINE-5'-MONOPHOSPHATE" ? 'C10 H14 N5 O6 P' 331.222 
DC 'DNA linking' y "2'-DEOXYCYTIDINE-5'-MONOPHOSPHATE"  ? 'C9 H14 N3 O7 P'  307.197 
DG 'DNA linking' y "2'-DEOXYGUANOSINE-5'-MONOPHOSPHATE" ? 'C10 H14 N5 O7 P' 347.221 
DT 'DNA linking' y "THYMIDINE-5'-MONOPHOSPHATE"         ? 'C10 H15 N2 O8 P' 322.208 
# 
loop_
_pdbx_poly_seq_scheme.asym_id 
_pdbx_poly_seq_scheme.entity_id 
_pdbx_poly_seq_scheme.seq_id 
_pdbx_poly_seq_scheme.mon_id 
_pdbx_poly_seq_scheme.ndb_seq_num 
_pdbx_poly_seq_scheme.pdb_seq_num 
_pdbx_poly_seq_scheme.auth_seq_num 
_pdbx_poly_seq_scheme.pdb_mon_id 
_pdbx_poly_seq_scheme.auth_mon_id 
_pdbx_poly_seq_scheme.pdb_strand_id 
_pdbx_poly_seq_scheme.pdb_ins_code 
_pdbx_poly_seq_scheme.hetero 
A 1 1  DG 1  1  1  DG G X . n 
A 1 2  DC 2  2  2  DC C X . n 
A 1 3  DT 3  3  3  DT T X . n 
A 1 4  DG 4  4  4  DG G X . n 
A 1 5  DC 5  5  5  DC C X . n 
A 1 6  DC 6  6  6  DC C X . n 
A 1 7  DA 7  7  7  DA A X . n 
A 1 8  DC 8  8  8  DC C X . n 
A 1 9  DC 9  9  9  DC C X . n 
A 1 10 DG 10 10 10 DG G X . n 
B 2 1  DC 1  11 11 DC C H . n 
B 2 2  DG 2  12 12 DG G H . n 
B 2 3  DG 3  13 13 DG G H . n 
B 2 4  DT 4  14 14 DT T H . n 
B 2 5  DG 5  15 15 DG G H . n 
B 2 6  DC 6  16 16 DC C H . n 
B 2 7  DG 7  17 17 DG G H . n 
B 2 8  DT 8  18 18 DT T H . n 
B 2 9  DC 9  19 19 DC C H . n 
B 2 10 DC 10 20 20 DC C H . n 
C 3 1  DG 1  21 21 DG G R . n 
C 3 2  DG 2  22 22 DG G R . n 
C 3 3  DA 3  23 23 DA A R . n 
C 3 4  DC 4  24 24 DC C R . n 
C 3 5  DG 5  25 25 DG G R . n 
C 3 6  DT 6  26 26 DT T R . n 
C 3 7  DC 7  27 27 DC C R . n 
C 3 8  DG 8  28 28 DG G R . n 
C 3 9  DC 9  29 29 DC C R . n 
C 3 10 DA 10 30 30 DA A R . n 
C 3 11 DG 11 31 31 DG G R . n 
C 3 12 DC 12 32 32 DC C R . n 
# 
_cell.entry_id           1EKW 
_cell.length_a           1.000 
_cell.length_b           1.000 
_cell.length_c           1.000 
_cell.angle_alpha        90.00 
_cell.angle_beta         90.00 
_cell.angle_gamma        90.00 
_cell.Z_PDB              1 
_cell.pdbx_unique_axis   ? 
# 
_symmetry.entry_id                         1EKW 
_symmetry.space_group_name_H-M             'P 1' 
_symmetry.pdbx_full_space_group_name_H-M   ? 
_symmetry.cell_setting                     ? 
_symmetry.Int_Tables_number                1 
# 
_exptl.entry_id          1EKW 
_exptl.method            'SOLUTION NMR' 
_exptl.crystals_number   ? 
# 
_struct.entry_id                  1EKW 
_struct.title                     'NMR STRUCTURE OF A DNA THREE-WAY JUNCTION' 
_struct.pdbx_model_details        ? 
_struct.pdbx_CASP_flag            ? 
_struct.pdbx_model_type_details   'minimized average' 
# 
_struct_keywords.entry_id        1EKW 
_struct_keywords.pdbx_keywords   DNA 
_struct_keywords.text            'Three-Way-Junction, Unpaired bases, DNA' 
# 
loop_
_struct_asym.id 
_struct_asym.pdbx_blank_PDB_chainid_flag 
_struct_asym.pdbx_modified 
_struct_asym.entity_id 
_struct_asym.details 
A N N 1 ? 
B N N 2 ? 
C N N 3 ? 
# 
loop_
_struct_ref.id 
_struct_ref.entity_id 
_struct_ref.db_name 
_struct_ref.db_code 
_struct_ref.pdbx_db_accession 
_struct_ref.pdbx_align_begin 
_struct_ref.pdbx_seq_one_letter_code 
_struct_ref.pdbx_db_isoform 
1 1 PDB 1EKW 1EKW ? ? ? 
2 2 PDB 1EKW 1EKW ? ? ? 
3 3 PDB 1EKW 1EKW ? ? ? 
# 
loop_
_struct_ref_seq.align_id 
_struct_ref_seq.ref_id 
_struct_ref_seq.pdbx_PDB_id_code 
_struct_ref_seq.pdbx_strand_id 
_struct_ref_seq.seq_align_beg 
_struct_ref_seq.pdbx_seq_align_beg_ins_code 
_struct_ref_seq.seq_align_end 
_struct_ref_seq.pdbx_seq_align_end_ins_code 
_struct_ref_seq.pdbx_db_accession 
_struct_ref_seq.db_align_beg 
_struct_ref_seq.pdbx_db_align_beg_ins_code 
_struct_ref_seq.db_align_end 
_struct_ref_seq.pdbx_db_align_end_ins_code 
_struct_ref_seq.pdbx_auth_seq_align_beg 
_struct_ref_seq.pdbx_auth_seq_align_end 
1 1 1EKW X 1 ? 10 ? 1EKW 1  ? 10 ? 1  10 
2 2 1EKW H 1 ? 10 ? 1EKW 11 ? 20 ? 11 20 
3 3 1EKW R 1 ? 12 ? 1EKW 21 ? 32 ? 21 32 
# 
_pdbx_struct_assembly.id                   1 
_pdbx_struct_assembly.details              author_defined_assembly 
_pdbx_struct_assembly.method_details       ? 
_pdbx_struct_assembly.oligomeric_details   trimeric 
_pdbx_struct_assembly.oligomeric_count     3 
# 
_pdbx_struct_assembly_gen.assembly_id       1 
_pdbx_struct_assembly_gen.oper_expression   1 
_pdbx_struct_assembly_gen.asym_id_list      A,B,C 
# 
_pdbx_struct_oper_list.id                   1 
_pdbx_struct_oper_list.type                 'identity operation' 
_pdbx_struct_oper_list.name                 1_555 
_pdbx_struct_oper_list.symmetry_operation   x,y,z 
_pdbx_struct_oper_list.matrix[1][1]         1.0000000000 
_pdbx_struct_oper_list.matrix[1][2]         0.0000000000 
_pdbx_struct_oper_list.matrix[1][3]         0.0000000000 
_pdbx_struct_oper_list.vector[1]            0.0000000000 
_pdbx_struct_oper_list.matrix[2][1]         0.0000000000 
_pdbx_struct_oper_list.matrix[2][2]         1.0000000000 
_pdbx_struct_oper_list.matrix[2][3]         0.0000000000 
_pdbx_struct_oper_list.vector[2]            0.0000000000 
_pdbx_struct_oper_list.matrix[3][1]         0.0000000000 
_pdbx_struct_oper_list.matrix[3][2]         0.0000000000 
_pdbx_struct_oper_list.matrix[3][3]         1.0000000000 
_pdbx_struct_oper_list.vector[3]            0.0000000000 
# 
_struct_biol.id        1 
_struct_biol.details   ? 
# 
loop_
_struct_conn.id 
_struct_conn.conn_type_id 
_struct_conn.pdbx_leaving_atom_flag 
_struct_conn.pdbx_PDB_id 
_struct_conn.ptnr1_label_asym_id 
_struct_conn.ptnr1_label_comp_id 
_struct_conn.ptnr1_label_seq_id 
_struct_conn.ptnr1_label_atom_id 
_struct_conn.pdbx_ptnr1_label_alt_id 
_struct_conn.pdbx_ptnr1_PDB_ins_code 
_struct_conn.pdbx_ptnr1_standard_comp_id 
_struct_conn.ptnr1_symmetry 
_struct_conn.ptnr2_label_asym_id 
_struct_conn.ptnr2_label_comp_id 
_struct_conn.ptnr2_label_seq_id 
_struct_conn.ptnr2_label_atom_id 
_struct_conn.pdbx_ptnr2_label_alt_id 
_struct_conn.pdbx_ptnr2_PDB_ins_code 
_struct_conn.ptnr1_auth_asym_id 
_struct_conn.ptnr1_auth_comp_id 
_struct_conn.ptnr1_auth_seq_id 
_struct_conn.ptnr2_auth_asym_id 
_struct_conn.ptnr2_auth_comp_id 
_struct_conn.ptnr2_auth_seq_id 
_struct_conn.ptnr2_symmetry 
_struct_conn.pdbx_ptnr3_label_atom_id 
_struct_conn.pdbx_ptnr3_label_seq_id 
_struct_conn.pdbx_ptnr3_label_comp_id 
_struct_conn.pdbx_ptnr3_label_asym_id 
_struct_conn.pdbx_ptnr3_label_alt_id 
_struct_conn.pdbx_ptnr3_PDB_ins_code 
_struct_conn.details 
_struct_conn.pdbx_dist_value 
_struct_conn.pdbx_value_order 
_struct_conn.pdbx_role 
hydrog1  hydrog ? ? A DG 1  N1 ? ? ? 1_555 C DC 12 N3 ? ? X DG 1  R DC 32 1_555 ? ? ? ? ? ? WATSON-CRICK    ? ? ? 
hydrog2  hydrog ? ? A DG 1  N2 ? ? ? 1_555 C DC 12 O2 ? ? X DG 1  R DC 32 1_555 ? ? ? ? ? ? WATSON-CRICK    ? ? ? 
hydrog3  hydrog ? ? A DG 1  O6 ? ? ? 1_555 C DC 12 N4 ? ? X DG 1  R DC 32 1_555 ? ? ? ? ? ? WATSON-CRICK    ? ? ? 
hydrog4  hydrog ? ? A DC 2  N3 ? ? ? 1_555 C DG 11 N1 ? ? X DC 2  R DG 31 1_555 ? ? ? ? ? ? WATSON-CRICK    ? ? ? 
hydrog5  hydrog ? ? A DC 2  N4 ? ? ? 1_555 C DG 11 O6 ? ? X DC 2  R DG 31 1_555 ? ? ? ? ? ? WATSON-CRICK    ? ? ? 
hydrog6  hydrog ? ? A DC 2  O2 ? ? ? 1_555 C DG 11 N2 ? ? X DC 2  R DG 31 1_555 ? ? ? ? ? ? WATSON-CRICK    ? ? ? 
hydrog7  hydrog ? ? A DT 3  N3 ? ? ? 1_555 C DA 10 N1 ? ? X DT 3  R DA 30 1_555 ? ? ? ? ? ? WATSON-CRICK    ? ? ? 
hydrog8  hydrog ? ? A DT 3  O4 ? ? ? 1_555 C DA 10 N6 ? ? X DT 3  R DA 30 1_555 ? ? ? ? ? ? WATSON-CRICK    ? ? ? 
hydrog9  hydrog ? ? A DG 4  N1 ? ? ? 1_555 C DC 9  N3 ? ? X DG 4  R DC 29 1_555 ? ? ? ? ? ? WATSON-CRICK    ? ? ? 
hydrog10 hydrog ? ? A DG 4  N2 ? ? ? 1_555 C DC 9  O2 ? ? X DG 4  R DC 29 1_555 ? ? ? ? ? ? WATSON-CRICK    ? ? ? 
hydrog11 hydrog ? ? A DG 4  O6 ? ? ? 1_555 C DC 9  N4 ? ? X DG 4  R DC 29 1_555 ? ? ? ? ? ? WATSON-CRICK    ? ? ? 
hydrog12 hydrog ? ? A DC 5  O2 ? ? ? 1_555 B DG 5  N1 ? ? X DC 5  H DG 15 1_555 ? ? ? ? ? ? 'DC-DG PAIR'    ? ? ? 
hydrog13 hydrog ? ? A DC 5  O2 ? ? ? 1_555 C DG 8  N2 ? ? X DC 5  R DG 28 1_555 ? ? ? ? ? ? 'DC-DG PAIR'    ? ? ? 
hydrog14 hydrog ? ? A DC 6  N4 ? ? ? 1_555 B DT 4  O4 ? ? X DC 6  H DT 14 1_555 ? ? ? ? ? ? 'DC-DT MISPAIR' ? ? ? 
hydrog15 hydrog ? ? A DC 6  N3 ? ? ? 1_555 B DG 5  N1 ? ? X DC 6  H DG 15 1_555 ? ? ? ? ? ? WATSON-CRICK    ? ? ? 
hydrog16 hydrog ? ? A DC 6  N4 ? ? ? 1_555 B DG 5  O6 ? ? X DC 6  H DG 15 1_555 ? ? ? ? ? ? WATSON-CRICK    ? ? ? 
hydrog17 hydrog ? ? A DC 6  O2 ? ? ? 1_555 B DG 5  N2 ? ? X DC 6  H DG 15 1_555 ? ? ? ? ? ? WATSON-CRICK    ? ? ? 
hydrog18 hydrog ? ? A DA 7  N1 ? ? ? 1_555 B DT 4  N3 ? ? X DA 7  H DT 14 1_555 ? ? ? ? ? ? WATSON-CRICK    ? ? ? 
hydrog19 hydrog ? ? A DA 7  N6 ? ? ? 1_555 B DT 4  O4 ? ? X DA 7  H DT 14 1_555 ? ? ? ? ? ? WATSON-CRICK    ? ? ? 
hydrog20 hydrog ? ? A DC 8  N3 ? ? ? 1_555 B DG 3  N1 ? ? X DC 8  H DG 13 1_555 ? ? ? ? ? ? WATSON-CRICK    ? ? ? 
hydrog21 hydrog ? ? A DC 8  N4 ? ? ? 1_555 B DG 3  O6 ? ? X DC 8  H DG 13 1_555 ? ? ? ? ? ? WATSON-CRICK    ? ? ? 
hydrog22 hydrog ? ? A DC 8  O2 ? ? ? 1_555 B DG 3  N2 ? ? X DC 8  H DG 13 1_555 ? ? ? ? ? ? WATSON-CRICK    ? ? ? 
hydrog23 hydrog ? ? A DC 9  N3 ? ? ? 1_555 B DG 2  N1 ? ? X DC 9  H DG 12 1_555 ? ? ? ? ? ? WATSON-CRICK    ? ? ? 
hydrog24 hydrog ? ? A DC 9  N4 ? ? ? 1_555 B DG 2  O6 ? ? X DC 9  H DG 12 1_555 ? ? ? ? ? ? WATSON-CRICK    ? ? ? 
hydrog25 hydrog ? ? A DC 9  O2 ? ? ? 1_555 B DG 2  N2 ? ? X DC 9  H DG 12 1_555 ? ? ? ? ? ? WATSON-CRICK    ? ? ? 
hydrog26 hydrog ? ? A DG 10 N1 ? ? ? 1_555 B DC 1  N3 ? ? X DG 10 H DC 11 1_555 ? ? ? ? ? ? WATSON-CRICK    ? ? ? 
hydrog27 hydrog ? ? A DG 10 N2 ? ? ? 1_555 B DC 1  O2 ? ? X DG 10 H DC 11 1_555 ? ? ? ? ? ? WATSON-CRICK    ? ? ? 
hydrog28 hydrog ? ? A DG 10 O6 ? ? ? 1_555 B DC 1  N4 ? ? X DG 10 H DC 11 1_555 ? ? ? ? ? ? WATSON-CRICK    ? ? ? 
hydrog29 hydrog ? ? B DC 6  N3 ? ? ? 1_555 C DG 5  N1 ? ? H DC 16 R DG 25 1_555 ? ? ? ? ? ? WATSON-CRICK    ? ? ? 
hydrog30 hydrog ? ? B DC 6  N4 ? ? ? 1_555 C DG 5  O6 ? ? H DC 16 R DG 25 1_555 ? ? ? ? ? ? WATSON-CRICK    ? ? ? 
hydrog31 hydrog ? ? B DC 6  O2 ? ? ? 1_555 C DG 5  N2 ? ? H DC 16 R DG 25 1_555 ? ? ? ? ? ? WATSON-CRICK    ? ? ? 
hydrog32 hydrog ? ? B DG 7  N1 ? ? ? 1_555 C DC 4  N3 ? ? H DG 17 R DC 24 1_555 ? ? ? ? ? ? WATSON-CRICK    ? ? ? 
hydrog33 hydrog ? ? B DG 7  N2 ? ? ? 1_555 C DC 4  O2 ? ? H DG 17 R DC 24 1_555 ? ? ? ? ? ? WATSON-CRICK    ? ? ? 
hydrog34 hydrog ? ? B DG 7  O6 ? ? ? 1_555 C DC 4  N4 ? ? H DG 17 R DC 24 1_555 ? ? ? ? ? ? WATSON-CRICK    ? ? ? 
hydrog35 hydrog ? ? B DT 8  N3 ? ? ? 1_555 C DA 3  N1 ? ? H DT 18 R DA 23 1_555 ? ? ? ? ? ? WATSON-CRICK    ? ? ? 
hydrog36 hydrog ? ? B DT 8  O4 ? ? ? 1_555 C DA 3  N6 ? ? H DT 18 R DA 23 1_555 ? ? ? ? ? ? WATSON-CRICK    ? ? ? 
hydrog37 hydrog ? ? B DC 9  N3 ? ? ? 1_555 C DG 2  N1 ? ? H DC 19 R DG 22 1_555 ? ? ? ? ? ? WATSON-CRICK    ? ? ? 
hydrog38 hydrog ? ? B DC 9  N4 ? ? ? 1_555 C DG 2  O6 ? ? H DC 19 R DG 22 1_555 ? ? ? ? ? ? WATSON-CRICK    ? ? ? 
hydrog39 hydrog ? ? B DC 9  O2 ? ? ? 1_555 C DG 2  N2 ? ? H DC 19 R DG 22 1_555 ? ? ? ? ? ? WATSON-CRICK    ? ? ? 
hydrog40 hydrog ? ? B DC 10 N3 ? ? ? 1_555 C DG 1  N1 ? ? H DC 20 R DG 21 1_555 ? ? ? ? ? ? WATSON-CRICK    ? ? ? 
hydrog41 hydrog ? ? B DC 10 N4 ? ? ? 1_555 C DG 1  O6 ? ? H DC 20 R DG 21 1_555 ? ? ? ? ? ? WATSON-CRICK    ? ? ? 
hydrog42 hydrog ? ? B DC 10 O2 ? ? ? 1_555 C DG 1  N2 ? ? H DC 20 R DG 21 1_555 ? ? ? ? ? ? WATSON-CRICK    ? ? ? 
# 
_struct_conn_type.id          hydrog 
_struct_conn_type.criteria    ? 
_struct_conn_type.reference   ? 
# 
_pdbx_validate_rmsd_bond.id                        1 
_pdbx_validate_rmsd_bond.PDB_model_num             1 
_pdbx_validate_rmsd_bond.auth_atom_id_1            C6 
_pdbx_validate_rmsd_bond.auth_asym_id_1            X 
_pdbx_validate_rmsd_bond.auth_comp_id_1            DT 
_pdbx_validate_rmsd_bond.auth_seq_id_1             3 
_pdbx_validate_rmsd_bond.PDB_ins_code_1            ? 
_pdbx_validate_rmsd_bond.label_alt_id_1            ? 
_pdbx_validate_rmsd_bond.auth_atom_id_2            N1 
_pdbx_validate_rmsd_bond.auth_asym_id_2            X 
_pdbx_validate_rmsd_bond.auth_comp_id_2            DT 
_pdbx_validate_rmsd_bond.auth_seq_id_2             3 
_pdbx_validate_rmsd_bond.PDB_ins_code_2            ? 
_pdbx_validate_rmsd_bond.label_alt_id_2            ? 
_pdbx_validate_rmsd_bond.bond_value                1.334 
_pdbx_validate_rmsd_bond.bond_target_value         1.378 
_pdbx_validate_rmsd_bond.bond_deviation            -0.044 
_pdbx_validate_rmsd_bond.bond_standard_deviation   0.007 
_pdbx_validate_rmsd_bond.linker_flag               N 
# 
loop_
_pdbx_validate_rmsd_angle.id 
_pdbx_validate_rmsd_angle.PDB_model_num 
_pdbx_validate_rmsd_angle.auth_atom_id_1 
_pdbx_validate_rmsd_angle.auth_asym_id_1 
_pdbx_validate_rmsd_angle.auth_comp_id_1 
_pdbx_validate_rmsd_angle.auth_seq_id_1 
_pdbx_validate_rmsd_angle.PDB_ins_code_1 
_pdbx_validate_rmsd_angle.label_alt_id_1 
_pdbx_validate_rmsd_angle.auth_atom_id_2 
_pdbx_validate_rmsd_angle.auth_asym_id_2 
_pdbx_validate_rmsd_angle.auth_comp_id_2 
_pdbx_validate_rmsd_angle.auth_seq_id_2 
_pdbx_validate_rmsd_angle.PDB_ins_code_2 
_pdbx_validate_rmsd_angle.label_alt_id_2 
_pdbx_validate_rmsd_angle.auth_atom_id_3 
_pdbx_validate_rmsd_angle.auth_asym_id_3 
_pdbx_validate_rmsd_angle.auth_comp_id_3 
_pdbx_validate_rmsd_angle.auth_seq_id_3 
_pdbx_validate_rmsd_angle.PDB_ins_code_3 
_pdbx_validate_rmsd_angle.label_alt_id_3 
_pdbx_validate_rmsd_angle.angle_value 
_pdbx_validate_rmsd_angle.angle_target_value 
_pdbx_validate_rmsd_angle.angle_deviation 
_pdbx_validate_rmsd_angle.angle_standard_deviation 
_pdbx_validate_rmsd_angle.linker_flag 
1  1 "O4'" X DC 2  ? ? "C1'" X DC 2  ? ? N1    X DC 2  ? ? 110.22 108.30 1.92  0.30 N 
2  1 "O4'" X DT 3  ? ? "C4'" X DT 3  ? ? "C3'" X DT 3  ? ? 112.77 106.00 6.77  0.60 N 
3  1 "C4'" X DT 3  ? ? "C3'" X DT 3  ? ? "C2'" X DT 3  ? ? 96.49  102.20 -5.71 0.70 N 
4  1 C4    X DT 3  ? ? C5    X DT 3  ? ? C7    X DT 3  ? ? 123.77 119.00 4.77  0.60 N 
5  1 C6    X DT 3  ? ? C5    X DT 3  ? ? C7    X DT 3  ? ? 113.23 122.90 -9.67 0.60 N 
6  1 C6    X DT 3  ? ? N1    X DT 3  ? ? "C1'" X DT 3  ? ? 110.50 120.40 -9.90 1.50 N 
7  1 "O4'" X DG 4  ? ? "C1'" X DG 4  ? ? N9    X DG 4  ? ? 117.73 108.30 9.43  0.30 N 
8  1 "C4'" X DC 6  ? ? "C3'" X DC 6  ? ? "C2'" X DC 6  ? ? 94.26  102.20 -7.94 0.70 N 
9  1 "O4'" X DC 6  ? ? "C1'" X DC 6  ? ? N1    X DC 6  ? ? 112.79 108.30 4.49  0.30 N 
10 1 "O4'" X DA 7  ? ? "C1'" X DA 7  ? ? N9    X DA 7  ? ? 110.49 108.30 2.19  0.30 N 
11 1 "O4'" X DC 8  ? ? "C1'" X DC 8  ? ? N1    X DC 8  ? ? 112.06 108.30 3.76  0.30 N 
12 1 "O4'" X DC 9  ? ? "C1'" X DC 9  ? ? N1    X DC 9  ? ? 112.84 108.30 4.54  0.30 N 
13 1 C6    X DC 9  ? ? N1    X DC 9  ? ? "C1'" X DC 9  ? ? 113.25 120.80 -7.55 1.20 N 
14 1 "O4'" X DG 10 ? ? "C1'" X DG 10 ? ? N9    X DG 10 ? ? 111.01 108.30 2.71  0.30 N 
15 1 "O4'" H DC 11 ? ? "C1'" H DC 11 ? ? N1    H DC 11 ? ? 112.34 108.30 4.04  0.30 N 
16 1 "O4'" H DG 12 ? ? "C1'" H DG 12 ? ? N9    H DG 12 ? ? 110.73 108.30 2.43  0.30 N 
17 1 "C4'" H DG 13 ? ? "C3'" H DG 13 ? ? "C2'" H DG 13 ? ? 96.96  102.20 -5.24 0.70 N 
18 1 "O4'" H DG 13 ? ? "C1'" H DG 13 ? ? N9    H DG 13 ? ? 114.15 108.30 5.85  0.30 N 
19 1 "O4'" H DC 16 ? ? "C4'" H DC 16 ? ? "C3'" H DC 16 ? ? 110.68 106.00 4.68  0.60 N 
20 1 N1    H DC 16 ? ? C2    H DC 16 ? ? O2    H DC 16 ? ? 122.67 118.90 3.77  0.60 N 
21 1 N7    H DG 17 ? ? C8    H DG 17 ? ? N9    H DG 17 ? ? 116.28 113.10 3.18  0.50 N 
22 1 "O4'" H DT 18 ? ? "C1'" H DT 18 ? ? N1    H DT 18 ? ? 111.55 108.30 3.25  0.30 N 
23 1 N1    H DC 19 ? ? C2    H DC 19 ? ? O2    H DC 19 ? ? 122.70 118.90 3.80  0.60 N 
24 1 "O4'" H DC 20 ? ? "C1'" H DC 20 ? ? N1    H DC 20 ? ? 110.52 108.30 2.22  0.30 N 
25 1 "O4'" R DG 22 ? ? "C1'" R DG 22 ? ? N9    R DG 22 ? ? 110.96 108.30 2.66  0.30 N 
26 1 "O4'" R DC 24 ? ? "C1'" R DC 24 ? ? "C2'" R DC 24 ? ? 100.59 105.90 -5.31 0.80 N 
27 1 "O4'" R DC 24 ? ? "C1'" R DC 24 ? ? N1    R DC 24 ? ? 112.17 108.30 3.87  0.30 N 
28 1 N1    R DC 24 ? ? C2    R DC 24 ? ? O2    R DC 24 ? ? 122.90 118.90 4.00  0.60 N 
29 1 "O4'" R DG 25 ? ? "C1'" R DG 25 ? ? "C2'" R DG 25 ? ? 100.95 105.90 -4.95 0.80 N 
30 1 "O4'" R DG 25 ? ? "C1'" R DG 25 ? ? N9    R DG 25 ? ? 111.77 108.30 3.47  0.30 N 
31 1 "O4'" R DT 26 ? ? "C1'" R DT 26 ? ? N1    R DT 26 ? ? 114.35 108.30 6.05  0.30 N 
32 1 "O4'" R DC 27 ? ? "C1'" R DC 27 ? ? N1    R DC 27 ? ? 112.30 108.30 4.00  0.30 N 
33 1 "O4'" R DG 28 ? ? "C1'" R DG 28 ? ? N9    R DG 28 ? ? 113.04 108.30 4.74  0.30 N 
34 1 "O4'" R DA 30 ? ? "C1'" R DA 30 ? ? N9    R DA 30 ? ? 114.35 108.30 6.05  0.30 N 
35 1 "C4'" R DG 31 ? ? "C3'" R DG 31 ? ? "C2'" R DG 31 ? ? 96.53  102.20 -5.67 0.70 N 
36 1 "C5'" R DC 32 ? ? "C4'" R DC 32 ? ? "O4'" R DC 32 ? ? 116.72 109.80 6.92  1.10 N 
37 1 "O4'" R DC 32 ? ? "C1'" R DC 32 ? ? N1    R DC 32 ? ? 111.08 108.30 2.78  0.30 N 
38 1 N1    R DC 32 ? ? C2    R DC 32 ? ? O2    R DC 32 ? ? 123.07 118.90 4.17  0.60 N 
# 
_pdbx_validate_chiral.id              1 
_pdbx_validate_chiral.PDB_model_num   1 
_pdbx_validate_chiral.auth_atom_id    "C4'" 
_pdbx_validate_chiral.label_alt_id    ? 
_pdbx_validate_chiral.auth_asym_id    R 
_pdbx_validate_chiral.auth_comp_id    DG 
_pdbx_validate_chiral.auth_seq_id     31 
_pdbx_validate_chiral.PDB_ins_code    ? 
_pdbx_validate_chiral.details         'WRONG HAND' 
_pdbx_validate_chiral.omega           . 
# 
loop_
_pdbx_validate_planes.id 
_pdbx_validate_planes.PDB_model_num 
_pdbx_validate_planes.auth_comp_id 
_pdbx_validate_planes.auth_asym_id 
_pdbx_validate_planes.auth_seq_id 
_pdbx_validate_planes.PDB_ins_code 
_pdbx_validate_planes.label_alt_id 
_pdbx_validate_planes.rmsd 
_pdbx_validate_planes.type 
1  1 DG X 1  ? ? 0.085 'SIDE CHAIN' 
2  1 DT X 3  ? ? 0.195 'SIDE CHAIN' 
3  1 DC X 5  ? ? 0.120 'SIDE CHAIN' 
4  1 DC X 6  ? ? 0.127 'SIDE CHAIN' 
5  1 DA X 7  ? ? 0.099 'SIDE CHAIN' 
6  1 DC X 9  ? ? 0.112 'SIDE CHAIN' 
7  1 DG X 10 ? ? 0.121 'SIDE CHAIN' 
8  1 DG H 13 ? ? 0.089 'SIDE CHAIN' 
9  1 DG H 15 ? ? 0.136 'SIDE CHAIN' 
10 1 DC H 16 ? ? 0.129 'SIDE CHAIN' 
11 1 DC H 19 ? ? 0.092 'SIDE CHAIN' 
12 1 DG R 22 ? ? 0.088 'SIDE CHAIN' 
13 1 DG R 25 ? ? 0.117 'SIDE CHAIN' 
14 1 DG R 28 ? ? 0.069 'SIDE CHAIN' 
15 1 DG R 31 ? ? 0.197 'SIDE CHAIN' 
16 1 DC R 32 ? ? 0.071 'SIDE CHAIN' 
# 
_pdbx_nmr_ensemble.entry_id                                      1EKW 
_pdbx_nmr_ensemble.conformers_calculated_total_number            ? 
_pdbx_nmr_ensemble.conformers_submitted_total_number             1 
_pdbx_nmr_ensemble.conformer_selection_criteria                  ? 
_pdbx_nmr_ensemble.average_constraints_per_residue               ? 
_pdbx_nmr_ensemble.average_constraint_violations_per_residue     ? 
_pdbx_nmr_ensemble.maximum_distance_constraint_violation         ? 
_pdbx_nmr_ensemble.average_distance_constraint_violation         ? 
_pdbx_nmr_ensemble.maximum_upper_distance_constraint_violation   ? 
_pdbx_nmr_ensemble.maximum_lower_distance_constraint_violation   ? 
_pdbx_nmr_ensemble.distance_constraint_violation_method          ? 
_pdbx_nmr_ensemble.maximum_torsion_angle_constraint_violation    ? 
_pdbx_nmr_ensemble.average_torsion_angle_constraint_violation    ? 
_pdbx_nmr_ensemble.torsion_angle_constraint_violation_method     ? 
# 
_pdbx_nmr_representative.entry_id             1EKW 
_pdbx_nmr_representative.conformer_id         1 
_pdbx_nmr_representative.selection_criteria   'minimized average structure' 
# 
_pdbx_nmr_sample_details.solution_id      1 
_pdbx_nmr_sample_details.contents         '2 mM DNA, 0.5mM EDTA, 100 mM Sodium phosphate, 10 mM MgCl2, 100mM NaCl' 
_pdbx_nmr_sample_details.solvent_system   '100% D2O' 
# 
_pdbx_nmr_exptl_sample_conditions.conditions_id       1 
_pdbx_nmr_exptl_sample_conditions.temperature         301 
_pdbx_nmr_exptl_sample_conditions.pressure            1 
_pdbx_nmr_exptl_sample_conditions.pH                  6.8 
_pdbx_nmr_exptl_sample_conditions.ionic_strength      '100 mM' 
_pdbx_nmr_exptl_sample_conditions.pressure_units      atm 
_pdbx_nmr_exptl_sample_conditions.temperature_units   K 
# 
loop_
_pdbx_nmr_exptl.experiment_id 
_pdbx_nmr_exptl.conditions_id 
_pdbx_nmr_exptl.solution_id 
_pdbx_nmr_exptl.type 
1 1 1 '2D NOESY'       
2 1 1 '3D NOESY-NOESY' 
# 
_pdbx_nmr_refine.entry_id           1EKW 
_pdbx_nmr_refine.method             'Complete relaxation matrix Molecular Dynamics' 
_pdbx_nmr_refine.details            'Particle Mesh Ewald Methods were used.' 
_pdbx_nmr_refine.software_ordinal   1 
# 
_pdbx_nmr_software.name             MORASS 
_pdbx_nmr_software.version          2.5 
_pdbx_nmr_software.classification   'iterative matrix relaxation' 
_pdbx_nmr_software.authors          'Meadows, R., Post, C.B., Luxon, B.A., & Gorenstein, D.G.' 
_pdbx_nmr_software.ordinal          1 
# 
loop_
_chem_comp_atom.comp_id 
_chem_comp_atom.atom_id 
_chem_comp_atom.type_symbol 
_chem_comp_atom.pdbx_aromatic_flag 
_chem_comp_atom.pdbx_stereo_config 
_chem_comp_atom.pdbx_ordinal 
DA OP3    O N N 1   
DA P      P N N 2   
DA OP1    O N N 3   
DA OP2    O N N 4   
DA "O5'"  O N N 5   
DA "C5'"  C N N 6   
DA "C4'"  C N R 7   
DA "O4'"  O N N 8   
DA "C3'"  C N S 9   
DA "O3'"  O N N 10  
DA "C2'"  C N N 11  
DA "C1'"  C N R 12  
DA N9     N Y N 13  
DA C8     C Y N 14  
DA N7     N Y N 15  
DA C5     C Y N 16  
DA C6     C Y N 17  
DA N6     N N N 18  
DA N1     N Y N 19  
DA C2     C Y N 20  
DA N3     N Y N 21  
DA C4     C Y N 22  
DA HOP3   H N N 23  
DA HOP2   H N N 24  
DA "H5'"  H N N 25  
DA "H5''" H N N 26  
DA "H4'"  H N N 27  
DA "H3'"  H N N 28  
DA "HO3'" H N N 29  
DA "H2'"  H N N 30  
DA "H2''" H N N 31  
DA "H1'"  H N N 32  
DA H8     H N N 33  
DA H61    H N N 34  
DA H62    H N N 35  
DA H2     H N N 36  
DC OP3    O N N 37  
DC P      P N N 38  
DC OP1    O N N 39  
DC OP2    O N N 40  
DC "O5'"  O N N 41  
DC "C5'"  C N N 42  
DC "C4'"  C N R 43  
DC "O4'"  O N N 44  
DC "C3'"  C N S 45  
DC "O3'"  O N N 46  
DC "C2'"  C N N 47  
DC "C1'"  C N R 48  
DC N1     N N N 49  
DC C2     C N N 50  
DC O2     O N N 51  
DC N3     N N N 52  
DC C4     C N N 53  
DC N4     N N N 54  
DC C5     C N N 55  
DC C6     C N N 56  
DC HOP3   H N N 57  
DC HOP2   H N N 58  
DC "H5'"  H N N 59  
DC "H5''" H N N 60  
DC "H4'"  H N N 61  
DC "H3'"  H N N 62  
DC "HO3'" H N N 63  
DC "H2'"  H N N 64  
DC "H2''" H N N 65  
DC "H1'"  H N N 66  
DC H41    H N N 67  
DC H42    H N N 68  
DC H5     H N N 69  
DC H6     H N N 70  
DG OP3    O N N 71  
DG P      P N N 72  
DG OP1    O N N 73  
DG OP2    O N N 74  
DG "O5'"  O N N 75  
DG "C5'"  C N N 76  
DG "C4'"  C N R 77  
DG "O4'"  O N N 78  
DG "C3'"  C N S 79  
DG "O3'"  O N N 80  
DG "C2'"  C N N 81  
DG "C1'"  C N R 82  
DG N9     N Y N 83  
DG C8     C Y N 84  
DG N7     N Y N 85  
DG C5     C Y N 86  
DG C6     C N N 87  
DG O6     O N N 88  
DG N1     N N N 89  
DG C2     C N N 90  
DG N2     N N N 91  
DG N3     N N N 92  
DG C4     C Y N 93  
DG HOP3   H N N 94  
DG HOP2   H N N 95  
DG "H5'"  H N N 96  
DG "H5''" H N N 97  
DG "H4'"  H N N 98  
DG "H3'"  H N N 99  
DG "HO3'" H N N 100 
DG "H2'"  H N N 101 
DG "H2''" H N N 102 
DG "H1'"  H N N 103 
DG H8     H N N 104 
DG H1     H N N 105 
DG H21    H N N 106 
DG H22    H N N 107 
DT OP3    O N N 108 
DT P      P N N 109 
DT OP1    O N N 110 
DT OP2    O N N 111 
DT "O5'"  O N N 112 
DT "C5'"  C N N 113 
DT "C4'"  C N R 114 
DT "O4'"  O N N 115 
DT "C3'"  C N S 116 
DT "O3'"  O N N 117 
DT "C2'"  C N N 118 
DT "C1'"  C N R 119 
DT N1     N N N 120 
DT C2     C N N 121 
DT O2     O N N 122 
DT N3     N N N 123 
DT C4     C N N 124 
DT O4     O N N 125 
DT C5     C N N 126 
DT C7     C N N 127 
DT C6     C N N 128 
DT HOP3   H N N 129 
DT HOP2   H N N 130 
DT "H5'"  H N N 131 
DT "H5''" H N N 132 
DT "H4'"  H N N 133 
DT "H3'"  H N N 134 
DT "HO3'" H N N 135 
DT "H2'"  H N N 136 
DT "H2''" H N N 137 
DT "H1'"  H N N 138 
DT H3     H N N 139 
DT H71    H N N 140 
DT H72    H N N 141 
DT H73    H N N 142 
DT H6     H N N 143 
# 
loop_
_chem_comp_bond.comp_id 
_chem_comp_bond.atom_id_1 
_chem_comp_bond.atom_id_2 
_chem_comp_bond.value_order 
_chem_comp_bond.pdbx_aromatic_flag 
_chem_comp_bond.pdbx_stereo_config 
_chem_comp_bond.pdbx_ordinal 
DA OP3   P      sing N N 1   
DA OP3   HOP3   sing N N 2   
DA P     OP1    doub N N 3   
DA P     OP2    sing N N 4   
DA P     "O5'"  sing N N 5   
DA OP2   HOP2   sing N N 6   
DA "O5'" "C5'"  sing N N 7   
DA "C5'" "C4'"  sing N N 8   
DA "C5'" "H5'"  sing N N 9   
DA "C5'" "H5''" sing N N 10  
DA "C4'" "O4'"  sing N N 11  
DA "C4'" "C3'"  sing N N 12  
DA "C4'" "H4'"  sing N N 13  
DA "O4'" "C1'"  sing N N 14  
DA "C3'" "O3'"  sing N N 15  
DA "C3'" "C2'"  sing N N 16  
DA "C3'" "H3'"  sing N N 17  
DA "O3'" "HO3'" sing N N 18  
DA "C2'" "C1'"  sing N N 19  
DA "C2'" "H2'"  sing N N 20  
DA "C2'" "H2''" sing N N 21  
DA "C1'" N9     sing N N 22  
DA "C1'" "H1'"  sing N N 23  
DA N9    C8     sing Y N 24  
DA N9    C4     sing Y N 25  
DA C8    N7     doub Y N 26  
DA C8    H8     sing N N 27  
DA N7    C5     sing Y N 28  
DA C5    C6     sing Y N 29  
DA C5    C4     doub Y N 30  
DA C6    N6     sing N N 31  
DA C6    N1     doub Y N 32  
DA N6    H61    sing N N 33  
DA N6    H62    sing N N 34  
DA N1    C2     sing Y N 35  
DA C2    N3     doub Y N 36  
DA C2    H2     sing N N 37  
DA N3    C4     sing Y N 38  
DC OP3   P      sing N N 39  
DC OP3   HOP3   sing N N 40  
DC P     OP1    doub N N 41  
DC P     OP2    sing N N 42  
DC P     "O5'"  sing N N 43  
DC OP2   HOP2   sing N N 44  
DC "O5'" "C5'"  sing N N 45  
DC "C5'" "C4'"  sing N N 46  
DC "C5'" "H5'"  sing N N 47  
DC "C5'" "H5''" sing N N 48  
DC "C4'" "O4'"  sing N N 49  
DC "C4'" "C3'"  sing N N 50  
DC "C4'" "H4'"  sing N N 51  
DC "O4'" "C1'"  sing N N 52  
DC "C3'" "O3'"  sing N N 53  
DC "C3'" "C2'"  sing N N 54  
DC "C3'" "H3'"  sing N N 55  
DC "O3'" "HO3'" sing N N 56  
DC "C2'" "C1'"  sing N N 57  
DC "C2'" "H2'"  sing N N 58  
DC "C2'" "H2''" sing N N 59  
DC "C1'" N1     sing N N 60  
DC "C1'" "H1'"  sing N N 61  
DC N1    C2     sing N N 62  
DC N1    C6     sing N N 63  
DC C2    O2     doub N N 64  
DC C2    N3     sing N N 65  
DC N3    C4     doub N N 66  
DC C4    N4     sing N N 67  
DC C4    C5     sing N N 68  
DC N4    H41    sing N N 69  
DC N4    H42    sing N N 70  
DC C5    C6     doub N N 71  
DC C5    H5     sing N N 72  
DC C6    H6     sing N N 73  
DG OP3   P      sing N N 74  
DG OP3   HOP3   sing N N 75  
DG P     OP1    doub N N 76  
DG P     OP2    sing N N 77  
DG P     "O5'"  sing N N 78  
DG OP2   HOP2   sing N N 79  
DG "O5'" "C5'"  sing N N 80  
DG "C5'" "C4'"  sing N N 81  
DG "C5'" "H5'"  sing N N 82  
DG "C5'" "H5''" sing N N 83  
DG "C4'" "O4'"  sing N N 84  
DG "C4'" "C3'"  sing N N 85  
DG "C4'" "H4'"  sing N N 86  
DG "O4'" "C1'"  sing N N 87  
DG "C3'" "O3'"  sing N N 88  
DG "C3'" "C2'"  sing N N 89  
DG "C3'" "H3'"  sing N N 90  
DG "O3'" "HO3'" sing N N 91  
DG "C2'" "C1'"  sing N N 92  
DG "C2'" "H2'"  sing N N 93  
DG "C2'" "H2''" sing N N 94  
DG "C1'" N9     sing N N 95  
DG "C1'" "H1'"  sing N N 96  
DG N9    C8     sing Y N 97  
DG N9    C4     sing Y N 98  
DG C8    N7     doub Y N 99  
DG C8    H8     sing N N 100 
DG N7    C5     sing Y N 101 
DG C5    C6     sing N N 102 
DG C5    C4     doub Y N 103 
DG C6    O6     doub N N 104 
DG C6    N1     sing N N 105 
DG N1    C2     sing N N 106 
DG N1    H1     sing N N 107 
DG C2    N2     sing N N 108 
DG C2    N3     doub N N 109 
DG N2    H21    sing N N 110 
DG N2    H22    sing N N 111 
DG N3    C4     sing N N 112 
DT OP3   P      sing N N 113 
DT OP3   HOP3   sing N N 114 
DT P     OP1    doub N N 115 
DT P     OP2    sing N N 116 
DT P     "O5'"  sing N N 117 
DT OP2   HOP2   sing N N 118 
DT "O5'" "C5'"  sing N N 119 
DT "C5'" "C4'"  sing N N 120 
DT "C5'" "H5'"  sing N N 121 
DT "C5'" "H5''" sing N N 122 
DT "C4'" "O4'"  sing N N 123 
DT "C4'" "C3'"  sing N N 124 
DT "C4'" "H4'"  sing N N 125 
DT "O4'" "C1'"  sing N N 126 
DT "C3'" "O3'"  sing N N 127 
DT "C3'" "C2'"  sing N N 128 
DT "C3'" "H3'"  sing N N 129 
DT "O3'" "HO3'" sing N N 130 
DT "C2'" "C1'"  sing N N 131 
DT "C2'" "H2'"  sing N N 132 
DT "C2'" "H2''" sing N N 133 
DT "C1'" N1     sing N N 134 
DT "C1'" "H1'"  sing N N 135 
DT N1    C2     sing N N 136 
DT N1    C6     sing N N 137 
DT C2    O2     doub N N 138 
DT C2    N3     sing N N 139 
DT N3    C4     sing N N 140 
DT N3    H3     sing N N 141 
DT C4    O4     doub N N 142 
DT C4    C5     sing N N 143 
DT C5    C7     sing N N 144 
DT C5    C6     doub N N 145 
DT C7    H71    sing N N 146 
DT C7    H72    sing N N 147 
DT C7    H73    sing N N 148 
DT C6    H6     sing N N 149 
# 
loop_
_ndb_struct_conf_na.entry_id 
_ndb_struct_conf_na.feature 
1EKW 'double helix'        
1EKW 'b-form double helix' 
1EKW 'quadruple helix'     
1EKW 'three-way junction'  
# 
loop_
_ndb_struct_na_base_pair.model_number 
_ndb_struct_na_base_pair.i_label_asym_id 
_ndb_struct_na_base_pair.i_label_comp_id 
_ndb_struct_na_base_pair.i_label_seq_id 
_ndb_struct_na_base_pair.i_symmetry 
_ndb_struct_na_base_pair.j_label_asym_id 
_ndb_struct_na_base_pair.j_label_comp_id 
_ndb_struct_na_base_pair.j_label_seq_id 
_ndb_struct_na_base_pair.j_symmetry 
_ndb_struct_na_base_pair.shear 
_ndb_struct_na_base_pair.stretch 
_ndb_struct_na_base_pair.stagger 
_ndb_struct_na_base_pair.buckle 
_ndb_struct_na_base_pair.propeller 
_ndb_struct_na_base_pair.opening 
_ndb_struct_na_base_pair.pair_number 
_ndb_struct_na_base_pair.pair_name 
_ndb_struct_na_base_pair.i_auth_asym_id 
_ndb_struct_na_base_pair.i_auth_seq_id 
_ndb_struct_na_base_pair.i_PDB_ins_code 
_ndb_struct_na_base_pair.j_auth_asym_id 
_ndb_struct_na_base_pair.j_auth_seq_id 
_ndb_struct_na_base_pair.j_PDB_ins_code 
_ndb_struct_na_base_pair.hbond_type_28 
_ndb_struct_na_base_pair.hbond_type_12 
1 A DG 1  1_555 C DC 12 1_555 1.336  -0.649 2.250  48.533  -27.475 -22.750 1  X_DG1:DC32_R  X 1  ? R 32 ? 19 1 
1 A DC 2  1_555 C DG 11 1_555 0.557  -0.345 0.042  -4.880  -33.561 1.760   2  X_DC2:DG31_R  X 2  ? R 31 ? 19 1 
1 A DT 3  1_555 C DA 10 1_555 0.135  -0.178 0.924  -19.321 -6.109  -0.315  3  X_DT3:DA30_R  X 3  ? R 30 ? 20 1 
1 A DG 4  1_555 C DC 9  1_555 -0.607 -0.296 0.838  13.531  7.510   0.983   4  X_DG4:DC29_R  X 4  ? R 29 ? 19 1 
1 A DC 5  1_555 C DG 8  1_555 0.094  0.830  0.818  -13.393 40.518  54.208  5  X_DC5:DG28_R  X 5  ? R 28 ? ?  1 
1 A DC 6  1_555 B DG 5  1_555 0.505  -0.369 0.798  6.148   -20.869 -0.432  6  X_DC6:DG15_H  X 6  ? H 15 ? 19 1 
1 A DA 7  1_555 B DT 4  1_555 0.547  -0.040 0.340  2.767   -30.590 8.415   7  X_DA7:DT14_H  X 7  ? H 14 ? 20 1 
1 A DC 8  1_555 B DG 3  1_555 -0.262 -0.126 0.145  -5.778  -27.532 -8.781  8  X_DC8:DG13_H  X 8  ? H 13 ? 19 1 
1 A DC 9  1_555 B DG 2  1_555 0.084  -0.174 0.577  -9.277  -13.111 -0.973  9  X_DC9:DG12_H  X 9  ? H 12 ? 19 1 
1 A DG 10 1_555 B DC 1  1_555 -0.254 -0.236 0.529  14.984  0.463   -3.945  10 X_DG10:DC11_H X 10 ? H 11 ? 19 1 
1 B DC 6  1_555 C DG 5  1_555 0.172  -0.259 0.537  -11.754 5.161   -5.541  11 H_DC16:DG25_R H 16 ? R 25 ? 19 1 
1 B DG 7  1_555 C DC 4  1_555 -0.588 -0.291 -0.120 -1.003  -5.897  -5.776  12 H_DG17:DC24_R H 17 ? R 24 ? 19 1 
1 B DT 8  1_555 C DA 3  1_555 -0.220 -0.118 -0.172 4.587   -9.443  -3.236  13 H_DT18:DA23_R H 18 ? R 23 ? 20 1 
1 B DC 9  1_555 C DG 2  1_555 0.433  -0.331 -0.622 13.612  0.021   -9.315  14 H_DC19:DG22_R H 19 ? R 22 ? 19 1 
1 B DC 10 1_555 C DG 1  1_555 -0.349 -0.105 -0.113 16.211  -0.568  -3.862  15 H_DC20:DG21_R H 20 ? R 21 ? 19 1 
# 
loop_
_ndb_struct_na_base_pair_step.model_number 
_ndb_struct_na_base_pair_step.i_label_asym_id_1 
_ndb_struct_na_base_pair_step.i_label_comp_id_1 
_ndb_struct_na_base_pair_step.i_label_seq_id_1 
_ndb_struct_na_base_pair_step.i_symmetry_1 
_ndb_struct_na_base_pair_step.j_label_asym_id_1 
_ndb_struct_na_base_pair_step.j_label_comp_id_1 
_ndb_struct_na_base_pair_step.j_label_seq_id_1 
_ndb_struct_na_base_pair_step.j_symmetry_1 
_ndb_struct_na_base_pair_step.i_label_asym_id_2 
_ndb_struct_na_base_pair_step.i_label_comp_id_2 
_ndb_struct_na_base_pair_step.i_label_seq_id_2 
_ndb_struct_na_base_pair_step.i_symmetry_2 
_ndb_struct_na_base_pair_step.j_label_asym_id_2 
_ndb_struct_na_base_pair_step.j_label_comp_id_2 
_ndb_struct_na_base_pair_step.j_label_seq_id_2 
_ndb_struct_na_base_pair_step.j_symmetry_2 
_ndb_struct_na_base_pair_step.shift 
_ndb_struct_na_base_pair_step.slide 
_ndb_struct_na_base_pair_step.rise 
_ndb_struct_na_base_pair_step.tilt 
_ndb_struct_na_base_pair_step.roll 
_ndb_struct_na_base_pair_step.twist 
_ndb_struct_na_base_pair_step.x_displacement 
_ndb_struct_na_base_pair_step.y_displacement 
_ndb_struct_na_base_pair_step.helical_rise 
_ndb_struct_na_base_pair_step.inclination 
_ndb_struct_na_base_pair_step.tip 
_ndb_struct_na_base_pair_step.helical_twist 
_ndb_struct_na_base_pair_step.step_number 
_ndb_struct_na_base_pair_step.step_name 
_ndb_struct_na_base_pair_step.i_auth_asym_id_1 
_ndb_struct_na_base_pair_step.i_auth_seq_id_1 
_ndb_struct_na_base_pair_step.i_PDB_ins_code_1 
_ndb_struct_na_base_pair_step.j_auth_asym_id_1 
_ndb_struct_na_base_pair_step.j_auth_seq_id_1 
_ndb_struct_na_base_pair_step.j_PDB_ins_code_1 
_ndb_struct_na_base_pair_step.i_auth_asym_id_2 
_ndb_struct_na_base_pair_step.i_auth_seq_id_2 
_ndb_struct_na_base_pair_step.i_PDB_ins_code_2 
_ndb_struct_na_base_pair_step.j_auth_asym_id_2 
_ndb_struct_na_base_pair_step.j_auth_seq_id_2 
_ndb_struct_na_base_pair_step.j_PDB_ins_code_2 
1 A DG 1 1_555 C DC 12 1_555 A DC 2  1_555 C DG 11 1_555 1.036  -0.047 4.557 19.569 -8.460  38.684 1.122  1.358  4.483 -11.749 
-27.179 43.972 1  XX_DG1DC2:DG31DC32_RR   X 1  ? R 32 ? X 2  ? R 31 ? 
1 A DC 2 1_555 C DG 11 1_555 A DT 3  1_555 C DA 10 1_555 0.925  -0.499 3.441 -7.672 -1.008  36.543 -0.643 -2.486 3.201 -1.585  
12.069  37.326 2  XX_DC2DT3:DA30DG31_RR   X 2  ? R 31 ? X 3  ? R 30 ? 
1 A DT 3 1_555 C DA 10 1_555 A DG 4  1_555 C DC 9  1_555 0.348  -0.627 2.259 2.352  -6.873  21.336 0.228  -0.264 2.366 -17.907 
-6.127  22.525 3  XX_DT3DG4:DC29DA30_RR   X 3  ? R 30 ? X 4  ? R 29 ? 
1 A DG 4 1_555 C DC 9  1_555 A DC 5  1_555 C DG 8  1_555 2.554  2.576  5.365 -2.442 3.338   41.922 3.016  -3.970 5.395 4.652   
3.404   42.116 4  XX_DG4DC5:DG28DC29_RR   X 4  ? R 29 ? X 5  ? R 28 ? 
1 A DC 5 1_555 C DG 8  1_555 A DC 6  1_555 B DG 5  1_555 -3.073 0.862  3.240 12.785 -12.946 39.145 2.221  5.224  1.834 -18.178 
-17.952 43.016 5  XX_DC5DC6:DG15DG28_HR   X 5  ? R 28 ? X 6  ? H 15 ? 
1 A DC 6 1_555 B DG 5  1_555 A DA 7  1_555 B DT 4  1_555 0.705  -0.156 3.005 10.919 4.340   39.567 -0.666 0.114  3.054 6.247   
-15.715 41.207 6  XX_DC6DA7:DT14DG15_HH   X 6  ? H 15 ? X 7  ? H 14 ? 
1 A DA 7 1_555 B DT 4  1_555 A DC 8  1_555 B DG 3  1_555 -0.324 -0.572 3.069 -0.694 2.813   33.990 -1.391 0.450  3.019 4.800   
1.185   34.109 7  XX_DA7DC8:DG13DT14_HH   X 7  ? H 14 ? X 8  ? H 13 ? 
1 A DC 8 1_555 B DG 3  1_555 A DC 9  1_555 B DG 2  1_555 0.894  -0.226 3.221 -0.847 0.156   34.856 -0.401 -1.618 3.198 0.260   
1.414   34.866 8  XX_DC8DC9:DG12DG13_HH   X 8  ? H 13 ? X 9  ? H 12 ? 
1 A DC 9 1_555 B DG 2  1_555 A DG 10 1_555 B DC 1  1_555 -0.535 -0.908 2.337 -0.706 5.719   36.053 -2.000 0.786  2.182 9.168   
1.132   36.495 9  XX_DC9DG10:DC11DG12_HH  X 9  ? H 12 ? X 10 ? H 11 ? 
1 B DC 6 1_555 C DG 5  1_555 B DG 7  1_555 C DC 4  1_555 0.814  0.457  3.078 11.414 -7.583  31.765 1.910  0.345  3.003 -13.118 
-19.744 34.525 10 HH_DC16DG17:DC24DG25_RR H 16 ? R 25 ? H 17 ? R 24 ? 
1 B DG 7 1_555 C DC 4  1_555 B DT 8  1_555 C DA 3  1_555 0.465  -0.892 3.108 -0.273 -1.513  27.284 -1.529 -1.050 3.147 -3.204  
0.579   27.327 11 HH_DG17DT18:DA23DC24_RR H 17 ? R 24 ? H 18 ? R 23 ? 
1 B DT 8 1_555 C DA 3  1_555 B DC 9  1_555 C DG 2  1_555 -0.805 -0.214 3.159 -2.705 -5.375  45.988 0.173  0.799  3.203 -6.845  
3.445   46.359 12 HH_DT18DC19:DG22DA23_RR H 18 ? R 23 ? H 19 ? R 22 ? 
1 B DC 9 1_555 C DG 2  1_555 B DC 10 1_555 C DG 1  1_555 0.199  -1.222 3.264 -9.325 4.477   28.407 -3.222 -2.206 2.837 8.764   
18.254  30.195 13 HH_DC19DC20:DG21DG22_RR H 19 ? R 22 ? H 20 ? R 21 ? 
# 
loop_
_pdbx_nmr_spectrometer.spectrometer_id 
_pdbx_nmr_spectrometer.type 
_pdbx_nmr_spectrometer.manufacturer 
_pdbx_nmr_spectrometer.model 
_pdbx_nmr_spectrometer.field_strength 
1 ? Varian UNITYPLUS 600 
2 ? Varian UNITYPLUS 750 
# 
_atom_sites.entry_id                    1EKW 
_atom_sites.fract_transf_matrix[1][1]   1.000000 
_atom_sites.fract_transf_matrix[1][2]   0.000000 
_atom_sites.fract_transf_matrix[1][3]   0.000000 
_atom_sites.fract_transf_matrix[2][1]   0.000000 
_atom_sites.fract_transf_matrix[2][2]   1.000000 
_atom_sites.fract_transf_matrix[2][3]   0.000000 
_atom_sites.fract_transf_matrix[3][1]   0.000000 
_atom_sites.fract_transf_matrix[3][2]   0.000000 
_atom_sites.fract_transf_matrix[3][3]   1.000000 
_atom_sites.fract_transf_vector[1]      0.00000 
_atom_sites.fract_transf_vector[2]      0.00000 
_atom_sites.fract_transf_vector[3]      0.00000 
# 
loop_
_atom_type.symbol 
C 
H 
N 
O 
P 
# 
loop_
_atom_site.group_PDB 
_atom_site.id 
_atom_site.type_symbol 
_atom_site.label_atom_id 
_atom_site.label_alt_id 
_atom_site.label_comp_id 
_atom_site.label_asym_id 
_atom_site.label_entity_id 
_atom_site.label_seq_id 
_atom_site.pdbx_PDB_ins_code 
_atom_site.Cartn_x 
_atom_site.Cartn_y 
_atom_site.Cartn_z 
_atom_site.occupancy 
_atom_site.B_iso_or_equiv 
_atom_site.pdbx_formal_charge 
_atom_site.auth_seq_id 
_atom_site.auth_comp_id 
_atom_site.auth_asym_id 
_atom_site.auth_atom_id 
_atom_site.pdbx_PDB_model_num 
ATOM 1    O "O5'"  . DG A 1 1  ? -14.581 -9.947  -3.922  1.00 10.00 ? 1  DG X "O5'"  1 
ATOM 2    C "C5'"  . DG A 1 1  ? -15.222 -9.241  -2.881  1.00 10.00 ? 1  DG X "C5'"  1 
ATOM 3    C "C4'"  . DG A 1 1  ? -15.590 -10.206 -1.772  1.00 10.00 ? 1  DG X "C4'"  1 
ATOM 4    O "O4'"  . DG A 1 1  ? -14.523 -11.084 -1.522  1.00 10.00 ? 1  DG X "O4'"  1 
ATOM 5    C "C3'"  . DG A 1 1  ? -15.796 -9.399  -0.496  1.00 10.00 ? 1  DG X "C3'"  1 
ATOM 6    O "O3'"  . DG A 1 1  ? -16.477 -10.273 0.371   1.00 10.00 ? 1  DG X "O3'"  1 
ATOM 7    C "C2'"  . DG A 1 1  ? -14.343 -9.240  -0.070  1.00 10.00 ? 1  DG X "C2'"  1 
ATOM 8    C "C1'"  . DG A 1 1  ? -13.810 -10.633 -0.398  1.00 10.00 ? 1  DG X "C1'"  1 
ATOM 9    N N9     . DG A 1 1  ? -12.405 -10.672 -0.826  1.00 10.00 ? 1  DG X N9     1 
ATOM 10   C C8     . DG A 1 1  ? -11.861 -10.060 -1.922  1.00 10.00 ? 1  DG X C8     1 
ATOM 11   N N7     . DG A 1 1  ? -10.707 -10.538 -2.297  1.00 10.00 ? 1  DG X N7     1 
ATOM 12   C C5     . DG A 1 1  ? -10.438 -11.499 -1.333  1.00 10.00 ? 1  DG X C5     1 
ATOM 13   C C6     . DG A 1 1  ? -9.304  -12.340 -1.177  1.00 10.00 ? 1  DG X C6     1 
ATOM 14   O O6     . DG A 1 1  ? -8.316  -12.429 -1.906  1.00 10.00 ? 1  DG X O6     1 
ATOM 15   N N1     . DG A 1 1  ? -9.410  -13.148 -0.064  1.00 10.00 ? 1  DG X N1     1 
ATOM 16   C C2     . DG A 1 1  ? -10.473 -13.184 0.792   1.00 10.00 ? 1  DG X C2     1 
ATOM 17   N N2     . DG A 1 1  ? -10.458 -14.149 1.710   1.00 10.00 ? 1  DG X N2     1 
ATOM 18   N N3     . DG A 1 1  ? -11.566 -12.436 0.633   1.00 10.00 ? 1  DG X N3     1 
ATOM 19   C C4     . DG A 1 1  ? -11.474 -11.597 -0.433  1.00 10.00 ? 1  DG X C4     1 
ATOM 20   H "H5'"  . DG A 1 1  ? -16.120 -8.763  -3.264  1.00 10.00 ? 1  DG X "H5'"  1 
ATOM 21   H "H5''" . DG A 1 1  ? -14.563 -8.490  -2.444  1.00 10.00 ? 1  DG X "H5''" 1 
ATOM 22   H "H4'"  . DG A 1 1  ? -16.425 -10.839 -2.043  1.00 10.00 ? 1  DG X "H4'"  1 
ATOM 23   H "H3'"  . DG A 1 1  ? -16.318 -8.442  -0.632  1.00 10.00 ? 1  DG X "H3'"  1 
ATOM 24   H "H2'"  . DG A 1 1  ? -13.778 -8.443  -0.556  1.00 10.00 ? 1  DG X "H2'"  1 
ATOM 25   H "H2''" . DG A 1 1  ? -14.349 -9.022  0.973   1.00 10.00 ? 1  DG X "H2''" 1 
ATOM 26   H "H1'"  . DG A 1 1  ? -14.039 -11.305 0.424   1.00 10.00 ? 1  DG X "H1'"  1 
ATOM 27   H H8     . DG A 1 1  ? -12.367 -9.279  -2.459  1.00 10.00 ? 1  DG X H8     1 
ATOM 28   H H1     . DG A 1 1  ? -8.652  -13.778 0.131   1.00 10.00 ? 1  DG X H1     1 
ATOM 29   H H21    . DG A 1 1  ? -9.584  -14.631 1.926   1.00 10.00 ? 1  DG X H21    1 
ATOM 30   H H22    . DG A 1 1  ? -11.181 -14.100 2.430   1.00 10.00 ? 1  DG X H22    1 
ATOM 31   H "HO5'" . DG A 1 1  ? -14.323 -9.321  -4.604  1.00 10.00 ? 1  DG X "HO5'" 1 
ATOM 32   P P      . DC A 1 2  ? -17.093 -9.806  1.757   1.00 10.00 ? 2  DC X P      1 
ATOM 33   O OP1    . DC A 1 2  ? -18.124 -10.838 2.056   1.00 10.00 ? 2  DC X OP1    1 
ATOM 34   O OP2    . DC A 1 2  ? -17.478 -8.374  1.620   1.00 10.00 ? 2  DC X OP2    1 
ATOM 35   O "O5'"  . DC A 1 2  ? -15.904 -9.883  2.846   1.00 10.00 ? 2  DC X "O5'"  1 
ATOM 36   C "C5'"  . DC A 1 2  ? -15.734 -11.045 3.640   1.00 10.00 ? 2  DC X "C5'"  1 
ATOM 37   C "C4'"  . DC A 1 2  ? -14.322 -11.225 4.216   1.00 10.00 ? 2  DC X "C4'"  1 
ATOM 38   O "O4'"  . DC A 1 2  ? -13.355 -11.089 3.185   1.00 10.00 ? 2  DC X "O4'"  1 
ATOM 39   C "C3'"  . DC A 1 2  ? -13.882 -10.315 5.375   1.00 10.00 ? 2  DC X "C3'"  1 
ATOM 40   O "O3'"  . DC A 1 2  ? -13.189 -11.133 6.297   1.00 10.00 ? 2  DC X "O3'"  1 
ATOM 41   C "C2'"  . DC A 1 2  ? -12.868 -9.393  4.711   1.00 10.00 ? 2  DC X "C2'"  1 
ATOM 42   C "C1'"  . DC A 1 2  ? -12.249 -10.388 3.725   1.00 10.00 ? 2  DC X "C1'"  1 
ATOM 43   N N1     . DC A 1 2  ? -11.480 -9.732  2.642   1.00 10.00 ? 2  DC X N1     1 
ATOM 44   C C2     . DC A 1 2  ? -10.249 -10.243 2.258   1.00 10.00 ? 2  DC X C2     1 
ATOM 45   O O2     . DC A 1 2  ? -9.719  -11.174 2.854   1.00 10.00 ? 2  DC X O2     1 
ATOM 46   N N3     . DC A 1 2  ? -9.601  -9.677  1.201   1.00 10.00 ? 2  DC X N3     1 
ATOM 47   C C4     . DC A 1 2  ? -10.130 -8.643  0.543   1.00 10.00 ? 2  DC X C4     1 
ATOM 48   N N4     . DC A 1 2  ? -9.458  -8.107  -0.464  1.00 10.00 ? 2  DC X N4     1 
ATOM 49   C C5     . DC A 1 2  ? -11.367 -8.067  0.959   1.00 10.00 ? 2  DC X C5     1 
ATOM 50   C C6     . DC A 1 2  ? -11.986 -8.641  2.006   1.00 10.00 ? 2  DC X C6     1 
ATOM 51   H "H5'"  . DC A 1 2  ? -15.918 -11.924 3.021   1.00 10.00 ? 2  DC X "H5'"  1 
ATOM 52   H "H5''" . DC A 1 2  ? -16.457 -11.036 4.452   1.00 10.00 ? 2  DC X "H5''" 1 
ATOM 53   H "H4'"  . DC A 1 2  ? -14.297 -12.246 4.602   1.00 10.00 ? 2  DC X "H4'"  1 
ATOM 54   H "H3'"  . DC A 1 2  ? -14.715 -9.805  5.852   1.00 10.00 ? 2  DC X "H3'"  1 
ATOM 55   H "H2'"  . DC A 1 2  ? -13.339 -8.515  4.282   1.00 10.00 ? 2  DC X "H2'"  1 
ATOM 56   H "H2''" . DC A 1 2  ? -12.143 -9.019  5.407   1.00 10.00 ? 2  DC X "H2''" 1 
ATOM 57   H "H1'"  . DC A 1 2  ? -11.636 -11.093 4.292   1.00 10.00 ? 2  DC X "H1'"  1 
ATOM 58   H H41    . DC A 1 2  ? -8.605  -8.552  -0.792  1.00 10.00 ? 2  DC X H41    1 
ATOM 59   H H42    . DC A 1 2  ? -9.794  -7.241  -0.884  1.00 10.00 ? 2  DC X H42    1 
ATOM 60   H H5     . DC A 1 2  ? -11.828 -7.208  0.511   1.00 10.00 ? 2  DC X H5     1 
ATOM 61   H H6     . DC A 1 2  ? -12.889 -8.206  2.374   1.00 10.00 ? 2  DC X H6     1 
ATOM 62   P P      . DT A 1 3  ? -12.785 -10.658 7.780   1.00 10.00 ? 3  DT X P      1 
ATOM 63   O OP1    . DT A 1 3  ? -12.647 -11.884 8.601   1.00 10.00 ? 3  DT X OP1    1 
ATOM 64   O OP2    . DT A 1 3  ? -13.767 -9.656  8.287   1.00 10.00 ? 3  DT X OP2    1 
ATOM 65   O "O5'"  . DT A 1 3  ? -11.329 -9.954  7.685   1.00 10.00 ? 3  DT X "O5'"  1 
ATOM 66   C "C5'"  . DT A 1 3  ? -10.171 -10.643 8.149   1.00 10.00 ? 3  DT X "C5'"  1 
ATOM 67   C "C4'"  . DT A 1 3  ? -8.877  -9.955  7.713   1.00 10.00 ? 3  DT X "C4'"  1 
ATOM 68   O "O4'"  . DT A 1 3  ? -8.704  -10.043 6.318   1.00 10.00 ? 3  DT X "O4'"  1 
ATOM 69   C "C3'"  . DT A 1 3  ? -8.668  -8.539  8.245   1.00 10.00 ? 3  DT X "C3'"  1 
ATOM 70   O "O3'"  . DT A 1 3  ? -7.366  -8.260  8.729   1.00 10.00 ? 3  DT X "O3'"  1 
ATOM 71   C "C2'"  . DT A 1 3  ? -8.787  -7.848  6.937   1.00 10.00 ? 3  DT X "C2'"  1 
ATOM 72   C "C1'"  . DT A 1 3  ? -8.111  -8.827  5.970   1.00 10.00 ? 3  DT X "C1'"  1 
ATOM 73   N N1     . DT A 1 3  ? -8.324  -8.559  4.555   1.00 10.00 ? 3  DT X N1     1 
ATOM 74   C C2     . DT A 1 3  ? -7.245  -8.295  3.715   1.00 10.00 ? 3  DT X C2     1 
ATOM 75   O O2     . DT A 1 3  ? -6.124  -8.780  3.863   1.00 10.00 ? 3  DT X O2     1 
ATOM 76   N N3     . DT A 1 3  ? -7.496  -7.420  2.679   1.00 10.00 ? 3  DT X N3     1 
ATOM 77   C C4     . DT A 1 3  ? -8.647  -6.673  2.528   1.00 10.00 ? 3  DT X C4     1 
ATOM 78   O O4     . DT A 1 3  ? -8.733  -5.855  1.610   1.00 10.00 ? 3  DT X O4     1 
ATOM 79   C C5     . DT A 1 3  ? -9.701  -7.034  3.465   1.00 10.00 ? 3  DT X C5     1 
ATOM 80   C C7     . DT A 1 3  ? -10.872 -6.165  3.769   1.00 10.00 ? 3  DT X C7     1 
ATOM 81   C C6     . DT A 1 3  ? -9.522  -8.007  4.360   1.00 10.00 ? 3  DT X C6     1 
ATOM 82   H "H5'"  . DT A 1 3  ? -10.163 -11.659 7.751   1.00 10.00 ? 3  DT X "H5'"  1 
ATOM 83   H "H5''" . DT A 1 3  ? -10.190 -10.686 9.235   1.00 10.00 ? 3  DT X "H5''" 1 
ATOM 84   H "H4'"  . DT A 1 3  ? -8.007  -10.437 8.047   1.00 10.00 ? 3  DT X "H4'"  1 
ATOM 85   H "H3'"  . DT A 1 3  ? -9.502  -8.191  8.844   1.00 10.00 ? 3  DT X "H3'"  1 
ATOM 86   H "H2'"  . DT A 1 3  ? -9.844  -7.718  6.910   1.00 10.00 ? 3  DT X "H2'"  1 
ATOM 87   H "H2''" . DT A 1 3  ? -8.365  -6.881  6.915   1.00 10.00 ? 3  DT X "H2''" 1 
ATOM 88   H "H1'"  . DT A 1 3  ? -7.074  -8.704  6.145   1.00 10.00 ? 3  DT X "H1'"  1 
ATOM 89   H H3     . DT A 1 3  ? -6.760  -7.334  1.983   1.00 10.00 ? 3  DT X H3     1 
ATOM 90   H H71    . DT A 1 3  ? -11.189 -5.656  2.856   1.00 10.00 ? 3  DT X H71    1 
ATOM 91   H H72    . DT A 1 3  ? -11.720 -6.726  4.161   1.00 10.00 ? 3  DT X H72    1 
ATOM 92   H H73    . DT A 1 3  ? -10.572 -5.421  4.512   1.00 10.00 ? 3  DT X H73    1 
ATOM 93   H H6     . DT A 1 3  ? -10.260 -8.281  5.091   1.00 10.00 ? 3  DT X H6     1 
ATOM 94   P P      . DG A 1 4  ? -6.878  -8.656  10.207  1.00 10.00 ? 4  DG X P      1 
ATOM 95   O OP1    . DG A 1 4  ? -7.309  -10.045 10.541  1.00 10.00 ? 4  DG X OP1    1 
ATOM 96   O OP2    . DG A 1 4  ? -7.287  -7.573  11.146  1.00 10.00 ? 4  DG X OP2    1 
ATOM 97   O "O5'"  . DG A 1 4  ? -5.274  -8.593  10.102  1.00 10.00 ? 4  DG X "O5'"  1 
ATOM 98   C "C5'"  . DG A 1 4  ? -4.506  -9.573  9.437   1.00 10.00 ? 4  DG X "C5'"  1 
ATOM 99   C "C4'"  . DG A 1 4  ? -3.693  -8.948  8.289   1.00 10.00 ? 4  DG X "C4'"  1 
ATOM 100  O "O4'"  . DG A 1 4  ? -4.574  -8.574  7.234   1.00 10.00 ? 4  DG X "O4'"  1 
ATOM 101  C "C3'"  . DG A 1 4  ? -2.906  -7.682  8.707   1.00 10.00 ? 4  DG X "C3'"  1 
ATOM 102  O "O3'"  . DG A 1 4  ? -1.566  -7.627  8.260   1.00 10.00 ? 4  DG X "O3'"  1 
ATOM 103  C "C2'"  . DG A 1 4  ? -3.622  -6.617  7.885   1.00 10.00 ? 4  DG X "C2'"  1 
ATOM 104  C "C1'"  . DG A 1 4  ? -4.009  -7.417  6.675   1.00 10.00 ? 4  DG X "C1'"  1 
ATOM 105  N N9     . DG A 1 4  ? -4.852  -6.607  5.779   1.00 10.00 ? 4  DG X N9     1 
ATOM 106  C C8     . DG A 1 4  ? -6.025  -5.953  6.043   1.00 10.00 ? 4  DG X C8     1 
ATOM 107  N N7     . DG A 1 4  ? -6.473  -5.235  5.050   1.00 10.00 ? 4  DG X N7     1 
ATOM 108  C C5     . DG A 1 4  ? -5.496  -5.386  4.068   1.00 10.00 ? 4  DG X C5     1 
ATOM 109  C C6     . DG A 1 4  ? -5.394  -4.834  2.756   1.00 10.00 ? 4  DG X C6     1 
ATOM 110  O O6     . DG A 1 4  ? -6.179  -4.071  2.196   1.00 10.00 ? 4  DG X O6     1 
ATOM 111  N N1     . DG A 1 4  ? -4.264  -5.267  2.078   1.00 10.00 ? 4  DG X N1     1 
ATOM 112  C C2     . DG A 1 4  ? -3.276  -6.047  2.640   1.00 10.00 ? 4  DG X C2     1 
ATOM 113  N N2     . DG A 1 4  ? -2.245  -6.409  1.889   1.00 10.00 ? 4  DG X N2     1 
ATOM 114  N N3     . DG A 1 4  ? -3.341  -6.539  3.879   1.00 10.00 ? 4  DG X N3     1 
ATOM 115  C C4     . DG A 1 4  ? -4.485  -6.193  4.524   1.00 10.00 ? 4  DG X C4     1 
ATOM 116  H "H5'"  . DG A 1 4  ? -5.125  -10.376 9.039   1.00 10.00 ? 4  DG X "H5'"  1 
ATOM 117  H "H5''" . DG A 1 4  ? -3.806  -10.005 10.157  1.00 10.00 ? 4  DG X "H5''" 1 
ATOM 118  H "H4'"  . DG A 1 4  ? -2.998  -9.696  7.901   1.00 10.00 ? 4  DG X "H4'"  1 
ATOM 119  H "H3'"  . DG A 1 4  ? -2.980  -7.462  9.777   1.00 10.00 ? 4  DG X "H3'"  1 
ATOM 120  H "H2'"  . DG A 1 4  ? -4.516  -6.288  8.419   1.00 10.00 ? 4  DG X "H2'"  1 
ATOM 121  H "H2''" . DG A 1 4  ? -2.994  -5.784  7.587   1.00 10.00 ? 4  DG X "H2''" 1 
ATOM 122  H "H1'"  . DG A 1 4  ? -3.089  -7.705  6.159   1.00 10.00 ? 4  DG X "H1'"  1 
ATOM 123  H H8     . DG A 1 4  ? -6.537  -6.033  6.992   1.00 10.00 ? 4  DG X H8     1 
ATOM 124  H H1     . DG A 1 4  ? -4.157  -4.909  1.126   1.00 10.00 ? 4  DG X H1     1 
ATOM 125  H H21    . DG A 1 4  ? -2.198  -6.128  0.922   1.00 10.00 ? 4  DG X H21    1 
ATOM 126  H H22    . DG A 1 4  ? -1.353  -6.614  2.353   1.00 10.00 ? 4  DG X H22    1 
ATOM 127  P P      . DC A 1 5  ? -0.357  -8.324  9.072   1.00 10.00 ? 5  DC X P      1 
ATOM 128  O OP1    . DC A 1 5  ? 0.137   -9.443  8.213   1.00 10.00 ? 5  DC X OP1    1 
ATOM 129  O OP2    . DC A 1 5  ? -0.721  -8.599  10.489  1.00 10.00 ? 5  DC X OP2    1 
ATOM 130  O "O5'"  . DC A 1 5  ? 0.741   -7.185  9.036   1.00 10.00 ? 5  DC X "O5'"  1 
ATOM 131  C "C5'"  . DC A 1 5  ? 1.675   -7.118  7.984   1.00 10.00 ? 5  DC X "C5'"  1 
ATOM 132  C "C4'"  . DC A 1 5  ? 1.897   -5.654  7.661   1.00 10.00 ? 5  DC X "C4'"  1 
ATOM 133  O "O4'"  . DC A 1 5  ? 0.628   -5.061  7.453   1.00 10.00 ? 5  DC X "O4'"  1 
ATOM 134  C "C3'"  . DC A 1 5  ? 2.574   -4.992  8.851   1.00 10.00 ? 5  DC X "C3'"  1 
ATOM 135  O "O3'"  . DC A 1 5  ? 3.729   -4.350  8.387   1.00 10.00 ? 5  DC X "O3'"  1 
ATOM 136  C "C2'"  . DC A 1 5  ? 1.533   -4.008  9.362   1.00 10.00 ? 5  DC X "C2'"  1 
ATOM 137  C "C1'"  . DC A 1 5  ? 0.581   -3.840  8.170   1.00 10.00 ? 5  DC X "C1'"  1 
ATOM 138  N N1     . DC A 1 5  ? -0.833  -3.606  8.581   1.00 10.00 ? 5  DC X N1     1 
ATOM 139  C C2     . DC A 1 5  ? -1.598  -2.664  7.889   1.00 10.00 ? 5  DC X C2     1 
ATOM 140  O O2     . DC A 1 5  ? -1.094  -1.931  7.049   1.00 10.00 ? 5  DC X O2     1 
ATOM 141  N N3     . DC A 1 5  ? -2.951  -2.599  8.104   1.00 10.00 ? 5  DC X N3     1 
ATOM 142  C C4     . DC A 1 5  ? -3.520  -3.449  8.961   1.00 10.00 ? 5  DC X C4     1 
ATOM 143  N N4     . DC A 1 5  ? -4.832  -3.564  8.879   1.00 10.00 ? 5  DC X N4     1 
ATOM 144  C C5     . DC A 1 5  ? -2.770  -4.413  9.691   1.00 10.00 ? 5  DC X C5     1 
ATOM 145  C C6     . DC A 1 5  ? -1.443  -4.467  9.457   1.00 10.00 ? 5  DC X C6     1 
ATOM 146  H "H5'"  . DC A 1 5  ? 1.283   -7.564  7.070   1.00 10.00 ? 5  DC X "H5'"  1 
ATOM 147  H "H5''" . DC A 1 5  ? 2.610   -7.602  8.256   1.00 10.00 ? 5  DC X "H5''" 1 
ATOM 148  H "H4'"  . DC A 1 5  ? 2.513   -5.561  6.766   1.00 10.00 ? 5  DC X "H4'"  1 
ATOM 149  H "H3'"  . DC A 1 5  ? 2.811   -5.709  9.645   1.00 10.00 ? 5  DC X "H3'"  1 
ATOM 150  H "H2'"  . DC A 1 5  ? 1.063   -4.467  10.230  1.00 10.00 ? 5  DC X "H2'"  1 
ATOM 151  H "H2''" . DC A 1 5  ? 1.993   -3.080  9.682   1.00 10.00 ? 5  DC X "H2''" 1 
ATOM 152  H "H1'"  . DC A 1 5  ? 0.982   -3.062  7.520   1.00 10.00 ? 5  DC X "H1'"  1 
ATOM 153  H H41    . DC A 1 5  ? -5.408  -2.839  8.465   1.00 10.00 ? 5  DC X H41    1 
ATOM 154  H H42    . DC A 1 5  ? -5.304  -4.352  9.313   1.00 10.00 ? 5  DC X H42    1 
ATOM 155  H H5     . DC A 1 5  ? -3.220  -5.160  10.331  1.00 10.00 ? 5  DC X H5     1 
ATOM 156  H H6     . DC A 1 5  ? -0.879  -5.252  9.936   1.00 10.00 ? 5  DC X H6     1 
ATOM 157  P P      . DC A 1 6  ? 5.154   -4.743  8.990   1.00 10.00 ? 6  DC X P      1 
ATOM 158  O OP1    . DC A 1 6  ? 5.541   -6.138  8.631   1.00 10.00 ? 6  DC X OP1    1 
ATOM 159  O OP2    . DC A 1 6  ? 5.090   -4.444  10.443  1.00 10.00 ? 6  DC X OP2    1 
ATOM 160  O "O5'"  . DC A 1 6  ? 6.283   -3.783  8.371   1.00 10.00 ? 6  DC X "O5'"  1 
ATOM 161  C "C5'"  . DC A 1 6  ? 6.712   -3.898  7.026   1.00 10.00 ? 6  DC X "C5'"  1 
ATOM 162  C "C4'"  . DC A 1 6  ? 6.016   -2.884  6.160   1.00 10.00 ? 6  DC X "C4'"  1 
ATOM 163  O "O4'"  . DC A 1 6  ? 4.621   -2.956  6.285   1.00 10.00 ? 6  DC X "O4'"  1 
ATOM 164  C "C3'"  . DC A 1 6  ? 6.448   -1.453  6.379   1.00 10.00 ? 6  DC X "C3'"  1 
ATOM 165  O "O3'"  . DC A 1 6  ? 7.678   -1.172  5.740   1.00 10.00 ? 6  DC X "O3'"  1 
ATOM 166  C "C2'"  . DC A 1 6  ? 5.289   -0.862  5.590   1.00 10.00 ? 6  DC X "C2'"  1 
ATOM 167  C "C1'"  . DC A 1 6  ? 4.097   -1.780  5.724   1.00 10.00 ? 6  DC X "C1'"  1 
ATOM 168  N N1     . DC A 1 6  ? 3.065   -1.162  6.560   1.00 10.00 ? 6  DC X N1     1 
ATOM 169  C C2     . DC A 1 6  ? 2.046   -0.436  5.981   1.00 10.00 ? 6  DC X C2     1 
ATOM 170  O O2     . DC A 1 6  ? 2.055   -0.197  4.781   1.00 10.00 ? 6  DC X O2     1 
ATOM 171  N N3     . DC A 1 6  ? 1.041   0.026   6.770   1.00 10.00 ? 6  DC X N3     1 
ATOM 172  C C4     . DC A 1 6  ? 1.085   -0.183  8.093   1.00 10.00 ? 6  DC X C4     1 
ATOM 173  N N4     . DC A 1 6  ? -0.018  0.087   8.786   1.00 10.00 ? 6  DC X N4     1 
ATOM 174  C C5     . DC A 1 6  ? 2.262   -0.713  8.726   1.00 10.00 ? 6  DC X C5     1 
ATOM 175  C C6     . DC A 1 6  ? 3.220   -1.197  7.894   1.00 10.00 ? 6  DC X C6     1 
ATOM 176  H "H5'"  . DC A 1 6  ? 6.442   -4.828  6.545   1.00 10.00 ? 6  DC X "H5'"  1 
ATOM 177  H "H5''" . DC A 1 6  ? 7.790   -3.749  6.968   1.00 10.00 ? 6  DC X "H5''" 1 
ATOM 178  H "H4'"  . DC A 1 6  ? 6.198   -3.110  5.132   1.00 10.00 ? 6  DC X "H4'"  1 
ATOM 179  H "H3'"  . DC A 1 6  ? 6.475   -1.192  7.447   1.00 10.00 ? 6  DC X "H3'"  1 
ATOM 180  H "H2'"  . DC A 1 6  ? 5.052   0.140   5.927   1.00 10.00 ? 6  DC X "H2'"  1 
ATOM 181  H "H2''" . DC A 1 6  ? 5.537   -0.961  4.533   1.00 10.00 ? 6  DC X "H2''" 1 
ATOM 182  H "H1'"  . DC A 1 6  ? 3.684   -2.017  4.767   1.00 10.00 ? 6  DC X "H1'"  1 
ATOM 183  H H41    . DC A 1 6  ? -0.822  0.400   8.251   1.00 10.00 ? 6  DC X H41    1 
ATOM 184  H H42    . DC A 1 6  ? -0.181  -0.252  9.729   1.00 10.00 ? 6  DC X H42    1 
ATOM 185  H H5     . DC A 1 6  ? 2.406   -0.757  9.795   1.00 10.00 ? 6  DC X H5     1 
ATOM 186  H H6     . DC A 1 6  ? 4.173   -1.636  8.135   1.00 10.00 ? 6  DC X H6     1 
ATOM 187  P P      . DA A 1 7  ? 8.259   0.318   5.746   1.00 10.00 ? 7  DA X P      1 
ATOM 188  O OP1    . DA A 1 7  ? 9.583   0.333   5.066   1.00 10.00 ? 7  DA X OP1    1 
ATOM 189  O OP2    . DA A 1 7  ? 8.268   0.783   7.165   1.00 10.00 ? 7  DA X OP2    1 
ATOM 190  O "O5'"  . DA A 1 7  ? 7.194   1.135   4.864   1.00 10.00 ? 7  DA X "O5'"  1 
ATOM 191  C "C5'"  . DA A 1 7  ? 7.113   0.940   3.462   1.00 10.00 ? 7  DA X "C5'"  1 
ATOM 192  C "C4'"  . DA A 1 7  ? 5.954   1.741   2.863   1.00 10.00 ? 7  DA X "C4'"  1 
ATOM 193  O "O4'"  . DA A 1 7  ? 4.677   1.450   3.429   1.00 10.00 ? 7  DA X "O4'"  1 
ATOM 194  C "C3'"  . DA A 1 7  ? 6.252   3.215   3.066   1.00 10.00 ? 7  DA X "C3'"  1 
ATOM 195  O "O3'"  . DA A 1 7  ? 6.759   3.795   1.891   1.00 10.00 ? 7  DA X "O3'"  1 
ATOM 196  C "C2'"  . DA A 1 7  ? 4.908   3.780   3.389   1.00 10.00 ? 7  DA X "C2'"  1 
ATOM 197  C "C1'"  . DA A 1 7  ? 3.967   2.657   3.694   1.00 10.00 ? 7  DA X "C1'"  1 
ATOM 198  N N9     . DA A 1 7  ? 3.618   2.743   5.103   1.00 10.00 ? 7  DA X N9     1 
ATOM 199  C C8     . DA A 1 7  ? 4.489   2.717   6.134   1.00 10.00 ? 7  DA X C8     1 
ATOM 200  N N7     . DA A 1 7  ? 3.928   2.704   7.313   1.00 10.00 ? 7  DA X N7     1 
ATOM 201  C C5     . DA A 1 7  ? 2.575   2.858   7.003   1.00 10.00 ? 7  DA X C5     1 
ATOM 202  C C6     . DA A 1 7  ? 1.408   2.985   7.776   1.00 10.00 ? 7  DA X C6     1 
ATOM 203  N N6     . DA A 1 7  ? 1.423   2.808   9.092   1.00 10.00 ? 7  DA X N6     1 
ATOM 204  N N1     . DA A 1 7  ? 0.257   3.328   7.175   1.00 10.00 ? 7  DA X N1     1 
ATOM 205  C C2     . DA A 1 7  ? 0.254   3.499   5.856   1.00 10.00 ? 7  DA X C2     1 
ATOM 206  N N3     . DA A 1 7  ? 1.256   3.342   5.004   1.00 10.00 ? 7  DA X N3     1 
ATOM 207  C C4     . DA A 1 7  ? 2.395   3.001   5.654   1.00 10.00 ? 7  DA X C4     1 
ATOM 208  H "H5'"  . DA A 1 7  ? 7.008   -0.110  3.212   1.00 10.00 ? 7  DA X "H5'"  1 
ATOM 209  H "H5''" . DA A 1 7  ? 8.037   1.305   3.012   1.00 10.00 ? 7  DA X "H5''" 1 
ATOM 210  H "H4'"  . DA A 1 7  ? 5.884   1.540   1.798   1.00 10.00 ? 7  DA X "H4'"  1 
ATOM 211  H "H3'"  . DA A 1 7  ? 6.874   3.422   3.935   1.00 10.00 ? 7  DA X "H3'"  1 
ATOM 212  H "H2'"  . DA A 1 7  ? 5.029   4.490   4.190   1.00 10.00 ? 7  DA X "H2'"  1 
ATOM 213  H "H2''" . DA A 1 7  ? 4.508   4.216   2.508   1.00 10.00 ? 7  DA X "H2''" 1 
ATOM 214  H "H1'"  . DA A 1 7  ? 3.078   2.854   3.098   1.00 10.00 ? 7  DA X "H1'"  1 
ATOM 215  H H8     . DA A 1 7  ? 5.533   2.711   5.877   1.00 10.00 ? 7  DA X H8     1 
ATOM 216  H H61    . DA A 1 7  ? 0.591   2.985   9.641   1.00 10.00 ? 7  DA X H61    1 
ATOM 217  H H62    . DA A 1 7  ? 2.314   2.731   9.574   1.00 10.00 ? 7  DA X H62    1 
ATOM 218  H H2     . DA A 1 7  ? -0.688  3.783   5.419   1.00 10.00 ? 7  DA X H2     1 
ATOM 219  P P      . DC A 1 8  ? 7.200   5.334   1.902   1.00 10.00 ? 8  DC X P      1 
ATOM 220  O OP1    . DC A 1 8  ? 7.885   5.616   0.610   1.00 10.00 ? 8  DC X OP1    1 
ATOM 221  O OP2    . DC A 1 8  ? 7.945   5.577   3.160   1.00 10.00 ? 8  DC X OP2    1 
ATOM 222  O "O5'"  . DC A 1 8  ? 5.834   6.199   1.942   1.00 10.00 ? 8  DC X "O5'"  1 
ATOM 223  C "C5'"  . DC A 1 8  ? 4.899   6.230   0.870   1.00 10.00 ? 8  DC X "C5'"  1 
ATOM 224  C "C4'"  . DC A 1 8  ? 3.585   6.908   1.310   1.00 10.00 ? 8  DC X "C4'"  1 
ATOM 225  O "O4'"  . DC A 1 8  ? 2.950   6.156   2.344   1.00 10.00 ? 8  DC X "O4'"  1 
ATOM 226  C "C3'"  . DC A 1 8  ? 3.830   8.315   1.862   1.00 10.00 ? 8  DC X "C3'"  1 
ATOM 227  O "O3'"  . DC A 1 8  ? 3.563   9.364   0.950   1.00 10.00 ? 8  DC X "O3'"  1 
ATOM 228  C "C2'"  . DC A 1 8  ? 2.915   8.345   3.070   1.00 10.00 ? 8  DC X "C2'"  1 
ATOM 229  C "C1'"  . DC A 1 8  ? 2.192   7.014   3.190   1.00 10.00 ? 8  DC X "C1'"  1 
ATOM 230  N N1     . DC A 1 8  ? 2.273   6.605   4.621   1.00 10.00 ? 8  DC X N1     1 
ATOM 231  C C2     . DC A 1 8  ? 1.192   6.699   5.510   1.00 10.00 ? 8  DC X C2     1 
ATOM 232  O O2     . DC A 1 8  ? 0.067   7.055   5.147   1.00 10.00 ? 8  DC X O2     1 
ATOM 233  N N3     . DC A 1 8  ? 1.408   6.414   6.835   1.00 10.00 ? 8  DC X N3     1 
ATOM 234  C C4     . DC A 1 8  ? 2.644   6.098   7.262   1.00 10.00 ? 8  DC X C4     1 
ATOM 235  N N4     . DC A 1 8  ? 2.854   5.815   8.536   1.00 10.00 ? 8  DC X N4     1 
ATOM 236  C C5     . DC A 1 8  ? 3.770   6.100   6.393   1.00 10.00 ? 8  DC X C5     1 
ATOM 237  C C6     . DC A 1 8  ? 3.522   6.364   5.098   1.00 10.00 ? 8  DC X C6     1 
ATOM 238  H "H5'"  . DC A 1 8  ? 4.680   5.222   0.514   1.00 10.00 ? 8  DC X "H5'"  1 
ATOM 239  H "H5''" . DC A 1 8  ? 5.337   6.790   0.048   1.00 10.00 ? 8  DC X "H5''" 1 
ATOM 240  H "H4'"  . DC A 1 8  ? 2.898   6.973   0.465   1.00 10.00 ? 8  DC X "H4'"  1 
ATOM 241  H "H3'"  . DC A 1 8  ? 4.857   8.404   2.204   1.00 10.00 ? 8  DC X "H3'"  1 
ATOM 242  H "H2'"  . DC A 1 8  ? 3.598   8.523   3.897   1.00 10.00 ? 8  DC X "H2'"  1 
ATOM 243  H "H2''" . DC A 1 8  ? 2.138   9.090   3.010   1.00 10.00 ? 8  DC X "H2''" 1 
ATOM 244  H "H1'"  . DC A 1 8  ? 1.175   7.105   2.819   1.00 10.00 ? 8  DC X "H1'"  1 
ATOM 245  H H41    . DC A 1 8  ? 2.094   5.783   9.198   1.00 10.00 ? 8  DC X H41    1 
ATOM 246  H H42    . DC A 1 8  ? 3.806   5.668   8.863   1.00 10.00 ? 8  DC X H42    1 
ATOM 247  H H5     . DC A 1 8  ? 4.782   5.898   6.715   1.00 10.00 ? 8  DC X H5     1 
ATOM 248  H H6     . DC A 1 8  ? 4.315   6.499   4.388   1.00 10.00 ? 8  DC X H6     1 
ATOM 249  P P      . DC A 1 9  ? 3.771   10.932  1.330   1.00 10.00 ? 9  DC X P      1 
ATOM 250  O OP1    . DC A 1 9  ? 3.671   11.742  0.093   1.00 10.00 ? 9  DC X OP1    1 
ATOM 251  O OP2    . DC A 1 9  ? 5.038   11.110  2.102   1.00 10.00 ? 9  DC X OP2    1 
ATOM 252  O "O5'"  . DC A 1 9  ? 2.548   11.323  2.310   1.00 10.00 ? 9  DC X "O5'"  1 
ATOM 253  C "C5'"  . DC A 1 9  ? 1.223   11.482  1.847   1.00 10.00 ? 9  DC X "C5'"  1 
ATOM 254  C "C4'"  . DC A 1 9  ? 0.256   11.743  3.017   1.00 10.00 ? 9  DC X "C4'"  1 
ATOM 255  O "O4'"  . DC A 1 9  ? 0.248   10.639  3.916   1.00 10.00 ? 9  DC X "O4'"  1 
ATOM 256  C "C3'"  . DC A 1 9  ? 0.606   13.000  3.832   1.00 10.00 ? 9  DC X "C3'"  1 
ATOM 257  O "O3'"  . DC A 1 9  ? -0.608  13.619  4.218   1.00 10.00 ? 9  DC X "O3'"  1 
ATOM 258  C "C2'"  . DC A 1 9  ? 1.337   12.381  5.007   1.00 10.00 ? 9  DC X "C2'"  1 
ATOM 259  C "C1'"  . DC A 1 9  ? 0.484   11.132  5.224   1.00 10.00 ? 9  DC X "C1'"  1 
ATOM 260  N N1     . DC A 1 9  ? 1.239   10.189  6.063   1.00 10.00 ? 9  DC X N1     1 
ATOM 261  C C2     . DC A 1 9  ? 0.917   9.963   7.397   1.00 10.00 ? 9  DC X C2     1 
ATOM 262  O O2     . DC A 1 9  ? -0.203  10.225  7.827   1.00 10.00 ? 9  DC X O2     1 
ATOM 263  N N3     . DC A 1 9  ? 1.868   9.439   8.236   1.00 10.00 ? 9  DC X N3     1 
ATOM 264  C C4     . DC A 1 9  ? 3.135   9.300   7.801   1.00 10.00 ? 9  DC X C4     1 
ATOM 265  N N4     . DC A 1 9  ? 4.062   8.772   8.594   1.00 10.00 ? 9  DC X N4     1 
ATOM 266  C C5     . DC A 1 9  ? 3.475   9.614   6.454   1.00 10.00 ? 9  DC X C5     1 
ATOM 267  C C6     . DC A 1 9  ? 2.497   10.000  5.645   1.00 10.00 ? 9  DC X C6     1 
ATOM 268  H "H5'"  . DC A 1 9  ? 0.910   10.580  1.318   1.00 10.00 ? 9  DC X "H5'"  1 
ATOM 269  H "H5''" . DC A 1 9  ? 1.188   12.325  1.157   1.00 10.00 ? 9  DC X "H5''" 1 
ATOM 270  H "H4'"  . DC A 1 9  ? -0.742  11.857  2.592   1.00 10.00 ? 9  DC X "H4'"  1 
ATOM 271  H "H3'"  . DC A 1 9  ? 1.275   13.644  3.274   1.00 10.00 ? 9  DC X "H3'"  1 
ATOM 272  H "H2'"  . DC A 1 9  ? 2.350   12.226  4.645   1.00 10.00 ? 9  DC X "H2'"  1 
ATOM 273  H "H2''" . DC A 1 9  ? 1.480   12.924  5.924   1.00 10.00 ? 9  DC X "H2''" 1 
ATOM 274  H "H1'"  . DC A 1 9  ? -0.452  11.403  5.676   1.00 10.00 ? 9  DC X "H1'"  1 
ATOM 275  H H41    . DC A 1 9  ? 3.806   8.445   9.517   1.00 10.00 ? 9  DC X H41    1 
ATOM 276  H H42    . DC A 1 9  ? 5.024   8.719   8.241   1.00 10.00 ? 9  DC X H42    1 
ATOM 277  H H5     . DC A 1 9  ? 4.427   9.753   6.001   1.00 10.00 ? 9  DC X H5     1 
ATOM 278  H H6     . DC A 1 9  ? 2.719   10.292  4.642   1.00 10.00 ? 9  DC X H6     1 
ATOM 279  P P      . DG A 1 10 ? -0.695  15.091  4.858   1.00 10.00 ? 10 DG X P      1 
ATOM 280  O OP1    . DG A 1 10 ? -1.516  15.953  3.967   1.00 10.00 ? 10 DG X OP1    1 
ATOM 281  O OP2    . DG A 1 10 ? 0.670   15.592  5.191   1.00 10.00 ? 10 DG X OP2    1 
ATOM 282  O "O5'"  . DG A 1 10 ? -1.452  14.849  6.251   1.00 10.00 ? 10 DG X "O5'"  1 
ATOM 283  C "C5'"  . DG A 1 10 ? -2.749  14.298  6.319   1.00 10.00 ? 10 DG X "C5'"  1 
ATOM 284  C "C4'"  . DG A 1 10 ? -3.204  14.168  7.786   1.00 10.00 ? 10 DG X "C4'"  1 
ATOM 285  O "O4'"  . DG A 1 10 ? -2.368  13.223  8.447   1.00 10.00 ? 10 DG X "O4'"  1 
ATOM 286  C "C3'"  . DG A 1 10 ? -3.113  15.487  8.575   1.00 10.00 ? 10 DG X "C3'"  1 
ATOM 287  O "O3'"  . DG A 1 10 ? -4.129  15.554  9.555   1.00 10.00 ? 10 DG X "O3'"  1 
ATOM 288  C "C2'"  . DG A 1 10 ? -1.748  15.375  9.225   1.00 10.00 ? 10 DG X "C2'"  1 
ATOM 289  C "C1'"  . DG A 1 10 ? -1.689  13.877  9.510   1.00 10.00 ? 10 DG X "C1'"  1 
ATOM 290  N N9     . DG A 1 10 ? -0.293  13.414  9.609   1.00 10.00 ? 10 DG X N9     1 
ATOM 291  C C8     . DG A 1 10 ? 0.675   13.474  8.645   1.00 10.00 ? 10 DG X C8     1 
ATOM 292  N N7     . DG A 1 10 ? 1.759   12.803  8.924   1.00 10.00 ? 10 DG X N7     1 
ATOM 293  C C5     . DG A 1 10 ? 1.480   12.267  10.176  1.00 10.00 ? 10 DG X C5     1 
ATOM 294  C C6     . DG A 1 10 ? 2.236   11.368  10.974  1.00 10.00 ? 10 DG X C6     1 
ATOM 295  O O6     . DG A 1 10 ? 3.289   10.809  10.685  1.00 10.00 ? 10 DG X O6     1 
ATOM 296  N N1     . DG A 1 10 ? 1.650   11.114  12.200  1.00 10.00 ? 10 DG X N1     1 
ATOM 297  C C2     . DG A 1 10 ? 0.478   11.681  12.631  1.00 10.00 ? 10 DG X C2     1 
ATOM 298  N N2     . DG A 1 10 ? 0.073   11.354  13.852  1.00 10.00 ? 10 DG X N2     1 
ATOM 299  N N3     . DG A 1 10 ? -0.255  12.531  11.895  1.00 10.00 ? 10 DG X N3     1 
ATOM 300  C C4     . DG A 1 10 ? 0.281   12.735  10.657  1.00 10.00 ? 10 DG X C4     1 
ATOM 301  H "H5'"  . DG A 1 10 ? -2.750  13.307  5.865   1.00 10.00 ? 10 DG X "H5'"  1 
ATOM 302  H "H5''" . DG A 1 10 ? -3.444  14.928  5.772   1.00 10.00 ? 10 DG X "H5''" 1 
ATOM 303  H "H4'"  . DG A 1 10 ? -4.234  13.813  7.791   1.00 10.00 ? 10 DG X "H4'"  1 
ATOM 304  H "H3'"  . DG A 1 10 ? -3.146  16.364  7.933   1.00 10.00 ? 10 DG X "H3'"  1 
ATOM 305  H "HO3'" . DG A 1 10 ? -5.580  1.365   8.557   1.00 10.00 ? 10 DG X "HO3'" 1 
ATOM 306  H "H2'"  . DG A 1 10 ? -1.035  15.718  8.487   1.00 10.00 ? 10 DG X "H2'"  1 
ATOM 307  H "H2''" . DG A 1 10 ? -1.571  15.978  10.102  1.00 10.00 ? 10 DG X "H2''" 1 
ATOM 308  H "H1'"  . DG A 1 10 ? -2.236  13.641  10.428  1.00 10.00 ? 10 DG X "H1'"  1 
ATOM 309  H H8     . DG A 1 10 ? 0.535   14.036  7.742   1.00 10.00 ? 10 DG X H8     1 
ATOM 310  H H1     . DG A 1 10 ? 2.184   10.503  12.817  1.00 10.00 ? 10 DG X H1     1 
ATOM 311  H H21    . DG A 1 10 ? 0.486   10.564  14.331  1.00 10.00 ? 10 DG X H21    1 
ATOM 312  H H22    . DG A 1 10 ? -0.617  11.917  14.344  1.00 10.00 ? 10 DG X H22    1 
ATOM 313  O "O5'"  . DC B 2 1  ? 6.745   9.284   19.656  1.00 10.00 ? 11 DC H "O5'"  1 
ATOM 314  C "C5'"  . DC B 2 1  ? 5.768   8.280   19.798  1.00 10.00 ? 11 DC H "C5'"  1 
ATOM 315  C "C4'"  . DC B 2 1  ? 4.345   8.837   19.630  1.00 10.00 ? 11 DC H "C4'"  1 
ATOM 316  O "O4'"  . DC B 2 1  ? 4.213   9.526   18.385  1.00 10.00 ? 11 DC H "O4'"  1 
ATOM 317  C "C3'"  . DC B 2 1  ? 3.395   7.634   19.592  1.00 10.00 ? 11 DC H "C3'"  1 
ATOM 318  O "O3'"  . DC B 2 1  ? 2.090   7.997   20.015  1.00 10.00 ? 11 DC H "O3'"  1 
ATOM 319  C "C2'"  . DC B 2 1  ? 3.447   7.350   18.070  1.00 10.00 ? 11 DC H "C2'"  1 
ATOM 320  C "C1'"  . DC B 2 1  ? 3.337   8.778   17.543  1.00 10.00 ? 11 DC H "C1'"  1 
ATOM 321  N N1     . DC B 2 1  ? 3.733   8.847   16.112  1.00 10.00 ? 11 DC H N1     1 
ATOM 322  C C2     . DC B 2 1  ? 2.864   9.364   15.152  1.00 10.00 ? 11 DC H C2     1 
ATOM 323  O O2     . DC B 2 1  ? 1.729   9.729   15.442  1.00 10.00 ? 11 DC H O2     1 
ATOM 324  N N3     . DC B 2 1  ? 3.277   9.497   13.859  1.00 10.00 ? 11 DC H N3     1 
ATOM 325  C C4     . DC B 2 1  ? 4.506   9.096   13.518  1.00 10.00 ? 11 DC H C4     1 
ATOM 326  N N4     . DC B 2 1  ? 4.869   9.132   12.244  1.00 10.00 ? 11 DC H N4     1 
ATOM 327  C C5     . DC B 2 1  ? 5.415   8.565   14.473  1.00 10.00 ? 11 DC H C5     1 
ATOM 328  C C6     . DC B 2 1  ? 4.988   8.462   15.750  1.00 10.00 ? 11 DC H C6     1 
ATOM 329  H "H5'"  . DC B 2 1  ? 5.859   7.839   20.791  1.00 10.00 ? 11 DC H "H5'"  1 
ATOM 330  H "H5''" . DC B 2 1  ? 5.981   7.511   19.057  1.00 10.00 ? 11 DC H "H5''" 1 
ATOM 331  H "H4'"  . DC B 2 1  ? 4.112   9.497   20.467  1.00 10.00 ? 11 DC H "H4'"  1 
ATOM 332  H "H3'"  . DC B 2 1  ? 3.728   6.862   20.305  1.00 10.00 ? 11 DC H "H3'"  1 
ATOM 333  H "H2'"  . DC B 2 1  ? 4.358   6.862   17.707  1.00 10.00 ? 11 DC H "H2'"  1 
ATOM 334  H "H2''" . DC B 2 1  ? 2.627   6.763   17.680  1.00 10.00 ? 11 DC H "H2''" 1 
ATOM 335  H "H1'"  . DC B 2 1  ? 2.321   9.136   17.704  1.00 10.00 ? 11 DC H "H1'"  1 
ATOM 336  H H41    . DC B 2 1  ? 4.211   9.472   11.559  1.00 10.00 ? 11 DC H H41    1 
ATOM 337  H H42    . DC B 2 1  ? 5.714   8.653   11.943  1.00 10.00 ? 11 DC H H42    1 
ATOM 338  H H5     . DC B 2 1  ? 6.418   8.315   14.209  1.00 10.00 ? 11 DC H H5     1 
ATOM 339  H H6     . DC B 2 1  ? 5.609   8.043   16.520  1.00 10.00 ? 11 DC H H6     1 
ATOM 340  H "HO5'" . DC B 2 1  ? 6.644   9.912   20.376  1.00 10.00 ? 11 DC H "HO5'" 1 
ATOM 341  P P      . DG B 2 2  ? 0.941   6.868   20.093  1.00 10.00 ? 12 DG H P      1 
ATOM 342  O OP1    . DG B 2 2  ? 0.110   7.096   21.300  1.00 10.00 ? 12 DG H OP1    1 
ATOM 343  O OP2    . DG B 2 2  ? 1.555   5.516   19.933  1.00 10.00 ? 12 DG H OP2    1 
ATOM 344  O "O5'"  . DG B 2 2  ? 0.098   7.195   18.772  1.00 10.00 ? 12 DG H "O5'"  1 
ATOM 345  C "C5'"  . DG B 2 2  ? -1.260  7.566   18.832  1.00 10.00 ? 12 DG H "C5'"  1 
ATOM 346  C "C4'"  . DG B 2 2  ? -1.842  7.433   17.422  1.00 10.00 ? 12 DG H "C4'"  1 
ATOM 347  O "O4'"  . DG B 2 2  ? -0.969  7.982   16.448  1.00 10.00 ? 12 DG H "O4'"  1 
ATOM 348  C "C3'"  . DG B 2 2  ? -2.027  5.965   17.046  1.00 10.00 ? 12 DG H "C3'"  1 
ATOM 349  O "O3'"  . DG B 2 2  ? -3.232  5.462   17.614  1.00 10.00 ? 12 DG H "O3'"  1 
ATOM 350  C "C2'"  . DG B 2 2  ? -1.941  6.052   15.526  1.00 10.00 ? 12 DG H "C2'"  1 
ATOM 351  C "C1'"  . DG B 2 2  ? -1.276  7.387   15.206  1.00 10.00 ? 12 DG H "C1'"  1 
ATOM 352  N N9     . DG B 2 2  ? -0.053  7.210   14.393  1.00 10.00 ? 12 DG H N9     1 
ATOM 353  C C8     . DG B 2 2  ? 1.072   6.494   14.697  1.00 10.00 ? 12 DG H C8     1 
ATOM 354  N N7     . DG B 2 2  ? 1.991   6.501   13.762  1.00 10.00 ? 12 DG H N7     1 
ATOM 355  C C5     . DG B 2 2  ? 1.424   7.287   12.759  1.00 10.00 ? 12 DG H C5     1 
ATOM 356  C C6     . DG B 2 2  ? 1.929   7.667   11.476  1.00 10.00 ? 12 DG H C6     1 
ATOM 357  O O6     . DG B 2 2  ? 3.004   7.356   10.959  1.00 10.00 ? 12 DG H O6     1 
ATOM 358  N N1     . DG B 2 2  ? 1.039   8.459   10.766  1.00 10.00 ? 12 DG H N1     1 
ATOM 359  C C2     . DG B 2 2  ? -0.189  8.865   11.240  1.00 10.00 ? 12 DG H C2     1 
ATOM 360  N N2     . DG B 2 2  ? -0.937  9.649   10.477  1.00 10.00 ? 12 DG H N2     1 
ATOM 361  N N3     . DG B 2 2  ? -0.672  8.505   12.429  1.00 10.00 ? 12 DG H N3     1 
ATOM 362  C C4     . DG B 2 2  ? 0.180   7.725   13.143  1.00 10.00 ? 12 DG H C4     1 
ATOM 363  H "H5'"  . DG B 2 2  ? -1.373  8.593   19.183  1.00 10.00 ? 12 DG H "H5'"  1 
ATOM 364  H "H5''" . DG B 2 2  ? -1.814  6.906   19.498  1.00 10.00 ? 12 DG H "H5''" 1 
ATOM 365  H "H4'"  . DG B 2 2  ? -2.810  7.935   17.364  1.00 10.00 ? 12 DG H "H4'"  1 
ATOM 366  H "H3'"  . DG B 2 2  ? -1.175  5.380   17.404  1.00 10.00 ? 12 DG H "H3'"  1 
ATOM 367  H "H2'"  . DG B 2 2  ? -1.371  5.206   15.144  1.00 10.00 ? 12 DG H "H2'"  1 
ATOM 368  H "H2''" . DG B 2 2  ? -2.930  6.095   15.084  1.00 10.00 ? 12 DG H "H2''" 1 
ATOM 369  H "H1'"  . DG B 2 2  ? -2.012  7.989   14.661  1.00 10.00 ? 12 DG H "H1'"  1 
ATOM 370  H H8     . DG B 2 2  ? 1.155   5.948   15.627  1.00 10.00 ? 12 DG H H8     1 
ATOM 371  H H1     . DG B 2 2  ? 1.346   8.781   9.849   1.00 10.00 ? 12 DG H H1     1 
ATOM 372  H H21    . DG B 2 2  ? -0.639  9.926   9.552   1.00 10.00 ? 12 DG H H21    1 
ATOM 373  H H22    . DG B 2 2  ? -1.859  9.903   10.804  1.00 10.00 ? 12 DG H H22    1 
ATOM 374  P P      . DG B 2 3  ? -4.255  4.467   16.857  1.00 10.00 ? 13 DG H P      1 
ATOM 375  O OP1    . DG B 2 3  ? -5.130  3.778   17.839  1.00 10.00 ? 13 DG H OP1    1 
ATOM 376  O OP2    . DG B 2 3  ? -3.504  3.560   15.941  1.00 10.00 ? 13 DG H OP2    1 
ATOM 377  O "O5'"  . DG B 2 3  ? -5.107  5.526   15.988  1.00 10.00 ? 13 DG H "O5'"  1 
ATOM 378  C "C5'"  . DG B 2 3  ? -5.860  5.157   14.852  1.00 10.00 ? 13 DG H "C5'"  1 
ATOM 379  C "C4'"  . DG B 2 3  ? -6.142  6.380   13.964  1.00 10.00 ? 13 DG H "C4'"  1 
ATOM 380  O "O4'"  . DG B 2 3  ? -4.923  7.011   13.529  1.00 10.00 ? 13 DG H "O4'"  1 
ATOM 381  C "C3'"  . DG B 2 3  ? -6.836  5.839   12.713  1.00 10.00 ? 13 DG H "C3'"  1 
ATOM 382  O "O3'"  . DG B 2 3  ? -7.720  6.774   12.133  1.00 10.00 ? 13 DG H "O3'"  1 
ATOM 383  C "C2'"  . DG B 2 3  ? -5.595  5.547   11.931  1.00 10.00 ? 13 DG H "C2'"  1 
ATOM 384  C "C1'"  . DG B 2 3  ? -4.668  6.700   12.161  1.00 10.00 ? 13 DG H "C1'"  1 
ATOM 385  N N9     . DG B 2 3  ? -3.307  6.187   11.902  1.00 10.00 ? 13 DG H N9     1 
ATOM 386  C C8     . DG B 2 3  ? -2.733  5.159   12.583  1.00 10.00 ? 13 DG H C8     1 
ATOM 387  N N7     . DG B 2 3  ? -1.561  4.788   12.159  1.00 10.00 ? 13 DG H N7     1 
ATOM 388  C C5     . DG B 2 3  ? -1.379  5.599   11.050  1.00 10.00 ? 13 DG H C5     1 
ATOM 389  C C6     . DG B 2 3  ? -0.293  5.624   10.136  1.00 10.00 ? 13 DG H C6     1 
ATOM 390  O O6     . DG B 2 3  ? 0.801   5.101   10.291  1.00 10.00 ? 13 DG H O6     1 
ATOM 391  N N1     . DG B 2 3  ? -0.552  6.355   8.994   1.00 10.00 ? 13 DG H N1     1 
ATOM 392  C C2     . DG B 2 3  ? -1.692  7.108   8.823   1.00 10.00 ? 13 DG H C2     1 
ATOM 393  N N2     . DG B 2 3  ? -1.774  7.789   7.692   1.00 10.00 ? 13 DG H N2     1 
ATOM 394  N N3     . DG B 2 3  ? -2.689  7.166   9.717   1.00 10.00 ? 13 DG H N3     1 
ATOM 395  C C4     . DG B 2 3  ? -2.479  6.385   10.815  1.00 10.00 ? 13 DG H C4     1 
ATOM 396  H "H5'"  . DG B 2 3  ? -6.798  4.710   15.183  1.00 10.00 ? 13 DG H "H5'"  1 
ATOM 397  H "H5''" . DG B 2 3  ? -5.332  4.438   14.230  1.00 10.00 ? 13 DG H "H5''" 1 
ATOM 398  H "H4'"  . DG B 2 3  ? -6.774  7.083   14.505  1.00 10.00 ? 13 DG H "H4'"  1 
ATOM 399  H "H3'"  . DG B 2 3  ? -7.303  4.870   12.800  1.00 10.00 ? 13 DG H "H3'"  1 
ATOM 400  H "H2'"  . DG B 2 3  ? -5.181  4.608   12.227  1.00 10.00 ? 13 DG H "H2'"  1 
ATOM 401  H "H2''" . DG B 2 3  ? -5.772  5.416   10.930  1.00 10.00 ? 13 DG H "H2''" 1 
ATOM 402  H "H1'"  . DG B 2 3  ? -4.959  7.483   11.468  1.00 10.00 ? 13 DG H "H1'"  1 
ATOM 403  H H8     . DG B 2 3  ? -3.287  4.685   13.364  1.00 10.00 ? 13 DG H H8     1 
ATOM 404  H H1     . DG B 2 3  ? 0.156   6.352   8.258   1.00 10.00 ? 13 DG H H1     1 
ATOM 405  H H21    . DG B 2 3  ? -1.068  7.693   6.973   1.00 10.00 ? 13 DG H H21    1 
ATOM 406  H H22    . DG B 2 3  ? -2.550  8.432   7.550   1.00 10.00 ? 13 DG H H22    1 
ATOM 407  P P      . DT B 2 4  ? -8.669  6.378   10.897  1.00 10.00 ? 14 DT H P      1 
ATOM 408  O OP1    . DT B 2 4  ? -9.774  7.370   10.817  1.00 10.00 ? 14 DT H OP1    1 
ATOM 409  O OP2    . DT B 2 4  ? -9.171  4.988   11.046  1.00 10.00 ? 14 DT H OP2    1 
ATOM 410  O "O5'"  . DT B 2 4  ? -7.753  6.489   9.601   1.00 10.00 ? 14 DT H "O5'"  1 
ATOM 411  C "C5'"  . DT B 2 4  ? -7.370  7.759   9.123   1.00 10.00 ? 14 DT H "C5'"  1 
ATOM 412  C "C4'"  . DT B 2 4  ? -6.745  7.643   7.738   1.00 10.00 ? 14 DT H "C4'"  1 
ATOM 413  O "O4'"  . DT B 2 4  ? -5.426  7.134   7.780   1.00 10.00 ? 14 DT H "O4'"  1 
ATOM 414  C "C3'"  . DT B 2 4  ? -7.577  6.791   6.780   1.00 10.00 ? 14 DT H "C3'"  1 
ATOM 415  O "O3'"  . DT B 2 4  ? -7.559  7.423   5.512   1.00 10.00 ? 14 DT H "O3'"  1 
ATOM 416  C "C2'"  . DT B 2 4  ? -6.806  5.485   6.820   1.00 10.00 ? 14 DT H "C2'"  1 
ATOM 417  C "C1'"  . DT B 2 4  ? -5.371  5.990   6.954   1.00 10.00 ? 14 DT H "C1'"  1 
ATOM 418  N N1     . DT B 2 4  ? -4.488  5.015   7.612   1.00 10.00 ? 14 DT H N1     1 
ATOM 419  C C2     . DT B 2 4  ? -3.226  4.775   7.086   1.00 10.00 ? 14 DT H C2     1 
ATOM 420  O O2     . DT B 2 4  ? -2.812  5.278   6.042   1.00 10.00 ? 14 DT H O2     1 
ATOM 421  N N3     . DT B 2 4  ? -2.419  3.938   7.826   1.00 10.00 ? 14 DT H N3     1 
ATOM 422  C C4     . DT B 2 4  ? -2.776  3.291   8.980   1.00 10.00 ? 14 DT H C4     1 
ATOM 423  O O4     . DT B 2 4  ? -1.953  2.590   9.554   1.00 10.00 ? 14 DT H O4     1 
ATOM 424  C C5     . DT B 2 4  ? -4.121  3.558   9.445   1.00 10.00 ? 14 DT H C5     1 
ATOM 425  C C7     . DT B 2 4  ? -4.660  2.748   10.607  1.00 10.00 ? 14 DT H C7     1 
ATOM 426  C C6     . DT B 2 4  ? -4.917  4.423   8.767   1.00 10.00 ? 14 DT H C6     1 
ATOM 427  H "H5'"  . DT B 2 4  ? -6.667  8.226   9.813   1.00 10.00 ? 14 DT H "H5'"  1 
ATOM 428  H "H5''" . DT B 2 4  ? -8.250  8.399   9.029   1.00 10.00 ? 14 DT H "H5''" 1 
ATOM 429  H "H4'"  . DT B 2 4  ? -6.669  8.639   7.349   1.00 10.00 ? 14 DT H "H4'"  1 
ATOM 430  H "H3'"  . DT B 2 4  ? -8.586  6.634   7.155   1.00 10.00 ? 14 DT H "H3'"  1 
ATOM 431  H "H2'"  . DT B 2 4  ? -7.209  4.935   7.660   1.00 10.00 ? 14 DT H "H2'"  1 
ATOM 432  H "H2''" . DT B 2 4  ? -6.928  4.843   5.967   1.00 10.00 ? 14 DT H "H2''" 1 
ATOM 433  H "H1'"  . DT B 2 4  ? -5.021  6.286   5.969   1.00 10.00 ? 14 DT H "H1'"  1 
ATOM 434  H H3     . DT B 2 4  ? -1.465  3.776   7.527   1.00 10.00 ? 14 DT H H3     1 
ATOM 435  H H71    . DT B 2 4  ? -4.598  1.693   10.341  1.00 10.00 ? 14 DT H H71    1 
ATOM 436  H H72    . DT B 2 4  ? -4.060  2.894   11.502  1.00 10.00 ? 14 DT H H72    1 
ATOM 437  H H73    . DT B 2 4  ? -5.711  2.965   10.802  1.00 10.00 ? 14 DT H H73    1 
ATOM 438  H H6     . DT B 2 4  ? -5.898  4.738   9.126   1.00 10.00 ? 14 DT H H6     1 
ATOM 439  P P      . DG B 2 5  ? -8.082  6.692   4.192   1.00 10.00 ? 15 DG H P      1 
ATOM 440  O OP1    . DG B 2 5  ? -8.677  7.713   3.285   1.00 10.00 ? 15 DG H OP1    1 
ATOM 441  O OP2    . DG B 2 5  ? -9.012  5.597   4.583   1.00 10.00 ? 15 DG H OP2    1 
ATOM 442  O "O5'"  . DG B 2 5  ? -6.727  6.116   3.541   1.00 10.00 ? 15 DG H "O5'"  1 
ATOM 443  C "C5'"  . DG B 2 5  ? -5.708  7.019   3.147   1.00 10.00 ? 15 DG H "C5'"  1 
ATOM 444  C "C4'"  . DG B 2 5  ? -4.587  6.353   2.350   1.00 10.00 ? 15 DG H "C4'"  1 
ATOM 445  O "O4'"  . DG B 2 5  ? -3.862  5.446   3.156   1.00 10.00 ? 15 DG H "O4'"  1 
ATOM 446  C "C3'"  . DG B 2 5  ? -5.137  5.555   1.173   1.00 10.00 ? 15 DG H "C3'"  1 
ATOM 447  O "O3'"  . DG B 2 5  ? -4.254  5.566   0.088   1.00 10.00 ? 15 DG H "O3'"  1 
ATOM 448  C "C2'"  . DG B 2 5  ? -5.157  4.149   1.714   1.00 10.00 ? 15 DG H "C2'"  1 
ATOM 449  C "C1'"  . DG B 2 5  ? -3.901  4.164   2.555   1.00 10.00 ? 15 DG H "C1'"  1 
ATOM 450  N N9     . DG B 2 5  ? -3.935  3.163   3.636   1.00 10.00 ? 15 DG H N9     1 
ATOM 451  C C8     . DG B 2 5  ? -4.864  3.002   4.625   1.00 10.00 ? 15 DG H C8     1 
ATOM 452  N N7     . DG B 2 5  ? -4.471  2.265   5.628   1.00 10.00 ? 15 DG H N7     1 
ATOM 453  C C5     . DG B 2 5  ? -3.202  1.852   5.236   1.00 10.00 ? 15 DG H C5     1 
ATOM 454  C C6     . DG B 2 5  ? -2.227  1.071   5.921   1.00 10.00 ? 15 DG H C6     1 
ATOM 455  O O6     . DG B 2 5  ? -2.274  0.682   7.087   1.00 10.00 ? 15 DG H O6     1 
ATOM 456  N N1     . DG B 2 5  ? -1.124  0.780   5.134   1.00 10.00 ? 15 DG H N1     1 
ATOM 457  C C2     . DG B 2 5  ? -0.926  1.287   3.867   1.00 10.00 ? 15 DG H C2     1 
ATOM 458  N N2     . DG B 2 5  ? 0.153   0.950   3.171   1.00 10.00 ? 15 DG H N2     1 
ATOM 459  N N3     . DG B 2 5  ? -1.784  2.114   3.268   1.00 10.00 ? 15 DG H N3     1 
ATOM 460  C C4     . DG B 2 5  ? -2.902  2.343   3.992   1.00 10.00 ? 15 DG H C4     1 
ATOM 461  H "H5'"  . DG B 2 5  ? -5.297  7.514   4.021   1.00 10.00 ? 15 DG H "H5'"  1 
ATOM 462  H "H5''" . DG B 2 5  ? -6.157  7.777   2.515   1.00 10.00 ? 15 DG H "H5''" 1 
ATOM 463  H "H4'"  . DG B 2 5  ? -3.912  7.135   2.016   1.00 10.00 ? 15 DG H "H4'"  1 
ATOM 464  H "H3'"  . DG B 2 5  ? -6.118  5.874   0.855   1.00 10.00 ? 15 DG H "H3'"  1 
ATOM 465  H "H2'"  . DG B 2 5  ? -6.022  4.047   2.347   1.00 10.00 ? 15 DG H "H2'"  1 
ATOM 466  H "H2''" . DG B 2 5  ? -5.142  3.381   0.946   1.00 10.00 ? 15 DG H "H2''" 1 
ATOM 467  H "H1'"  . DG B 2 5  ? -3.048  4.040   1.884   1.00 10.00 ? 15 DG H "H1'"  1 
ATOM 468  H H8     . DG B 2 5  ? -5.820  3.488   4.599   1.00 10.00 ? 15 DG H H8     1 
ATOM 469  H H1     . DG B 2 5  ? -0.394  0.248   5.609   1.00 10.00 ? 15 DG H H1     1 
ATOM 470  H H21    . DG B 2 5  ? 0.866   0.358   3.569   1.00 10.00 ? 15 DG H H21    1 
ATOM 471  H H22    . DG B 2 5  ? 0.278   1.370   2.262   1.00 10.00 ? 15 DG H H22    1 
ATOM 472  P P      . DC B 2 6  ? -4.261  6.747   -0.969  1.00 10.00 ? 16 DC H P      1 
ATOM 473  O OP1    . DC B 2 6  ? -4.685  7.987   -0.289  1.00 10.00 ? 16 DC H OP1    1 
ATOM 474  O OP2    . DC B 2 6  ? -5.150  6.321   -2.085  1.00 10.00 ? 16 DC H OP2    1 
ATOM 475  O "O5'"  . DC B 2 6  ? -2.717  6.823   -1.394  1.00 10.00 ? 16 DC H "O5'"  1 
ATOM 476  C "C5'"  . DC B 2 6  ? -1.776  7.391   -0.503  1.00 10.00 ? 16 DC H "C5'"  1 
ATOM 477  C "C4'"  . DC B 2 6  ? -0.354  7.205   -1.023  1.00 10.00 ? 16 DC H "C4'"  1 
ATOM 478  O "O4'"  . DC B 2 6  ? 0.009   5.840   -1.149  1.00 10.00 ? 16 DC H "O4'"  1 
ATOM 479  C "C3'"  . DC B 2 6  ? -0.091  7.955   -2.328  1.00 10.00 ? 16 DC H "C3'"  1 
ATOM 480  O "O3'"  . DC B 2 6  ? 0.470   9.211   -2.005  1.00 10.00 ? 16 DC H "O3'"  1 
ATOM 481  C "C2'"  . DC B 2 6  ? 0.835   6.994   -3.034  1.00 10.00 ? 16 DC H "C2'"  1 
ATOM 482  C "C1'"  . DC B 2 6  ? 0.914   5.701   -2.235  1.00 10.00 ? 16 DC H "C1'"  1 
ATOM 483  N N1     . DC B 2 6  ? 0.384   4.642   -3.108  1.00 10.00 ? 16 DC H N1     1 
ATOM 484  C C2     . DC B 2 6  ? 1.193   3.641   -3.637  1.00 10.00 ? 16 DC H C2     1 
ATOM 485  O O2     . DC B 2 6  ? 2.347   3.451   -3.258  1.00 10.00 ? 16 DC H O2     1 
ATOM 486  N N3     . DC B 2 6  ? 0.680   2.866   -4.635  1.00 10.00 ? 16 DC H N3     1 
ATOM 487  C C4     . DC B 2 6  ? -0.582  3.041   -5.049  1.00 10.00 ? 16 DC H C4     1 
ATOM 488  N N4     . DC B 2 6  ? -0.950  2.417   -6.153  1.00 10.00 ? 16 DC H N4     1 
ATOM 489  C C5     . DC B 2 6  ? -1.478  3.941   -4.386  1.00 10.00 ? 16 DC H C5     1 
ATOM 490  C C6     . DC B 2 6  ? -0.914  4.772   -3.487  1.00 10.00 ? 16 DC H C6     1 
ATOM 491  H "H5'"  . DC B 2 6  ? -1.859  6.897   0.470   1.00 10.00 ? 16 DC H "H5'"  1 
ATOM 492  H "H5''" . DC B 2 6  ? -1.984  8.455   -0.379  1.00 10.00 ? 16 DC H "H5''" 1 
ATOM 493  H "H4'"  . DC B 2 6  ? 0.321   7.604   -0.280  1.00 10.00 ? 16 DC H "H4'"  1 
ATOM 494  H "H3'"  . DC B 2 6  ? -0.949  8.077   -2.982  1.00 10.00 ? 16 DC H "H3'"  1 
ATOM 495  H "H2'"  . DC B 2 6  ? 0.476   6.860   -4.054  1.00 10.00 ? 16 DC H "H2'"  1 
ATOM 496  H "H2''" . DC B 2 6  ? 1.816   7.389   -3.034  1.00 10.00 ? 16 DC H "H2''" 1 
ATOM 497  H "H1'"  . DC B 2 6  ? 1.945   5.545   -1.919  1.00 10.00 ? 16 DC H "H1'"  1 
ATOM 498  H H41    . DC B 2 6  ? -0.276  1.825   -6.620  1.00 10.00 ? 16 DC H H41    1 
ATOM 499  H H42    . DC B 2 6  ? -1.876  2.567   -6.554  1.00 10.00 ? 16 DC H H42    1 
ATOM 500  H H5     . DC B 2 6  ? -2.515  4.098   -4.645  1.00 10.00 ? 16 DC H H5     1 
ATOM 501  H H6     . DC B 2 6  ? -1.425  5.629   -3.070  1.00 10.00 ? 16 DC H H6     1 
ATOM 502  P P      . DG B 2 7  ? 1.081   10.225  -3.089  1.00 10.00 ? 17 DG H P      1 
ATOM 503  O OP1    . DG B 2 7  ? 1.188   11.570  -2.451  1.00 10.00 ? 17 DG H OP1    1 
ATOM 504  O OP2    . DG B 2 7  ? 0.270   10.152  -4.330  1.00 10.00 ? 17 DG H OP2    1 
ATOM 505  O "O5'"  . DG B 2 7  ? 2.560   9.639   -3.400  1.00 10.00 ? 17 DG H "O5'"  1 
ATOM 506  C "C5'"  . DG B 2 7  ? 3.469   9.419   -2.336  1.00 10.00 ? 17 DG H "C5'"  1 
ATOM 507  C "C4'"  . DG B 2 7  ? 4.588   8.375   -2.574  1.00 10.00 ? 17 DG H "C4'"  1 
ATOM 508  O "O4'"  . DG B 2 7  ? 4.152   7.078   -2.972  1.00 10.00 ? 17 DG H "O4'"  1 
ATOM 509  C "C3'"  . DG B 2 7  ? 5.782   8.776   -3.449  1.00 10.00 ? 17 DG H "C3'"  1 
ATOM 510  O "O3'"  . DG B 2 7  ? 6.960   8.354   -2.783  1.00 10.00 ? 17 DG H "O3'"  1 
ATOM 511  C "C2'"  . DG B 2 7  ? 5.437   7.965   -4.684  1.00 10.00 ? 17 DG H "C2'"  1 
ATOM 512  C "C1'"  . DG B 2 7  ? 4.793   6.667   -4.169  1.00 10.00 ? 17 DG H "C1'"  1 
ATOM 513  N N9     . DG B 2 7  ? 3.761   6.208   -5.125  1.00 10.00 ? 17 DG H N9     1 
ATOM 514  C C8     . DG B 2 7  ? 2.726   6.998   -5.487  1.00 10.00 ? 17 DG H C8     1 
ATOM 515  N N7     . DG B 2 7  ? 1.873   6.482   -6.325  1.00 10.00 ? 17 DG H N7     1 
ATOM 516  C C5     . DG B 2 7  ? 2.430   5.225   -6.566  1.00 10.00 ? 17 DG H C5     1 
ATOM 517  C C6     . DG B 2 7  ? 1.999   4.215   -7.473  1.00 10.00 ? 17 DG H C6     1 
ATOM 518  O O6     . DG B 2 7  ? 1.041   4.272   -8.236  1.00 10.00 ? 17 DG H O6     1 
ATOM 519  N N1     . DG B 2 7  ? 2.793   3.090   -7.472  1.00 10.00 ? 17 DG H N1     1 
ATOM 520  C C2     . DG B 2 7  ? 3.917   2.955   -6.699  1.00 10.00 ? 17 DG H C2     1 
ATOM 521  N N2     . DG B 2 7  ? 4.641   1.856   -6.893  1.00 10.00 ? 17 DG H N2     1 
ATOM 522  N N3     . DG B 2 7  ? 4.369   3.913   -5.867  1.00 10.00 ? 17 DG H N3     1 
ATOM 523  C C4     . DG B 2 7  ? 3.582   5.028   -5.832  1.00 10.00 ? 17 DG H C4     1 
ATOM 524  H "H5'"  . DG B 2 7  ? 2.912   9.052   -1.480  1.00 10.00 ? 17 DG H "H5'"  1 
ATOM 525  H "H5''" . DG B 2 7  ? 3.918   10.370  -2.068  1.00 10.00 ? 17 DG H "H5''" 1 
ATOM 526  H "H4'"  . DG B 2 7  ? 4.969   8.244   -1.582  1.00 10.00 ? 17 DG H "H4'"  1 
ATOM 527  H "H3'"  . DG B 2 7  ? 5.814   9.846   -3.650  1.00 10.00 ? 17 DG H "H3'"  1 
ATOM 528  H "H2'"  . DG B 2 7  ? 4.749   8.574   -5.266  1.00 10.00 ? 17 DG H "H2'"  1 
ATOM 529  H "H2''" . DG B 2 7  ? 6.283   7.758   -5.302  1.00 10.00 ? 17 DG H "H2''" 1 
ATOM 530  H "H1'"  . DG B 2 7  ? 5.537   5.896   -3.948  1.00 10.00 ? 17 DG H "H1'"  1 
ATOM 531  H H8     . DG B 2 7  ? 2.698   7.974   -5.036  1.00 10.00 ? 17 DG H H8     1 
ATOM 532  H H1     . DG B 2 7  ? 2.505   2.358   -8.122  1.00 10.00 ? 17 DG H H1     1 
ATOM 533  H H21    . DG B 2 7  ? 4.363   1.171   -7.591  1.00 10.00 ? 17 DG H H21    1 
ATOM 534  H H22    . DG B 2 7  ? 5.482   1.727   -6.357  1.00 10.00 ? 17 DG H H22    1 
ATOM 535  P P      . DT B 2 8  ? 8.467   8.548   -3.348  1.00 10.00 ? 18 DT H P      1 
ATOM 536  O OP1    . DT B 2 8  ? 9.284   8.097   -2.198  1.00 10.00 ? 18 DT H OP1    1 
ATOM 537  O OP2    . DT B 2 8  ? 8.721   9.926   -3.870  1.00 10.00 ? 18 DT H OP2    1 
ATOM 538  O "O5'"  . DT B 2 8  ? 8.571   7.442   -4.491  1.00 10.00 ? 18 DT H "O5'"  1 
ATOM 539  C "C5'"  . DT B 2 8  ? 8.602   6.076   -4.134  1.00 10.00 ? 18 DT H "C5'"  1 
ATOM 540  C "C4'"  . DT B 2 8  ? 8.365   5.200   -5.349  1.00 10.00 ? 18 DT H "C4'"  1 
ATOM 541  O "O4'"  . DT B 2 8  ? 7.108   5.418   -5.957  1.00 10.00 ? 18 DT H "O4'"  1 
ATOM 542  C "C3'"  . DT B 2 8  ? 9.421   5.430   -6.419  1.00 10.00 ? 18 DT H "C3'"  1 
ATOM 543  O "O3'"  . DT B 2 8  ? 10.280  4.299   -6.422  1.00 10.00 ? 18 DT H "O3'"  1 
ATOM 544  C "C2'"  . DT B 2 8  ? 8.580   5.630   -7.672  1.00 10.00 ? 18 DT H "C2'"  1 
ATOM 545  C "C1'"  . DT B 2 8  ? 7.242   5.004   -7.303  1.00 10.00 ? 18 DT H "C1'"  1 
ATOM 546  N N1     . DT B 2 8  ? 6.093   5.467   -8.137  1.00 10.00 ? 18 DT H N1     1 
ATOM 547  C C2     . DT B 2 8  ? 5.460   4.552   -8.977  1.00 10.00 ? 18 DT H C2     1 
ATOM 548  O O2     . DT B 2 8  ? 5.884   3.420   -9.188  1.00 10.00 ? 18 DT H O2     1 
ATOM 549  N N3     . DT B 2 8  ? 4.300   4.981   -9.593  1.00 10.00 ? 18 DT H N3     1 
ATOM 550  C C4     . DT B 2 8  ? 3.761   6.248   -9.517  1.00 10.00 ? 18 DT H C4     1 
ATOM 551  O O4     . DT B 2 8  ? 2.777   6.540   -10.188 1.00 10.00 ? 18 DT H O4     1 
ATOM 552  C C5     . DT B 2 8  ? 4.470   7.150   -8.634  1.00 10.00 ? 18 DT H C5     1 
ATOM 553  C C7     . DT B 2 8  ? 3.937   8.553   -8.425  1.00 10.00 ? 18 DT H C7     1 
ATOM 554  C C6     . DT B 2 8  ? 5.590   6.738   -7.993  1.00 10.00 ? 18 DT H C6     1 
ATOM 555  H "H5'"  . DT B 2 8  ? 7.832   5.855   -3.386  1.00 10.00 ? 18 DT H "H5'"  1 
ATOM 556  H "H5''" . DT B 2 8  ? 9.578   5.843   -3.716  1.00 10.00 ? 18 DT H "H5''" 1 
ATOM 557  H "H4'"  . DT B 2 8  ? 8.386   4.157   -5.031  1.00 10.00 ? 18 DT H "H4'"  1 
ATOM 558  H "H3'"  . DT B 2 8  ? 9.992   6.334   -6.269  1.00 10.00 ? 18 DT H "H3'"  1 
ATOM 559  H "H2'"  . DT B 2 8  ? 8.455   6.701   -7.835  1.00 10.00 ? 18 DT H "H2'"  1 
ATOM 560  H "H2''" . DT B 2 8  ? 9.081   5.177   -8.511  1.00 10.00 ? 18 DT H "H2''" 1 
ATOM 561  H "H1'"  . DT B 2 8  ? 7.333   3.927   -7.308  1.00 10.00 ? 18 DT H "H1'"  1 
ATOM 562  H H3     . DT B 2 8  ? 3.862   4.339   -10.249 1.00 10.00 ? 18 DT H H3     1 
ATOM 563  H H71    . DT B 2 8  ? 4.543   9.119   -7.715  1.00 10.00 ? 18 DT H H71    1 
ATOM 564  H H72    . DT B 2 8  ? 3.938   9.081   -9.378  1.00 10.00 ? 18 DT H H72    1 
ATOM 565  H H73    . DT B 2 8  ? 2.911   8.501   -8.061  1.00 10.00 ? 18 DT H H73    1 
ATOM 566  H H6     . DT B 2 8  ? 6.097   7.418   -7.343  1.00 10.00 ? 18 DT H H6     1 
ATOM 567  P P      . DC B 2 9  ? 11.617  4.233   -7.298  1.00 10.00 ? 19 DC H P      1 
ATOM 568  O OP1    . DC B 2 9  ? 12.645  3.554   -6.453  1.00 10.00 ? 19 DC H OP1    1 
ATOM 569  O OP2    . DC B 2 9  ? 11.926  5.605   -7.779  1.00 10.00 ? 19 DC H OP2    1 
ATOM 570  O "O5'"  . DC B 2 9  ? 11.187  3.255   -8.508  1.00 10.00 ? 19 DC H "O5'"  1 
ATOM 571  C "C5'"  . DC B 2 9  ? 10.867  1.895   -8.232  1.00 10.00 ? 19 DC H "C5'"  1 
ATOM 572  C "C4'"  . DC B 2 9  ? 10.439  1.061   -9.450  1.00 10.00 ? 19 DC H "C4'"  1 
ATOM 573  O "O4'"  . DC B 2 9  ? 9.194   1.505   -9.968  1.00 10.00 ? 19 DC H "O4'"  1 
ATOM 574  C "C3'"  . DC B 2 9  ? 11.488  1.078   -10.568 1.00 10.00 ? 19 DC H "C3'"  1 
ATOM 575  O "O3'"  . DC B 2 9  ? 11.760  -0.263  -10.957 1.00 10.00 ? 19 DC H "O3'"  1 
ATOM 576  C "C2'"  . DC B 2 9  ? 10.785  1.908   -11.638 1.00 10.00 ? 19 DC H "C2'"  1 
ATOM 577  C "C1'"  . DC B 2 9  ? 9.294   1.706   -11.367 1.00 10.00 ? 19 DC H "C1'"  1 
ATOM 578  N N1     . DC B 2 9  ? 8.493   2.911   -11.686 1.00 10.00 ? 19 DC H N1     1 
ATOM 579  C C2     . DC B 2 9  ? 7.337   2.832   -12.468 1.00 10.00 ? 19 DC H C2     1 
ATOM 580  O O2     . DC B 2 9  ? 7.058   1.841   -13.147 1.00 10.00 ? 19 DC H O2     1 
ATOM 581  N N3     . DC B 2 9  ? 6.508   3.915   -12.520 1.00 10.00 ? 19 DC H N3     1 
ATOM 582  C C4     . DC B 2 9  ? 6.812   5.025   -11.837 1.00 10.00 ? 19 DC H C4     1 
ATOM 583  N N4     . DC B 2 9  ? 5.953   6.033   -11.822 1.00 10.00 ? 19 DC H N4     1 
ATOM 584  C C5     . DC B 2 9  ? 8.010   5.154   -11.083 1.00 10.00 ? 19 DC H C5     1 
ATOM 585  C C6     . DC B 2 9  ? 8.812   4.071   -11.040 1.00 10.00 ? 19 DC H C6     1 
ATOM 586  H "H5'"  . DC B 2 9  ? 10.065  1.852   -7.495  1.00 10.00 ? 19 DC H "H5'"  1 
ATOM 587  H "H5''" . DC B 2 9  ? 11.757  1.426   -7.813  1.00 10.00 ? 19 DC H "H5''" 1 
ATOM 588  H "H4'"  . DC B 2 9  ? 10.297  0.036   -9.099  1.00 10.00 ? 19 DC H "H4'"  1 
ATOM 589  H "H3'"  . DC B 2 9  ? 12.407  1.559   -10.235 1.00 10.00 ? 19 DC H "H3'"  1 
ATOM 590  H "H2'"  . DC B 2 9  ? 11.121  2.941   -11.576 1.00 10.00 ? 19 DC H "H2'"  1 
ATOM 591  H "H2''" . DC B 2 9  ? 11.017  1.568   -12.621 1.00 10.00 ? 19 DC H "H2''" 1 
ATOM 592  H "H1'"  . DC B 2 9  ? 8.970   0.820   -11.912 1.00 10.00 ? 19 DC H "H1'"  1 
ATOM 593  H H41    . DC B 2 9  ? 5.054   5.889   -12.263 1.00 10.00 ? 19 DC H H41    1 
ATOM 594  H H42    . DC B 2 9  ? 6.150   6.884   -11.321 1.00 10.00 ? 19 DC H H42    1 
ATOM 595  H H5     . DC B 2 9  ? 8.254   6.035   -10.506 1.00 10.00 ? 19 DC H H5     1 
ATOM 596  H H6     . DC B 2 9  ? 9.738   4.083   -10.490 1.00 10.00 ? 19 DC H H6     1 
ATOM 597  P P      . DC B 2 10 ? 12.810  -0.629  -12.123 1.00 10.00 ? 20 DC H P      1 
ATOM 598  O OP1    . DC B 2 10 ? 13.245  -2.053  -12.005 1.00 10.00 ? 20 DC H OP1    1 
ATOM 599  O OP2    . DC B 2 10 ? 13.887  0.396   -12.166 1.00 10.00 ? 20 DC H OP2    1 
ATOM 600  O "O5'"  . DC B 2 10 ? 11.968  -0.570  -13.497 1.00 10.00 ? 20 DC H "O5'"  1 
ATOM 601  C "C5'"  . DC B 2 10 ? 12.390  0.203   -14.606 1.00 10.00 ? 20 DC H "C5'"  1 
ATOM 602  C "C4'"  . DC B 2 10 ? 11.376  0.081   -15.735 1.00 10.00 ? 20 DC H "C4'"  1 
ATOM 603  O "O4'"  . DC B 2 10 ? 10.036  0.319   -15.316 1.00 10.00 ? 20 DC H "O4'"  1 
ATOM 604  C "C3'"  . DC B 2 10 ? 11.640  1.036   -16.894 1.00 10.00 ? 20 DC H "C3'"  1 
ATOM 605  O "O3'"  . DC B 2 10 ? 12.617  0.543   -17.784 1.00 10.00 ? 20 DC H "O3'"  1 
ATOM 606  C "C2'"  . DC B 2 10 ? 10.264  1.059   -17.543 1.00 10.00 ? 20 DC H "C2'"  1 
ATOM 607  C "C1'"  . DC B 2 10 ? 9.324   1.012   -16.336 1.00 10.00 ? 20 DC H "C1'"  1 
ATOM 608  N N1     . DC B 2 10 ? 8.964   2.383   -15.882 1.00 10.00 ? 20 DC H N1     1 
ATOM 609  C C2     . DC B 2 10 ? 7.914   3.055   -16.496 1.00 10.00 ? 20 DC H C2     1 
ATOM 610  O O2     . DC B 2 10 ? 7.311   2.549   -17.451 1.00 10.00 ? 20 DC H O2     1 
ATOM 611  N N3     . DC B 2 10 ? 7.558   4.308   -16.065 1.00 10.00 ? 20 DC H N3     1 
ATOM 612  C C4     . DC B 2 10 ? 8.248   4.876   -15.084 1.00 10.00 ? 20 DC H C4     1 
ATOM 613  N N4     . DC B 2 10 ? 7.916   6.088   -14.650 1.00 10.00 ? 20 DC H N4     1 
ATOM 614  C C5     . DC B 2 10 ? 9.358   4.232   -14.455 1.00 10.00 ? 20 DC H C5     1 
ATOM 615  C C6     . DC B 2 10 ? 9.670   3.001   -14.876 1.00 10.00 ? 20 DC H C6     1 
ATOM 616  H "H5'"  . DC B 2 10 ? 13.369  -0.132  -14.951 1.00 10.00 ? 20 DC H "H5'"  1 
ATOM 617  H "H5''" . DC B 2 10 ? 12.449  1.246   -14.352 1.00 10.00 ? 20 DC H "H5''" 1 
ATOM 618  H "H4'"  . DC B 2 10 ? 11.442  -0.935  -16.088 1.00 10.00 ? 20 DC H "H4'"  1 
ATOM 619  H "H3'"  . DC B 2 10 ? 11.904  2.032   -16.536 1.00 10.00 ? 20 DC H "H3'"  1 
ATOM 620  H "HO3'" . DC B 2 10 ? 13.453  0.479   -17.315 1.00 10.00 ? 20 DC H "HO3'" 1 
ATOM 621  H "H2'"  . DC B 2 10 ? 10.114  1.934   -18.178 1.00 10.00 ? 20 DC H "H2'"  1 
ATOM 622  H "H2''" . DC B 2 10 ? 10.136  0.147   -18.125 1.00 10.00 ? 20 DC H "H2''" 1 
ATOM 623  H "H1'"  . DC B 2 10 ? 8.421   0.447   -16.580 1.00 10.00 ? 20 DC H "H1'"  1 
ATOM 624  H H41    . DC B 2 10 ? 7.093   6.563   -14.996 1.00 10.00 ? 20 DC H H41    1 
ATOM 625  H H42    . DC B 2 10 ? 8.524   6.559   -13.991 1.00 10.00 ? 20 DC H H42    1 
ATOM 626  H H5     . DC B 2 10 ? 9.942   4.674   -13.666 1.00 10.00 ? 20 DC H H5     1 
ATOM 627  H H6     . DC B 2 10 ? 10.488  2.499   -14.392 1.00 10.00 ? 20 DC H H6     1 
ATOM 628  O "O5'"  . DG C 3 1  ? 0.926   11.580  -20.082 1.00 10.00 ? 21 DG R "O5'"  1 
ATOM 629  C "C5'"  . DG C 3 1  ? 0.569   11.099  -21.361 1.00 10.00 ? 21 DG R "C5'"  1 
ATOM 630  C "C4'"  . DG C 3 1  ? 1.105   9.681   -21.585 1.00 10.00 ? 21 DG R "C4'"  1 
ATOM 631  O "O4'"  . DG C 3 1  ? 2.508   9.616   -21.395 1.00 10.00 ? 21 DG R "O4'"  1 
ATOM 632  C "C3'"  . DG C 3 1  ? 0.485   8.637   -20.662 1.00 10.00 ? 21 DG R "C3'"  1 
ATOM 633  O "O3'"  . DG C 3 1  ? -0.747  8.194   -21.185 1.00 10.00 ? 21 DG R "O3'"  1 
ATOM 634  C "C2'"  . DG C 3 1  ? 1.542   7.549   -20.757 1.00 10.00 ? 21 DG R "C2'"  1 
ATOM 635  C "C1'"  . DG C 3 1  ? 2.840   8.347   -20.857 1.00 10.00 ? 21 DG R "C1'"  1 
ATOM 636  N N9     . DG C 3 1  ? 3.465   8.516   -19.526 1.00 10.00 ? 21 DG R N9     1 
ATOM 637  C C8     . DG C 3 1  ? 3.619   9.668   -18.793 1.00 10.00 ? 21 DG R C8     1 
ATOM 638  N N7     . DG C 3 1  ? 4.352   9.535   -17.720 1.00 10.00 ? 21 DG R N7     1 
ATOM 639  C C5     . DG C 3 1  ? 4.691   8.180   -17.738 1.00 10.00 ? 21 DG R C5     1 
ATOM 640  C C6     . DG C 3 1  ? 5.507   7.439   -16.833 1.00 10.00 ? 21 DG R C6     1 
ATOM 641  O O6     . DG C 3 1  ? 6.037   7.848   -15.808 1.00 10.00 ? 21 DG R O6     1 
ATOM 642  N N1     . DG C 3 1  ? 5.694   6.122   -17.240 1.00 10.00 ? 21 DG R N1     1 
ATOM 643  C C2     . DG C 3 1  ? 5.059   5.549   -18.306 1.00 10.00 ? 21 DG R C2     1 
ATOM 644  N N2     . DG C 3 1  ? 5.236   4.239   -18.469 1.00 10.00 ? 21 DG R N2     1 
ATOM 645  N N3     . DG C 3 1  ? 4.250   6.222   -19.145 1.00 10.00 ? 21 DG R N3     1 
ATOM 646  C C4     . DG C 3 1  ? 4.136   7.545   -18.815 1.00 10.00 ? 21 DG R C4     1 
ATOM 647  H "H5'"  . DG C 3 1  ? 0.992   11.764  -22.112 1.00 10.00 ? 21 DG R "H5'"  1 
ATOM 648  H "H5''" . DG C 3 1  ? -0.517  11.101  -21.458 1.00 10.00 ? 21 DG R "H5''" 1 
ATOM 649  H "H4'"  . DG C 3 1  ? 0.905   9.383   -22.614 1.00 10.00 ? 21 DG R "H4'"  1 
ATOM 650  H "H3'"  . DG C 3 1  ? 0.406   9.011   -19.638 1.00 10.00 ? 21 DG R "H3'"  1 
ATOM 651  H "H2'"  . DG C 3 1  ? 1.511   6.875   -19.900 1.00 10.00 ? 21 DG R "H2'"  1 
ATOM 652  H "H2''" . DG C 3 1  ? 1.398   6.993   -21.686 1.00 10.00 ? 21 DG R "H2''" 1 
ATOM 653  H "H1'"  . DG C 3 1  ? 3.536   7.838   -21.524 1.00 10.00 ? 21 DG R "H1'"  1 
ATOM 654  H H8     . DG C 3 1  ? 3.200   10.618  -19.092 1.00 10.00 ? 21 DG R H8     1 
ATOM 655  H H1     . DG C 3 1  ? 6.335   5.538   -16.700 1.00 10.00 ? 21 DG R H1     1 
ATOM 656  H H21    . DG C 3 1  ? 5.921   3.733   -17.916 1.00 10.00 ? 21 DG R H21    1 
ATOM 657  H H22    . DG C 3 1  ? 4.609   3.699   -19.062 1.00 10.00 ? 21 DG R H22    1 
ATOM 658  H "HO5'" . DG C 3 1  ? 0.452   11.072  -19.419 1.00 10.00 ? 21 DG R "HO5'" 1 
ATOM 659  P P      . DG C 3 2  ? -1.765  7.311   -20.311 1.00 10.00 ? 22 DG R P      1 
ATOM 660  O OP1    . DG C 3 2  ? -2.925  6.952   -21.145 1.00 10.00 ? 22 DG R OP1    1 
ATOM 661  O OP2    . DG C 3 2  ? -2.123  8.054   -19.062 1.00 10.00 ? 22 DG R OP2    1 
ATOM 662  O "O5'"  . DG C 3 2  ? -1.004  5.948   -19.912 1.00 10.00 ? 22 DG R "O5'"  1 
ATOM 663  C "C5'"  . DG C 3 2  ? -0.940  4.866   -20.823 1.00 10.00 ? 22 DG R "C5'"  1 
ATOM 664  C "C4'"  . DG C 3 2  ? -0.360  3.636   -20.129 1.00 10.00 ? 22 DG R "C4'"  1 
ATOM 665  O "O4'"  . DG C 3 2  ? 0.877   3.983   -19.529 1.00 10.00 ? 22 DG R "O4'"  1 
ATOM 666  C "C3'"  . DG C 3 2  ? -1.275  3.085   -19.027 1.00 10.00 ? 22 DG R "C3'"  1 
ATOM 667  O "O3'"  . DG C 3 2  ? -1.259  1.679   -19.127 1.00 10.00 ? 22 DG R "O3'"  1 
ATOM 668  C "C2'"  . DG C 3 2  ? -0.586  3.593   -17.776 1.00 10.00 ? 22 DG R "C2'"  1 
ATOM 669  C "C1'"  . DG C 3 2  ? 0.867   3.493   -18.201 1.00 10.00 ? 22 DG R "C1'"  1 
ATOM 670  N N9     . DG C 3 2  ? 1.691   4.339   -17.320 1.00 10.00 ? 22 DG R N9     1 
ATOM 671  C C8     . DG C 3 2  ? 1.505   5.676   -17.060 1.00 10.00 ? 22 DG R C8     1 
ATOM 672  N N7     . DG C 3 2  ? 2.252   6.150   -16.109 1.00 10.00 ? 22 DG R N7     1 
ATOM 673  C C5     . DG C 3 2  ? 3.008   5.047   -15.729 1.00 10.00 ? 22 DG R C5     1 
ATOM 674  C C6     . DG C 3 2  ? 3.991   4.962   -14.710 1.00 10.00 ? 22 DG R C6     1 
ATOM 675  O O6     . DG C 3 2  ? 4.281   5.847   -13.922 1.00 10.00 ? 22 DG R O6     1 
ATOM 676  N N1     . DG C 3 2  ? 4.622   3.727   -14.663 1.00 10.00 ? 22 DG R N1     1 
ATOM 677  C C2     . DG C 3 2  ? 4.331   2.679   -15.501 1.00 10.00 ? 22 DG R C2     1 
ATOM 678  N N2     . DG C 3 2  ? 5.072   1.572   -15.375 1.00 10.00 ? 22 DG R N2     1 
ATOM 679  N N3     . DG C 3 2  ? 3.348   2.733   -16.420 1.00 10.00 ? 22 DG R N3     1 
ATOM 680  C C4     . DG C 3 2  ? 2.722   3.949   -16.487 1.00 10.00 ? 22 DG R C4     1 
ATOM 681  H "H5'"  . DG C 3 2  ? -0.311  5.148   -21.667 1.00 10.00 ? 22 DG R "H5'"  1 
ATOM 682  H "H5''" . DG C 3 2  ? -1.934  4.614   -21.192 1.00 10.00 ? 22 DG R "H5''" 1 
ATOM 683  H "H4'"  . DG C 3 2  ? -0.197  2.872   -20.884 1.00 10.00 ? 22 DG R "H4'"  1 
ATOM 684  H "H3'"  . DG C 3 2  ? -2.290  3.456   -19.098 1.00 10.00 ? 22 DG R "H3'"  1 
ATOM 685  H "H2'"  . DG C 3 2  ? -0.887  4.627   -17.632 1.00 10.00 ? 22 DG R "H2'"  1 
ATOM 686  H "H2''" . DG C 3 2  ? -0.788  3.024   -16.872 1.00 10.00 ? 22 DG R "H2''" 1 
ATOM 687  H "H1'"  . DG C 3 2  ? 1.162   2.446   -18.173 1.00 10.00 ? 22 DG R "H1'"  1 
ATOM 688  H H8     . DG C 3 2  ? 0.775   6.277   -17.579 1.00 10.00 ? 22 DG R H8     1 
ATOM 689  H H1     . DG C 3 2  ? 5.343   3.645   -13.941 1.00 10.00 ? 22 DG R H1     1 
ATOM 690  H H21    . DG C 3 2  ? 5.743   1.490   -14.612 1.00 10.00 ? 22 DG R H21    1 
ATOM 691  H H22    . DG C 3 2  ? 4.943   0.796   -16.031 1.00 10.00 ? 22 DG R H22    1 
ATOM 692  P P      . DA C 3 3  ? -2.008  0.711   -18.090 1.00 10.00 ? 23 DA R P      1 
ATOM 693  O OP1    . DA C 3 3  ? -2.808  -0.302  -18.845 1.00 10.00 ? 23 DA R OP1    1 
ATOM 694  O OP2    . DA C 3 3  ? -2.743  1.472   -17.051 1.00 10.00 ? 23 DA R OP2    1 
ATOM 695  O "O5'"  . DA C 3 3  ? -0.816  -0.032  -17.337 1.00 10.00 ? 23 DA R "O5'"  1 
ATOM 696  C "C5'"  . DA C 3 3  ? 0.201   -0.737  -18.018 1.00 10.00 ? 23 DA R "C5'"  1 
ATOM 697  C "C4'"  . DA C 3 3  ? 1.194   -1.272  -16.978 1.00 10.00 ? 23 DA R "C4'"  1 
ATOM 698  O "O4'"  . DA C 3 3  ? 1.805   -0.193  -16.279 1.00 10.00 ? 23 DA R "O4'"  1 
ATOM 699  C "C3'"  . DA C 3 3  ? 0.465   -2.162  -15.965 1.00 10.00 ? 23 DA R "C3'"  1 
ATOM 700  O "O3'"  . DA C 3 3  ? 1.117   -3.423  -15.880 1.00 10.00 ? 23 DA R "O3'"  1 
ATOM 701  C "C2'"  . DA C 3 3  ? 0.495   -1.320  -14.697 1.00 10.00 ? 23 DA R "C2'"  1 
ATOM 702  C "C1'"  . DA C 3 3  ? 1.672   -0.376  -14.884 1.00 10.00 ? 23 DA R "C1'"  1 
ATOM 703  N N9     . DA C 3 3  ? 1.358   0.914   -14.257 1.00 10.00 ? 23 DA R N9     1 
ATOM 704  C C8     . DA C 3 3  ? 0.239   1.640   -14.506 1.00 10.00 ? 23 DA R C8     1 
ATOM 705  N N7     . DA C 3 3  ? 0.156   2.762   -13.840 1.00 10.00 ? 23 DA R N7     1 
ATOM 706  C C5     . DA C 3 3  ? 1.330   2.757   -13.083 1.00 10.00 ? 23 DA R C5     1 
ATOM 707  C C6     . DA C 3 3  ? 1.870   3.648   -12.134 1.00 10.00 ? 23 DA R C6     1 
ATOM 708  N N6     . DA C 3 3  ? 1.255   4.775   -11.785 1.00 10.00 ? 23 DA R N6     1 
ATOM 709  N N1     . DA C 3 3  ? 3.047   3.359   -11.557 1.00 10.00 ? 23 DA R N1     1 
ATOM 710  C C2     . DA C 3 3  ? 3.653   2.220   -11.879 1.00 10.00 ? 23 DA R C2     1 
ATOM 711  N N3     . DA C 3 3  ? 3.244   1.288   -12.731 1.00 10.00 ? 23 DA R N3     1 
ATOM 712  C C4     . DA C 3 3  ? 2.065   1.624   -13.317 1.00 10.00 ? 23 DA R C4     1 
ATOM 713  H "H5'"  . DA C 3 3  ? 0.714   -0.074  -18.714 1.00 10.00 ? 23 DA R "H5'"  1 
ATOM 714  H "H5''" . DA C 3 3  ? -0.232  -1.574  -18.565 1.00 10.00 ? 23 DA R "H5''" 1 
ATOM 715  H "H4'"  . DA C 3 3  ? 1.967   -1.841  -17.498 1.00 10.00 ? 23 DA R "H4'"  1 
ATOM 716  H "H3'"  . DA C 3 3  ? -0.587  -2.260  -16.227 1.00 10.00 ? 23 DA R "H3'"  1 
ATOM 717  H "H2'"  . DA C 3 3  ? -0.467  -0.821  -14.614 1.00 10.00 ? 23 DA R "H2'"  1 
ATOM 718  H "H2''" . DA C 3 3  ? 0.621   -1.867  -13.786 1.00 10.00 ? 23 DA R "H2''" 1 
ATOM 719  H "H1'"  . DA C 3 3  ? 2.555   -0.819  -14.441 1.00 10.00 ? 23 DA R "H1'"  1 
ATOM 720  H H8     . DA C 3 3  ? -0.473  1.208   -15.195 1.00 10.00 ? 23 DA R H8     1 
ATOM 721  H H61    . DA C 3 3  ? 1.653   5.376   -11.074 1.00 10.00 ? 23 DA R H61    1 
ATOM 722  H H62    . DA C 3 3  ? 0.356   5.004   -12.199 1.00 10.00 ? 23 DA R H62    1 
ATOM 723  H H2     . DA C 3 3  ? 4.586   2.023   -11.375 1.00 10.00 ? 23 DA R H2     1 
ATOM 724  P P      . DC C 3 4  ? 0.735   -4.486  -14.732 1.00 10.00 ? 24 DC R P      1 
ATOM 725  O OP1    . DC C 3 4  ? 1.181   -5.846  -15.132 1.00 10.00 ? 24 DC R OP1    1 
ATOM 726  O OP2    . DC C 3 4  ? -0.698  -4.328  -14.357 1.00 10.00 ? 24 DC R OP2    1 
ATOM 727  O "O5'"  . DC C 3 4  ? 1.626   -4.000  -13.502 1.00 10.00 ? 24 DC R "O5'"  1 
ATOM 728  C "C5'"  . DC C 3 4  ? 3.036   -3.921  -13.576 1.00 10.00 ? 24 DC R "C5'"  1 
ATOM 729  C "C4'"  . DC C 3 4  ? 3.592   -3.456  -12.221 1.00 10.00 ? 24 DC R "C4'"  1 
ATOM 730  O "O4'"  . DC C 3 4  ? 3.230   -2.104  -11.943 1.00 10.00 ? 24 DC R "O4'"  1 
ATOM 731  C "C3'"  . DC C 3 4  ? 3.032   -4.328  -11.085 1.00 10.00 ? 24 DC R "C3'"  1 
ATOM 732  O "O3'"  . DC C 3 4  ? 4.029   -4.584  -10.110 1.00 10.00 ? 24 DC R "O3'"  1 
ATOM 733  C "C2'"  . DC C 3 4  ? 1.963   -3.379  -10.559 1.00 10.00 ? 24 DC R "C2'"  1 
ATOM 734  C "C1'"  . DC C 3 4  ? 2.740   -2.060  -10.615 1.00 10.00 ? 24 DC R "C1'"  1 
ATOM 735  N N1     . DC C 3 4  ? 1.899   -0.856  -10.366 1.00 10.00 ? 24 DC R N1     1 
ATOM 736  C C2     . DC C 3 4  ? 2.354   0.176   -9.535  1.00 10.00 ? 24 DC R C2     1 
ATOM 737  O O2     . DC C 3 4  ? 3.428   0.125   -8.931  1.00 10.00 ? 24 DC R O2     1 
ATOM 738  N N3     . DC C 3 4  ? 1.584   1.294   -9.382  1.00 10.00 ? 24 DC R N3     1 
ATOM 739  C C4     . DC C 3 4  ? 0.413   1.387   -10.028 1.00 10.00 ? 24 DC R C4     1 
ATOM 740  N N4     . DC C 3 4  ? -0.297  2.502   -9.924  1.00 10.00 ? 24 DC R N4     1 
ATOM 741  C C5     . DC C 3 4  ? -0.082  0.345   -10.861 1.00 10.00 ? 24 DC R C5     1 
ATOM 742  C C6     . DC C 3 4  ? 0.684   -0.757  -10.977 1.00 10.00 ? 24 DC R C6     1 
ATOM 743  H "H5'"  . DC C 3 4  ? 3.347   -3.215  -14.349 1.00 10.00 ? 24 DC R "H5'"  1 
ATOM 744  H "H5''" . DC C 3 4  ? 3.449   -4.900  -13.803 1.00 10.00 ? 24 DC R "H5''" 1 
ATOM 745  H "H4'"  . DC C 3 4  ? 4.678   -3.513  -12.224 1.00 10.00 ? 24 DC R "H4'"  1 
ATOM 746  H "H3'"  . DC C 3 4  ? 2.575   -5.255  -11.432 1.00 10.00 ? 24 DC R "H3'"  1 
ATOM 747  H "H2'"  . DC C 3 4  ? 1.142   -3.423  -11.268 1.00 10.00 ? 24 DC R "H2'"  1 
ATOM 748  H "H2''" . DC C 3 4  ? 1.526   -3.608  -9.602  1.00 10.00 ? 24 DC R "H2''" 1 
ATOM 749  H "H1'"  . DC C 3 4  ? 3.581   -2.100  -9.920  1.00 10.00 ? 24 DC R "H1'"  1 
ATOM 750  H H41    . DC C 3 4  ? 0.077   3.265   -9.380  1.00 10.00 ? 24 DC R H41    1 
ATOM 751  H H42    . DC C 3 4  ? -1.146  2.608   -10.452 1.00 10.00 ? 24 DC R H42    1 
ATOM 752  H H5     . DC C 3 4  ? -1.043  0.365   -11.358 1.00 10.00 ? 24 DC R H5     1 
ATOM 753  H H6     . DC C 3 4  ? 0.324   -1.585  -11.556 1.00 10.00 ? 24 DC R H6     1 
ATOM 754  P P      . DG C 3 5  ? 4.702   -6.031  -9.981  1.00 10.00 ? 25 DG R P      1 
ATOM 755  O OP1    . DG C 3 5  ? 5.129   -6.514  -11.317 1.00 10.00 ? 25 DG R OP1    1 
ATOM 756  O OP2    . DG C 3 5  ? 3.778   -6.907  -9.208  1.00 10.00 ? 25 DG R OP2    1 
ATOM 757  O "O5'"  . DG C 3 5  ? 6.022   -5.947  -9.071  1.00 10.00 ? 25 DG R "O5'"  1 
ATOM 758  C "C5'"  . DG C 3 5  ? 6.980   -4.914  -9.207  1.00 10.00 ? 25 DG R "C5'"  1 
ATOM 759  C "C4'"  . DG C 3 5  ? 7.024   -4.029  -7.951  1.00 10.00 ? 25 DG R "C4'"  1 
ATOM 760  O "O4'"  . DG C 3 5  ? 5.899   -3.157  -7.920  1.00 10.00 ? 25 DG R "O4'"  1 
ATOM 761  C "C3'"  . DG C 3 5  ? 7.006   -4.826  -6.627  1.00 10.00 ? 25 DG R "C3'"  1 
ATOM 762  O "O3'"  . DG C 3 5  ? 7.860   -4.161  -5.688  1.00 10.00 ? 25 DG R "O3'"  1 
ATOM 763  C "C2'"  . DG C 3 5  ? 5.514   -4.713  -6.317  1.00 10.00 ? 25 DG R "C2'"  1 
ATOM 764  C "C1'"  . DG C 3 5  ? 5.322   -3.236  -6.630  1.00 10.00 ? 25 DG R "C1'"  1 
ATOM 765  N N9     . DG C 3 5  ? 3.918   -2.782  -6.630  1.00 10.00 ? 25 DG R N9     1 
ATOM 766  C C8     . DG C 3 5  ? 2.893   -3.252  -7.396  1.00 10.00 ? 25 DG R C8     1 
ATOM 767  N N7     . DG C 3 5  ? 1.854   -2.469  -7.445  1.00 10.00 ? 25 DG R N7     1 
ATOM 768  C C5     . DG C 3 5  ? 2.187   -1.436  -6.581  1.00 10.00 ? 25 DG R C5     1 
ATOM 769  C C6     . DG C 3 5  ? 1.456   -0.265  -6.243  1.00 10.00 ? 25 DG R C6     1 
ATOM 770  O O6     . DG C 3 5  ? 0.368   0.092   -6.700  1.00 10.00 ? 25 DG R O6     1 
ATOM 771  N N1     . DG C 3 5  ? 2.126   0.531   -5.327  1.00 10.00 ? 25 DG R N1     1 
ATOM 772  C C2     . DG C 3 5  ? 3.330   0.206   -4.752  1.00 10.00 ? 25 DG R C2     1 
ATOM 773  N N2     . DG C 3 5  ? 3.864   1.044   -3.866  1.00 10.00 ? 25 DG R N2     1 
ATOM 774  N N3     . DG C 3 5  ? 4.035   -0.895  -5.063  1.00 10.00 ? 25 DG R N3     1 
ATOM 775  C C4     . DG C 3 5  ? 3.415   -1.659  -6.009  1.00 10.00 ? 25 DG R C4     1 
ATOM 776  H "H5'"  . DG C 3 5  ? 6.803   -4.298  -10.091 1.00 10.00 ? 25 DG R "H5'"  1 
ATOM 777  H "H5''" . DG C 3 5  ? 7.955   -5.387  -9.310  1.00 10.00 ? 25 DG R "H5''" 1 
ATOM 778  H "H4'"  . DG C 3 5  ? 7.919   -3.414  -8.013  1.00 10.00 ? 25 DG R "H4'"  1 
ATOM 779  H "H3'"  . DG C 3 5  ? 7.317   -5.864  -6.746  1.00 10.00 ? 25 DG R "H3'"  1 
ATOM 780  H "H2'"  . DG C 3 5  ? 4.928   -5.315  -7.004  1.00 10.00 ? 25 DG R "H2'"  1 
ATOM 781  H "H2''" . DG C 3 5  ? 5.246   -5.018  -5.320  1.00 10.00 ? 25 DG R "H2''" 1 
ATOM 782  H "H1'"  . DG C 3 5  ? 5.901   -2.606  -5.955  1.00 10.00 ? 25 DG R "H1'"  1 
ATOM 783  H H8     . DG C 3 5  ? 2.959   -4.176  -7.946  1.00 10.00 ? 25 DG R H8     1 
ATOM 784  H H1     . DG C 3 5  ? 1.624   1.360   -5.015  1.00 10.00 ? 25 DG R H1     1 
ATOM 785  H H21    . DG C 3 5  ? 3.398   1.916   -3.623  1.00 10.00 ? 25 DG R H21    1 
ATOM 786  H H22    . DG C 3 5  ? 4.804   0.846   -3.522  1.00 10.00 ? 25 DG R H22    1 
ATOM 787  P P      . DT C 3 6  ? 7.698   -4.215  -4.069  1.00 10.00 ? 26 DT R P      1 
ATOM 788  O OP1    . DT C 3 6  ? 6.331   -3.752  -3.719  1.00 10.00 ? 26 DT R OP1    1 
ATOM 789  O OP2    . DT C 3 6  ? 8.843   -3.460  -3.490  1.00 10.00 ? 26 DT R OP2    1 
ATOM 790  O "O5'"  . DT C 3 6  ? 7.927   -5.727  -3.571  1.00 10.00 ? 26 DT R "O5'"  1 
ATOM 791  C "C5'"  . DT C 3 6  ? 6.924   -6.722  -3.510  1.00 10.00 ? 26 DT R "C5'"  1 
ATOM 792  C "C4'"  . DT C 3 6  ? 5.953   -6.640  -2.312  1.00 10.00 ? 26 DT R "C4'"  1 
ATOM 793  O "O4'"  . DT C 3 6  ? 5.780   -7.941  -1.767  1.00 10.00 ? 26 DT R "O4'"  1 
ATOM 794  C "C3'"  . DT C 3 6  ? 6.307   -5.719  -1.121  1.00 10.00 ? 26 DT R "C3'"  1 
ATOM 795  O "O3'"  . DT C 3 6  ? 5.524   -4.538  -1.207  1.00 10.00 ? 26 DT R "O3'"  1 
ATOM 796  C "C2'"  . DT C 3 6  ? 5.914   -6.568  0.090   1.00 10.00 ? 26 DT R "C2'"  1 
ATOM 797  C "C1'"  . DT C 3 6  ? 5.197   -7.777  -0.496  1.00 10.00 ? 26 DT R "C1'"  1 
ATOM 798  N N1     . DT C 3 6  ? 5.288   -8.979  0.383   1.00 10.00 ? 26 DT R N1     1 
ATOM 799  C C2     . DT C 3 6  ? 6.533   -9.566  0.595   1.00 10.00 ? 26 DT R C2     1 
ATOM 800  O O2     . DT C 3 6  ? 7.573   -9.174  0.065   1.00 10.00 ? 26 DT R O2     1 
ATOM 801  N N3     . DT C 3 6  ? 6.588   -10.619 1.485   1.00 10.00 ? 26 DT R N3     1 
ATOM 802  C C4     . DT C 3 6  ? 5.503   -11.200 2.112   1.00 10.00 ? 26 DT R C4     1 
ATOM 803  O O4     . DT C 3 6  ? 5.653   -12.220 2.783   1.00 10.00 ? 26 DT R O4     1 
ATOM 804  C C5     . DT C 3 6  ? 4.242   -10.519 1.880   1.00 10.00 ? 26 DT R C5     1 
ATOM 805  C C7     . DT C 3 6  ? 3.005   -10.999 2.616   1.00 10.00 ? 26 DT R C7     1 
ATOM 806  C C6     . DT C 3 6  ? 4.174   -9.452  1.041   1.00 10.00 ? 26 DT R C6     1 
ATOM 807  H "H5'"  . DT C 3 6  ? 7.474   -7.658  -3.413  1.00 10.00 ? 26 DT R "H5'"  1 
ATOM 808  H "H5''" . DT C 3 6  ? 6.369   -6.779  -4.445  1.00 10.00 ? 26 DT R "H5''" 1 
ATOM 809  H "H4'"  . DT C 3 6  ? 4.980   -6.331  -2.696  1.00 10.00 ? 26 DT R "H4'"  1 
ATOM 810  H "H3'"  . DT C 3 6  ? 7.373   -5.490  -1.086  1.00 10.00 ? 26 DT R "H3'"  1 
ATOM 811  H "H2'"  . DT C 3 6  ? 6.820   -6.841  0.626   1.00 10.00 ? 26 DT R "H2'"  1 
ATOM 812  H "H2''" . DT C 3 6  ? 5.230   -6.054  0.752   1.00 10.00 ? 26 DT R "H2''" 1 
ATOM 813  H "H1'"  . DT C 3 6  ? 4.151   -7.505  -0.653  1.00 10.00 ? 26 DT R "H1'"  1 
ATOM 814  H H3     . DT C 3 6  ? 7.510   -10.973 1.716   1.00 10.00 ? 26 DT R H3     1 
ATOM 815  H H71    . DT C 3 6  ? 2.841   -12.059 2.408   1.00 10.00 ? 26 DT R H71    1 
ATOM 816  H H72    . DT C 3 6  ? 3.159   -10.883 3.689   1.00 10.00 ? 26 DT R H72    1 
ATOM 817  H H73    . DT C 3 6  ? 2.116   -10.440 2.324   1.00 10.00 ? 26 DT R H73    1 
ATOM 818  H H6     . DT C 3 6  ? 3.225   -8.962  0.882   1.00 10.00 ? 26 DT R H6     1 
ATOM 819  P P      . DC C 3 7  ? 5.560   -3.311  -0.158  1.00 10.00 ? 27 DC R P      1 
ATOM 820  O OP1    . DC C 3 7  ? 5.064   -2.129  -0.903  1.00 10.00 ? 27 DC R OP1    1 
ATOM 821  O OP2    . DC C 3 7  ? 6.893   -3.200  0.508   1.00 10.00 ? 27 DC R OP2    1 
ATOM 822  O "O5'"  . DC C 3 7  ? 4.467   -3.735  0.944   1.00 10.00 ? 27 DC R "O5'"  1 
ATOM 823  C "C5'"  . DC C 3 7  ? 3.107   -3.920  0.587   1.00 10.00 ? 27 DC R "C5'"  1 
ATOM 824  C "C4'"  . DC C 3 7  ? 2.330   -4.642  1.700   1.00 10.00 ? 27 DC R "C4'"  1 
ATOM 825  O "O4'"  . DC C 3 7  ? 3.007   -5.865  1.975   1.00 10.00 ? 27 DC R "O4'"  1 
ATOM 826  C "C3'"  . DC C 3 7  ? 2.299   -3.813  3.003   1.00 10.00 ? 27 DC R "C3'"  1 
ATOM 827  O "O3'"  . DC C 3 7  ? 1.160   -3.837  3.856   1.00 10.00 ? 27 DC R "O3'"  1 
ATOM 828  C "C2'"  . DC C 3 7  ? 3.415   -4.456  3.806   1.00 10.00 ? 27 DC R "C2'"  1 
ATOM 829  C "C1'"  . DC C 3 7  ? 3.311   -5.899  3.353   1.00 10.00 ? 27 DC R "C1'"  1 
ATOM 830  N N1     . DC C 3 7  ? 4.528   -6.697  3.643   1.00 10.00 ? 27 DC R N1     1 
ATOM 831  C C2     . DC C 3 7  ? 4.388   -7.926  4.282   1.00 10.00 ? 27 DC R C2     1 
ATOM 832  O O2     . DC C 3 7  ? 3.285   -8.377  4.622   1.00 10.00 ? 27 DC R O2     1 
ATOM 833  N N3     . DC C 3 7  ? 5.510   -8.648  4.580   1.00 10.00 ? 27 DC R N3     1 
ATOM 834  C C4     . DC C 3 7  ? 6.721   -8.168  4.287   1.00 10.00 ? 27 DC R C4     1 
ATOM 835  N N4     . DC C 3 7  ? 7.790   -8.845  4.692   1.00 10.00 ? 27 DC R N4     1 
ATOM 836  C C5     . DC C 3 7  ? 6.897   -6.923  3.616   1.00 10.00 ? 27 DC R C5     1 
ATOM 837  C C6     . DC C 3 7  ? 5.779   -6.225  3.323   1.00 10.00 ? 27 DC R C6     1 
ATOM 838  H "H5'"  . DC C 3 7  ? 3.041   -4.533  -0.312  1.00 10.00 ? 27 DC R "H5'"  1 
ATOM 839  H "H5''" . DC C 3 7  ? 2.646   -2.952  0.379   1.00 10.00 ? 27 DC R "H5''" 1 
ATOM 840  H "H4'"  . DC C 3 7  ? 1.335   -4.834  1.300   1.00 10.00 ? 27 DC R "H4'"  1 
ATOM 841  H "H3'"  . DC C 3 7  ? 2.540   -2.768  2.803   1.00 10.00 ? 27 DC R "H3'"  1 
ATOM 842  H "H2'"  . DC C 3 7  ? 4.353   -4.003  3.524   1.00 10.00 ? 27 DC R "H2'"  1 
ATOM 843  H "H2''" . DC C 3 7  ? 3.250   -4.378  4.877   1.00 10.00 ? 27 DC R "H2''" 1 
ATOM 844  H "H1'"  . DC C 3 7  ? 2.452   -6.278  3.889   1.00 10.00 ? 27 DC R "H1'"  1 
ATOM 845  H H41    . DC C 3 7  ? 7.689   -9.695  5.233   1.00 10.00 ? 27 DC R H41    1 
ATOM 846  H H42    . DC C 3 7  ? 8.697   -8.382  4.667   1.00 10.00 ? 27 DC R H42    1 
ATOM 847  H H5     . DC C 3 7  ? 7.860   -6.504  3.361   1.00 10.00 ? 27 DC R H5     1 
ATOM 848  H H6     . DC C 3 7  ? 5.891   -5.281  2.810   1.00 10.00 ? 27 DC R H6     1 
ATOM 849  P P      . DG C 3 8  ? -0.203  -4.661  3.607   1.00 10.00 ? 28 DG R P      1 
ATOM 850  O OP1    . DG C 3 8  ? -0.999  -4.628  4.863   1.00 10.00 ? 28 DG R OP1    1 
ATOM 851  O OP2    . DG C 3 8  ? 0.097   -6.021  3.099   1.00 10.00 ? 28 DG R OP2    1 
ATOM 852  O "O5'"  . DG C 3 8  ? -1.000  -3.887  2.443   1.00 10.00 ? 28 DG R "O5'"  1 
ATOM 853  C "C5'"  . DG C 3 8  ? -0.736  -2.552  2.041   1.00 10.00 ? 28 DG R "C5'"  1 
ATOM 854  C "C4'"  . DG C 3 8  ? -1.406  -2.335  0.671   1.00 10.00 ? 28 DG R "C4'"  1 
ATOM 855  O "O4'"  . DG C 3 8  ? -2.819  -2.343  0.784   1.00 10.00 ? 28 DG R "O4'"  1 
ATOM 856  C "C3'"  . DG C 3 8  ? -1.063  -0.997  0.004   1.00 10.00 ? 28 DG R "C3'"  1 
ATOM 857  O "O3'"  . DG C 3 8  ? -1.399  -1.093  -1.367  1.00 10.00 ? 28 DG R "O3'"  1 
ATOM 858  C "C2'"  . DG C 3 8  ? -2.090  -0.109  0.683   1.00 10.00 ? 28 DG R "C2'"  1 
ATOM 859  C "C1'"  . DG C 3 8  ? -3.307  -1.022  0.627   1.00 10.00 ? 28 DG R "C1'"  1 
ATOM 860  N N9     . DG C 3 8  ? -4.295  -0.645  1.655   1.00 10.00 ? 28 DG R N9     1 
ATOM 861  C C8     . DG C 3 8  ? -5.288  0.297   1.568   1.00 10.00 ? 28 DG R C8     1 
ATOM 862  N N7     . DG C 3 8  ? -5.951  0.490   2.677   1.00 10.00 ? 28 DG R N7     1 
ATOM 863  C C5     . DG C 3 8  ? -5.331  -0.392  3.570   1.00 10.00 ? 28 DG R C5     1 
ATOM 864  C C6     . DG C 3 8  ? -5.583  -0.645  4.948   1.00 10.00 ? 28 DG R C6     1 
ATOM 865  O O6     . DG C 3 8  ? -6.497  -0.180  5.619   1.00 10.00 ? 28 DG R O6     1 
ATOM 866  N N1     . DG C 3 8  ? -4.686  -1.539  5.516   1.00 10.00 ? 28 DG R N1     1 
ATOM 867  C C2     . DG C 3 8  ? -3.811  -2.293  4.788   1.00 10.00 ? 28 DG R C2     1 
ATOM 868  N N2     . DG C 3 8  ? -3.205  -3.287  5.419   1.00 10.00 ? 28 DG R N2     1 
ATOM 869  N N3     . DG C 3 8  ? -3.585  -2.095  3.491   1.00 10.00 ? 28 DG R N3     1 
ATOM 870  C C4     . DG C 3 8  ? -4.350  -1.116  2.944   1.00 10.00 ? 28 DG R C4     1 
ATOM 871  H "H5'"  . DG C 3 8  ? 0.331   -2.407  1.895   1.00 10.00 ? 28 DG R "H5'"  1 
ATOM 872  H "H5''" . DG C 3 8  ? -1.089  -1.850  2.795   1.00 10.00 ? 28 DG R "H5''" 1 
ATOM 873  H "H4'"  . DG C 3 8  ? -1.083  -3.162  0.047   1.00 10.00 ? 28 DG R "H4'"  1 
ATOM 874  H "H3'"  . DG C 3 8  ? -0.028  -0.694  0.173   1.00 10.00 ? 28 DG R "H3'"  1 
ATOM 875  H "H2'"  . DG C 3 8  ? -1.810  0.045   1.716   1.00 10.00 ? 28 DG R "H2'"  1 
ATOM 876  H "H2''" . DG C 3 8  ? -2.246  0.847   0.182   1.00 10.00 ? 28 DG R "H2''" 1 
ATOM 877  H "H1'"  . DG C 3 8  ? -3.767  -0.924  -0.355  1.00 10.00 ? 28 DG R "H1'"  1 
ATOM 878  H H8     . DG C 3 8  ? -5.498  0.839   0.658   1.00 10.00 ? 28 DG R H8     1 
ATOM 879  H H1     . DG C 3 8  ? -4.642  -1.590  6.530   1.00 10.00 ? 28 DG R H1     1 
ATOM 880  H H21    . DG C 3 8  ? -3.313  -3.334  6.423   1.00 10.00 ? 28 DG R H21    1 
ATOM 881  H H22    . DG C 3 8  ? -2.424  -3.786  4.982   1.00 10.00 ? 28 DG R H22    1 
ATOM 882  P P      . DC C 3 9  ? -0.862  -0.087  -2.487  1.00 10.00 ? 29 DC R P      1 
ATOM 883  O OP1    . DC C 3 9  ? -0.390  1.135   -1.798  1.00 10.00 ? 29 DC R OP1    1 
ATOM 884  O OP2    . DC C 3 9  ? -2.009  0.164   -3.394  1.00 10.00 ? 29 DC R OP2    1 
ATOM 885  O "O5'"  . DC C 3 9  ? 0.351   -0.784  -3.309  1.00 10.00 ? 29 DC R "O5'"  1 
ATOM 886  C "C5'"  . DC C 3 9  ? 1.135   -1.852  -2.801  1.00 10.00 ? 29 DC R "C5'"  1 
ATOM 887  C "C4'"  . DC C 3 9  ? 0.531   -3.244  -3.058  1.00 10.00 ? 29 DC R "C4'"  1 
ATOM 888  O "O4'"  . DC C 3 9  ? -0.623  -3.401  -2.294  1.00 10.00 ? 29 DC R "O4'"  1 
ATOM 889  C "C3'"  . DC C 3 9  ? 0.116   -3.535  -4.503  1.00 10.00 ? 29 DC R "C3'"  1 
ATOM 890  O "O3'"  . DC C 3 9  ? 1.170   -4.213  -5.174  1.00 10.00 ? 29 DC R "O3'"  1 
ATOM 891  C "C2'"  . DC C 3 9  ? -1.253  -4.238  -4.409  1.00 10.00 ? 29 DC R "C2'"  1 
ATOM 892  C "C1'"  . DC C 3 9  ? -1.482  -4.326  -2.898  1.00 10.00 ? 29 DC R "C1'"  1 
ATOM 893  N N1     . DC C 3 9  ? -2.844  -3.998  -2.390  1.00 10.00 ? 29 DC R N1     1 
ATOM 894  C C2     . DC C 3 9  ? -3.243  -4.643  -1.227  1.00 10.00 ? 29 DC R C2     1 
ATOM 895  O O2     . DC C 3 9  ? -2.558  -5.525  -0.728  1.00 10.00 ? 29 DC R O2     1 
ATOM 896  N N3     . DC C 3 9  ? -4.416  -4.317  -0.626  1.00 10.00 ? 29 DC R N3     1 
ATOM 897  C C4     . DC C 3 9  ? -5.144  -3.316  -1.115  1.00 10.00 ? 29 DC R C4     1 
ATOM 898  N N4     . DC C 3 9  ? -6.222  -2.982  -0.421  1.00 10.00 ? 29 DC R N4     1 
ATOM 899  C C5     . DC C 3 9  ? -4.742  -2.571  -2.265  1.00 10.00 ? 29 DC R C5     1 
ATOM 900  C C6     . DC C 3 9  ? -3.572  -2.928  -2.850  1.00 10.00 ? 29 DC R C6     1 
ATOM 901  H "H5'"  . DC C 3 9  ? 1.329   -1.714  -1.736  1.00 10.00 ? 29 DC R "H5'"  1 
ATOM 902  H "H5''" . DC C 3 9  ? 2.090   -1.826  -3.318  1.00 10.00 ? 29 DC R "H5''" 1 
ATOM 903  H "H4'"  . DC C 3 9  ? 1.236   -3.998  -2.712  1.00 10.00 ? 29 DC R "H4'"  1 
ATOM 904  H "H3'"  . DC C 3 9  ? -0.045  -2.588  -5.020  1.00 10.00 ? 29 DC R "H3'"  1 
ATOM 905  H "H2'"  . DC C 3 9  ? -2.025  -3.672  -4.920  1.00 10.00 ? 29 DC R "H2'"  1 
ATOM 906  H "H2''" . DC C 3 9  ? -1.262  -5.234  -4.845  1.00 10.00 ? 29 DC R "H2''" 1 
ATOM 907  H "H1'"  . DC C 3 9  ? -1.163  -5.324  -2.598  1.00 10.00 ? 29 DC R "H1'"  1 
ATOM 908  H H41    . DC C 3 9  ? -6.342  -3.438  0.474   1.00 10.00 ? 29 DC R H41    1 
ATOM 909  H H42    . DC C 3 9  ? -6.829  -2.206  -0.676  1.00 10.00 ? 29 DC R H42    1 
ATOM 910  H H5     . DC C 3 9  ? -5.274  -1.709  -2.641  1.00 10.00 ? 29 DC R H5     1 
ATOM 911  H H6     . DC C 3 9  ? -3.201  -2.326  -3.668  1.00 10.00 ? 29 DC R H6     1 
ATOM 912  P P      . DA C 3 10 ? 1.437   -5.798  -5.139  1.00 10.00 ? 30 DA R P      1 
ATOM 913  O OP1    . DA C 3 10 ? 2.908   -6.005  -5.131  1.00 10.00 ? 30 DA R OP1    1 
ATOM 914  O OP2    . DA C 3 10 ? 0.690   -6.411  -6.275  1.00 10.00 ? 30 DA R OP2    1 
ATOM 915  O "O5'"  . DA C 3 10 ? 0.816   -6.347  -3.760  1.00 10.00 ? 30 DA R "O5'"  1 
ATOM 916  C "C5'"  . DA C 3 10 ? 1.526   -7.199  -2.876  1.00 10.00 ? 30 DA R "C5'"  1 
ATOM 917  C "C4'"  . DA C 3 10 ? 0.648   -8.394  -2.478  1.00 10.00 ? 30 DA R "C4'"  1 
ATOM 918  O "O4'"  . DA C 3 10 ? -0.556  -7.934  -1.865  1.00 10.00 ? 30 DA R "O4'"  1 
ATOM 919  C "C3'"  . DA C 3 10 ? 0.258   -9.213  -3.732  1.00 10.00 ? 30 DA R "C3'"  1 
ATOM 920  O "O3'"  . DA C 3 10 ? 0.123   -10.617 -3.597  1.00 10.00 ? 30 DA R "O3'"  1 
ATOM 921  C "C2'"  . DA C 3 10 ? -1.176  -8.738  -3.914  1.00 10.00 ? 30 DA R "C2'"  1 
ATOM 922  C "C1'"  . DA C 3 10 ? -1.622  -8.642  -2.465  1.00 10.00 ? 30 DA R "C1'"  1 
ATOM 923  N N9     . DA C 3 10 ? -2.939  -7.977  -2.345  1.00 10.00 ? 30 DA R N9     1 
ATOM 924  C C8     . DA C 3 10 ? -3.624  -7.231  -3.279  1.00 10.00 ? 30 DA R C8     1 
ATOM 925  N N7     . DA C 3 10 ? -4.819  -6.862  -2.894  1.00 10.00 ? 30 DA R N7     1 
ATOM 926  C C5     . DA C 3 10 ? -4.890  -7.322  -1.581  1.00 10.00 ? 30 DA R C5     1 
ATOM 927  C C6     . DA C 3 10 ? -5.828  -7.136  -0.547  1.00 10.00 ? 30 DA R C6     1 
ATOM 928  N N6     . DA C 3 10 ? -6.937  -6.411  -0.694  1.00 10.00 ? 30 DA R N6     1 
ATOM 929  N N1     . DA C 3 10 ? -5.597  -7.699  0.648   1.00 10.00 ? 30 DA R N1     1 
ATOM 930  C C2     . DA C 3 10 ? -4.479  -8.398  0.822   1.00 10.00 ? 30 DA R C2     1 
ATOM 931  N N3     . DA C 3 10 ? -3.520  -8.642  -0.058  1.00 10.00 ? 30 DA R N3     1 
ATOM 932  C C4     . DA C 3 10 ? -3.766  -8.034  -1.246  1.00 10.00 ? 30 DA R C4     1 
ATOM 933  H "H5'"  . DA C 3 10 ? 1.800   -6.632  -1.985  1.00 10.00 ? 30 DA R "H5'"  1 
ATOM 934  H "H5''" . DA C 3 10 ? 2.436   -7.597  -3.327  1.00 10.00 ? 30 DA R "H5''" 1 
ATOM 935  H "H4'"  . DA C 3 10 ? 1.217   -8.974  -1.758  1.00 10.00 ? 30 DA R "H4'"  1 
ATOM 936  H "H3'"  . DA C 3 10 ? 0.887   -8.981  -4.593  1.00 10.00 ? 30 DA R "H3'"  1 
ATOM 937  H "H2'"  . DA C 3 10 ? -1.148  -7.746  -4.352  1.00 10.00 ? 30 DA R "H2'"  1 
ATOM 938  H "H2''" . DA C 3 10 ? -1.816  -9.413  -4.482  1.00 10.00 ? 30 DA R "H2''" 1 
ATOM 939  H "H1'"  . DA C 3 10 ? -1.684  -9.640  -2.030  1.00 10.00 ? 30 DA R "H1'"  1 
ATOM 940  H H8     . DA C 3 10 ? -3.232  -6.971  -4.256  1.00 10.00 ? 30 DA R H8     1 
ATOM 941  H H61    . DA C 3 10 ? -7.543  -6.259  0.101   1.00 10.00 ? 30 DA R H61    1 
ATOM 942  H H62    . DA C 3 10 ? -7.085  -5.919  -1.574  1.00 10.00 ? 30 DA R H62    1 
ATOM 943  H H2     . DA C 3 10 ? -4.345  -8.841  1.796   1.00 10.00 ? 30 DA R H2     1 
ATOM 944  P P      . DG C 3 11 ? 1.290   -11.588 -3.084  1.00 10.00 ? 31 DG R P      1 
ATOM 945  O OP1    . DG C 3 11 ? 2.605   -11.190 -3.630  1.00 10.00 ? 31 DG R OP1    1 
ATOM 946  O OP2    . DG C 3 11 ? 0.824   -12.990 -3.351  1.00 10.00 ? 31 DG R OP2    1 
ATOM 947  O "O5'"  . DG C 3 11 ? 1.332   -11.311 -1.504  1.00 10.00 ? 31 DG R "O5'"  1 
ATOM 948  C "C5'"  . DG C 3 11 ? 1.172   -12.313 -0.538  1.00 10.00 ? 31 DG R "C5'"  1 
ATOM 949  C "C4'"  . DG C 3 11 ? -0.274  -12.791 -0.463  1.00 10.00 ? 31 DG R "C4'"  1 
ATOM 950  O "O4'"  . DG C 3 11 ? -1.133  -11.911 0.231   1.00 10.00 ? 31 DG R "O4'"  1 
ATOM 951  C "C3'"  . DG C 3 11 ? -0.365  -14.106 0.280   1.00 10.00 ? 31 DG R "C3'"  1 
ATOM 952  O "O3'"  . DG C 3 11 ? 0.334   -13.995 1.507   1.00 10.00 ? 31 DG R "O3'"  1 
ATOM 953  C "C2'"  . DG C 3 11 ? -1.870  -14.127 0.408   1.00 10.00 ? 31 DG R "C2'"  1 
ATOM 954  C "C1'"  . DG C 3 11 ? -2.242  -12.666 0.691   1.00 10.00 ? 31 DG R "C1'"  1 
ATOM 955  N N9     . DG C 3 11 ? -3.475  -12.231 -0.015  1.00 10.00 ? 31 DG R N9     1 
ATOM 956  C C8     . DG C 3 11 ? -3.695  -12.229 -1.363  1.00 10.00 ? 31 DG R C8     1 
ATOM 957  N N7     . DG C 3 11 ? -4.766  -11.595 -1.752  1.00 10.00 ? 31 DG R N7     1 
ATOM 958  C C5     . DG C 3 11 ? -5.364  -11.242 -0.552  1.00 10.00 ? 31 DG R C5     1 
ATOM 959  C C6     . DG C 3 11 ? -6.599  -10.575 -0.315  1.00 10.00 ? 31 DG R C6     1 
ATOM 960  O O6     . DG C 3 11 ? -7.248  -9.871  -1.086  1.00 10.00 ? 31 DG R O6     1 
ATOM 961  N N1     . DG C 3 11 ? -7.058  -10.786 0.964   1.00 10.00 ? 31 DG R N1     1 
ATOM 962  C C2     . DG C 3 11 ? -6.322  -11.347 1.970   1.00 10.00 ? 31 DG R C2     1 
ATOM 963  N N2     . DG C 3 11 ? -6.947  -11.535 3.125   1.00 10.00 ? 31 DG R N2     1 
ATOM 964  N N3     . DG C 3 11 ? -5.048  -11.747 1.821   1.00 10.00 ? 31 DG R N3     1 
ATOM 965  C C4     . DG C 3 11 ? -4.643  -11.721 0.518   1.00 10.00 ? 31 DG R C4     1 
ATOM 966  H "H5'"  . DG C 3 11 ? 1.454   -11.898 0.425   1.00 10.00 ? 31 DG R "H5'"  1 
ATOM 967  H "H5''" . DG C 3 11 ? 1.840   -13.141 -0.760  1.00 10.00 ? 31 DG R "H5''" 1 
ATOM 968  H "H4'"  . DG C 3 11 ? -0.715  -12.915 -1.442  1.00 10.00 ? 31 DG R "H4'"  1 
ATOM 969  H "H3'"  . DG C 3 11 ? -0.019  -14.952 -0.306  1.00 10.00 ? 31 DG R "H3'"  1 
ATOM 970  H "H2'"  . DG C 3 11 ? -2.294  -14.472 -0.532  1.00 10.00 ? 31 DG R "H2'"  1 
ATOM 971  H "H2''" . DG C 3 11 ? -2.142  -14.816 1.187   1.00 10.00 ? 31 DG R "H2''" 1 
ATOM 972  H "H1'"  . DG C 3 11 ? -2.327  -12.493 1.755   1.00 10.00 ? 31 DG R "H1'"  1 
ATOM 973  H H8     . DG C 3 11 ? -3.036  -12.743 -2.033  1.00 10.00 ? 31 DG R H8     1 
ATOM 974  H H1     . DG C 3 11 ? -7.989  -10.427 1.148   1.00 10.00 ? 31 DG R H1     1 
ATOM 975  H H21    . DG C 3 11 ? -7.941  -11.362 3.193   1.00 10.00 ? 31 DG R H21    1 
ATOM 976  H H22    . DG C 3 11 ? -6.487  -11.910 3.953   1.00 10.00 ? 31 DG R H22    1 
ATOM 977  P P      . DC C 3 12 ? 0.469   -15.225 2.545   1.00 10.00 ? 32 DC R P      1 
ATOM 978  O OP1    . DC C 3 12 ? 1.357   -14.850 3.676   1.00 10.00 ? 32 DC R OP1    1 
ATOM 979  O OP2    . DC C 3 12 ? 0.846   -16.463 1.804   1.00 10.00 ? 32 DC R OP2    1 
ATOM 980  O "O5'"  . DC C 3 12 ? -1.021  -15.383 3.120   1.00 10.00 ? 32 DC R "O5'"  1 
ATOM 981  C "C5'"  . DC C 3 12 ? -1.554  -14.415 4.002   1.00 10.00 ? 32 DC R "C5'"  1 
ATOM 982  C "C4'"  . DC C 3 12 ? -3.060  -14.606 4.218   1.00 10.00 ? 32 DC R "C4'"  1 
ATOM 983  O "O4'"  . DC C 3 12 ? -3.910  -14.128 3.205   1.00 10.00 ? 32 DC R "O4'"  1 
ATOM 984  C "C3'"  . DC C 3 12 ? -3.458  -16.049 4.514   1.00 10.00 ? 32 DC R "C3'"  1 
ATOM 985  O "O3'"  . DC C 3 12 ? -3.812  -16.155 5.872   1.00 10.00 ? 32 DC R "O3'"  1 
ATOM 986  C "C2'"  . DC C 3 12 ? -4.664  -16.258 3.612   1.00 10.00 ? 32 DC R "C2'"  1 
ATOM 987  C "C1'"  . DC C 3 12 ? -5.135  -14.840 3.333   1.00 10.00 ? 32 DC R "C1'"  1 
ATOM 988  N N1     . DC C 3 12 ? -5.875  -14.857 2.056   1.00 10.00 ? 32 DC R N1     1 
ATOM 989  C C2     . DC C 3 12 ? -7.249  -15.008 2.009   1.00 10.00 ? 32 DC R C2     1 
ATOM 990  O O2     . DC C 3 12 ? -7.970  -14.915 3.004   1.00 10.00 ? 32 DC R O2     1 
ATOM 991  N N3     . DC C 3 12 ? -7.834  -15.260 0.801   1.00 10.00 ? 32 DC R N3     1 
ATOM 992  C C4     . DC C 3 12 ? -7.096  -15.300 -0.327  1.00 10.00 ? 32 DC R C4     1 
ATOM 993  N N4     . DC C 3 12 ? -7.743  -15.531 -1.461  1.00 10.00 ? 32 DC R N4     1 
ATOM 994  C C5     . DC C 3 12 ? -5.690  -15.067 -0.305  1.00 10.00 ? 32 DC R C5     1 
ATOM 995  C C6     . DC C 3 12 ? -5.147  -14.902 0.916   1.00 10.00 ? 32 DC R C6     1 
ATOM 996  H "H5'"  . DC C 3 12 ? -1.366  -13.405 3.636   1.00 10.00 ? 32 DC R "H5'"  1 
ATOM 997  H "H5''" . DC C 3 12 ? -1.048  -14.541 4.958   1.00 10.00 ? 32 DC R "H5''" 1 
ATOM 998  H "H4'"  . DC C 3 12 ? -3.349  -13.980 5.035   1.00 10.00 ? 32 DC R "H4'"  1 
ATOM 999  H "H3'"  . DC C 3 12 ? -2.683  -16.758 4.240   1.00 10.00 ? 32 DC R "H3'"  1 
ATOM 1000 H "HO3'" . DC C 3 12 ? -3.031  -15.986 6.406   1.00 10.00 ? 32 DC R "HO3'" 1 
ATOM 1001 H "H2'"  . DC C 3 12 ? -4.307  -16.698 2.679   1.00 10.00 ? 32 DC R "H2'"  1 
ATOM 1002 H "H2''" . DC C 3 12 ? -5.442  -16.880 4.046   1.00 10.00 ? 32 DC R "H2''" 1 
ATOM 1003 H "H1'"  . DC C 3 12 ? -5.720  -14.447 4.159   1.00 10.00 ? 32 DC R "H1'"  1 
ATOM 1004 H H41    . DC C 3 12 ? -8.749  -15.703 -1.478  1.00 10.00 ? 32 DC R H41    1 
ATOM 1005 H H42    . DC C 3 12 ? -7.231  -15.510 -2.339  1.00 10.00 ? 32 DC R H42    1 
ATOM 1006 H H5     . DC C 3 12 ? -5.029  -15.068 -1.166  1.00 10.00 ? 32 DC R H5     1 
ATOM 1007 H H6     . DC C 3 12 ? -4.097  -14.864 1.086   1.00 10.00 ? 32 DC R H6     1 
# 
